data_2ON5
#
_entry.id   2ON5
#
_cell.length_a   57.916
_cell.length_b   107.921
_cell.length_c   166.990
_cell.angle_alpha   90.00
_cell.angle_beta   90.02
_cell.angle_gamma   90.00
#
_symmetry.space_group_name_H-M   'P 1 21 1'
#
loop_
_entity.id
_entity.type
_entity.pdbx_description
1 polymer 'Na Glutathione S-transferase 2'
2 non-polymer 1,2-ETHANEDIOL
3 non-polymer GLUTATHIONE
4 water water
#
_entity_poly.entity_id   1
_entity_poly.type   'polypeptide(L)'
_entity_poly.pdbx_seq_one_letter_code
;MVHYKLTYFAGRGLAEPIRQIFALAGQKYEDVRYTFQEWPKHKDEMPFGQIPVLEEDGKQLAQSFAIARYLSRKFGFAGK
TPFEEALVDSVADQYKDYINEIRPYLRVVAGVDQGDPEKLFKELLLPAREKFFGFMKKFLEKSKSGYLVGDSVTYADLCL
AEHTSGIAAKFPSIYDGFPEIKAHAEKVRSIPALKKWIETRPETKF
;
_entity_poly.pdbx_strand_id   A,B,C,D,E,F,G,H
#
loop_
_chem_comp.id
_chem_comp.type
_chem_comp.name
_chem_comp.formula
EDO non-polymer 1,2-ETHANEDIOL 'C2 H6 O2'
GSH non-polymer GLUTATHIONE 'C10 H17 N3 O6 S'
#
# COMPACT_ATOMS: atom_id res chain seq x y z
N MET A 1 -2.48 -2.35 -8.20
CA MET A 1 -3.64 -3.23 -7.89
C MET A 1 -4.47 -2.59 -6.78
N VAL A 2 -5.77 -2.90 -6.74
CA VAL A 2 -6.64 -2.29 -5.77
C VAL A 2 -6.09 -2.52 -4.35
N HIS A 3 -6.18 -1.49 -3.52
CA HIS A 3 -5.78 -1.60 -2.12
C HIS A 3 -6.97 -1.39 -1.22
N TYR A 4 -7.19 -2.37 -0.33
CA TYR A 4 -8.15 -2.24 0.75
C TYR A 4 -7.51 -2.13 2.13
N LYS A 5 -8.03 -1.19 2.91
CA LYS A 5 -7.64 -1.04 4.32
C LYS A 5 -8.91 -1.12 5.17
N LEU A 6 -8.90 -1.99 6.19
CA LEU A 6 -9.95 -1.95 7.19
C LEU A 6 -9.42 -1.45 8.52
N THR A 7 -10.05 -0.41 9.06
CA THR A 7 -9.66 0.09 10.40
C THR A 7 -10.74 -0.20 11.43
N TYR A 8 -10.32 -0.83 12.54
CA TYR A 8 -11.23 -1.17 13.64
C TYR A 8 -10.42 -1.33 14.94
N PHE A 9 -11.07 -1.79 16.01
CA PHE A 9 -10.35 -2.10 17.24
C PHE A 9 -9.62 -3.44 17.10
N ALA A 10 -8.71 -3.71 18.04
CA ALA A 10 -8.07 -5.01 18.19
C ALA A 10 -9.08 -5.99 18.76
N GLY A 11 -10.02 -6.40 17.92
CA GLY A 11 -11.07 -7.29 18.35
C GLY A 11 -11.89 -7.71 17.16
N ARG A 12 -12.76 -8.69 17.39
CA ARG A 12 -13.64 -9.15 16.32
C ARG A 12 -14.78 -8.15 16.09
N GLY A 13 -15.70 -8.06 17.05
CA GLY A 13 -16.75 -7.03 17.05
C GLY A 13 -17.44 -6.82 15.70
N LEU A 14 -17.62 -5.56 15.33
CA LEU A 14 -18.33 -5.23 14.08
C LEU A 14 -17.53 -5.47 12.80
N ALA A 15 -16.20 -5.58 12.92
CA ALA A 15 -15.34 -5.77 11.75
C ALA A 15 -15.26 -7.21 11.28
N GLU A 16 -15.51 -8.15 12.19
CA GLU A 16 -15.18 -9.54 11.90
C GLU A 16 -15.85 -10.15 10.65
N PRO A 17 -17.18 -9.95 10.47
CA PRO A 17 -17.76 -10.47 9.22
C PRO A 17 -17.12 -9.89 7.95
N ILE A 18 -16.62 -8.66 8.02
CA ILE A 18 -15.97 -8.00 6.87
C ILE A 18 -14.63 -8.69 6.61
N ARG A 19 -13.88 -8.93 7.68
CA ARG A 19 -12.64 -9.70 7.54
C ARG A 19 -12.92 -11.09 6.91
N GLN A 20 -14.09 -11.64 7.19
CA GLN A 20 -14.41 -13.00 6.72
C GLN A 20 -14.85 -12.96 5.28
N ILE A 21 -15.47 -11.87 4.87
CA ILE A 21 -15.75 -11.65 3.44
C ILE A 21 -14.45 -11.63 2.63
N PHE A 22 -13.45 -10.90 3.14
CA PHE A 22 -12.14 -10.86 2.44
C PHE A 22 -11.51 -12.24 2.35
N ALA A 23 -11.56 -13.00 3.45
CA ALA A 23 -11.03 -14.36 3.48
C ALA A 23 -11.72 -15.26 2.46
N LEU A 24 -13.05 -15.24 2.43
CA LEU A 24 -13.80 -16.05 1.46
C LEU A 24 -13.48 -15.69 0.01
N ALA A 25 -13.19 -14.41 -0.21
CA ALA A 25 -12.93 -13.91 -1.56
C ALA A 25 -11.47 -14.17 -1.99
N GLY A 26 -10.63 -14.54 -1.02
CA GLY A 26 -9.20 -14.62 -1.26
C GLY A 26 -8.61 -13.27 -1.56
N GLN A 27 -9.16 -12.22 -0.95
CA GLN A 27 -8.75 -10.84 -1.23
C GLN A 27 -7.90 -10.30 -0.08
N LYS A 28 -6.66 -9.91 -0.39
CA LYS A 28 -5.73 -9.36 0.60
C LYS A 28 -6.21 -7.99 1.01
N TYR A 29 -5.91 -7.60 2.24
CA TYR A 29 -6.26 -6.27 2.73
C TYR A 29 -5.37 -5.91 3.90
N GLU A 30 -5.34 -4.63 4.23
CA GLU A 30 -4.57 -4.14 5.37
C GLU A 30 -5.49 -4.09 6.59
N ASP A 31 -5.20 -4.92 7.60
CA ASP A 31 -6.05 -5.05 8.77
C ASP A 31 -5.45 -4.15 9.86
N VAL A 32 -5.99 -2.95 10.01
CA VAL A 32 -5.51 -1.98 11.01
C VAL A 32 -6.33 -2.09 12.31
N ARG A 33 -5.64 -2.28 13.44
CA ARG A 33 -6.33 -2.55 14.71
C ARG A 33 -5.87 -1.63 15.81
N TYR A 34 -6.81 -0.86 16.36
CA TYR A 34 -6.54 0.06 17.46
C TYR A 34 -6.89 -0.48 18.81
N THR A 35 -6.00 -0.22 19.78
CA THR A 35 -6.41 -0.30 21.19
C THR A 35 -7.43 0.78 21.55
N PHE A 36 -8.12 0.60 22.68
CA PHE A 36 -9.00 1.64 23.19
C PHE A 36 -8.22 2.91 23.58
N GLN A 37 -6.93 2.75 23.91
CA GLN A 37 -6.09 3.90 24.27
C GLN A 37 -5.70 4.72 23.03
N GLU A 38 -5.44 4.04 21.91
CA GLU A 38 -4.89 4.71 20.73
C GLU A 38 -6.01 5.32 19.90
N TRP A 39 -7.18 4.69 19.97
CA TRP A 39 -8.31 5.06 19.07
C TRP A 39 -8.73 6.54 19.06
N PRO A 40 -8.99 7.15 20.24
CA PRO A 40 -9.67 8.48 20.24
C PRO A 40 -9.03 9.56 19.39
N LYS A 41 -7.70 9.60 19.33
CA LYS A 41 -7.03 10.64 18.57
C LYS A 41 -7.24 10.48 17.07
N HIS A 42 -7.75 9.34 16.64
CA HIS A 42 -8.03 9.08 15.22
C HIS A 42 -9.50 9.29 14.82
N LYS A 43 -10.35 9.62 15.80
CA LYS A 43 -11.79 9.79 15.57
C LYS A 43 -12.10 10.74 14.41
N ASP A 44 -11.47 11.91 14.41
CA ASP A 44 -11.78 12.95 13.41
C ASP A 44 -11.39 12.58 11.98
N GLU A 45 -10.63 11.50 11.84
CA GLU A 45 -10.25 10.96 10.52
C GLU A 45 -11.43 10.27 9.80
N MET A 46 -12.44 9.88 10.57
CA MET A 46 -13.50 8.98 10.11
C MET A 46 -14.78 9.75 9.80
N PRO A 47 -15.50 9.32 8.75
CA PRO A 47 -16.71 10.04 8.26
C PRO A 47 -17.73 10.36 9.35
N PHE A 48 -17.96 9.41 10.27
CA PHE A 48 -18.87 9.63 11.37
C PHE A 48 -18.21 9.52 12.73
N GLY A 49 -16.90 9.76 12.76
CA GLY A 49 -16.13 9.71 14.03
C GLY A 49 -16.16 8.33 14.67
N GLN A 50 -16.40 7.30 13.86
CA GLN A 50 -16.51 5.92 14.35
C GLN A 50 -15.84 4.91 13.44
N ILE A 51 -15.70 3.68 13.95
CA ILE A 51 -15.15 2.53 13.23
C ILE A 51 -16.12 1.32 13.33
N PRO A 52 -16.08 0.35 12.37
CA PRO A 52 -15.05 0.20 11.32
C PRO A 52 -15.16 1.18 10.14
N VAL A 53 -14.04 1.44 9.49
CA VAL A 53 -14.05 2.19 8.23
C VAL A 53 -13.19 1.45 7.21
N LEU A 54 -13.74 1.29 6.01
CA LEU A 54 -13.03 0.70 4.87
C LEU A 54 -12.43 1.83 4.02
N GLU A 55 -11.20 1.63 3.54
CA GLU A 55 -10.68 2.45 2.46
C GLU A 55 -10.46 1.61 1.23
N GLU A 56 -10.98 2.06 0.10
CA GLU A 56 -10.67 1.39 -1.17
C GLU A 56 -9.97 2.41 -2.05
N ASP A 57 -8.70 2.16 -2.34
CA ASP A 57 -7.91 3.14 -3.11
C ASP A 57 -8.05 4.55 -2.53
N GLY A 58 -7.98 4.62 -1.21
CA GLY A 58 -8.01 5.87 -0.47
C GLY A 58 -9.39 6.49 -0.23
N LYS A 59 -10.46 5.89 -0.76
CA LYS A 59 -11.83 6.37 -0.59
C LYS A 59 -12.43 5.71 0.67
N GLN A 60 -12.92 6.51 1.61
CA GLN A 60 -13.44 5.94 2.84
C GLN A 60 -14.92 5.56 2.68
N LEU A 61 -15.27 4.42 3.27
CA LEU A 61 -16.65 3.97 3.43
C LEU A 61 -16.81 3.54 4.89
N ALA A 62 -17.66 4.26 5.63
CA ALA A 62 -18.00 3.91 7.00
C ALA A 62 -19.25 2.99 7.10
N GLN A 63 -19.59 2.60 8.33
CA GLN A 63 -20.74 1.76 8.67
C GLN A 63 -20.60 0.28 8.32
N SER A 64 -20.51 -0.55 9.37
CA SER A 64 -20.16 -1.96 9.17
C SER A 64 -21.04 -2.71 8.16
N PHE A 65 -22.37 -2.51 8.21
CA PHE A 65 -23.27 -3.15 7.23
C PHE A 65 -23.13 -2.59 5.82
N ALA A 66 -22.91 -1.28 5.70
CA ALA A 66 -22.68 -0.69 4.37
C ALA A 66 -21.40 -1.31 3.78
N ILE A 67 -20.38 -1.44 4.62
CA ILE A 67 -19.13 -2.06 4.19
C ILE A 67 -19.33 -3.54 3.83
N ALA A 68 -20.02 -4.29 4.70
CA ALA A 68 -20.22 -5.71 4.45
C ALA A 68 -20.97 -5.93 3.12
N ARG A 69 -22.02 -5.13 2.90
CA ARG A 69 -22.87 -5.31 1.69
C ARG A 69 -22.07 -4.95 0.42
N TYR A 70 -21.35 -3.82 0.49
CA TYR A 70 -20.52 -3.37 -0.64
C TYR A 70 -19.52 -4.47 -1.13
N LEU A 71 -18.75 -5.01 -0.19
CA LEU A 71 -17.83 -6.13 -0.49
C LEU A 71 -18.55 -7.42 -0.86
N SER A 72 -19.68 -7.70 -0.23
CA SER A 72 -20.43 -8.91 -0.55
C SER A 72 -20.99 -8.82 -1.98
N ARG A 73 -21.49 -7.66 -2.36
CA ARG A 73 -21.93 -7.49 -3.75
C ARG A 73 -20.78 -7.69 -4.73
N LYS A 74 -19.60 -7.21 -4.38
CA LYS A 74 -18.44 -7.30 -5.29
C LYS A 74 -17.95 -8.77 -5.42
N PHE A 75 -18.06 -9.53 -4.34
CA PHE A 75 -17.39 -10.83 -4.25
C PHE A 75 -18.30 -12.05 -4.26
N GLY A 76 -19.62 -11.82 -4.27
CA GLY A 76 -20.58 -12.91 -4.51
C GLY A 76 -21.24 -13.48 -3.28
N PHE A 77 -21.31 -12.67 -2.20
CA PHE A 77 -21.90 -13.10 -0.91
C PHE A 77 -23.11 -12.26 -0.46
N ALA A 78 -23.75 -11.58 -1.40
CA ALA A 78 -24.85 -10.67 -1.07
C ALA A 78 -26.24 -11.30 -1.31
N GLY A 79 -26.27 -12.45 -1.95
CA GLY A 79 -27.54 -13.00 -2.49
C GLY A 79 -27.45 -13.25 -3.98
N LYS A 80 -28.24 -14.19 -4.48
CA LYS A 80 -28.10 -14.68 -5.88
C LYS A 80 -28.94 -13.87 -6.90
N THR A 81 -29.98 -13.19 -6.41
CA THR A 81 -30.96 -12.42 -7.20
C THR A 81 -31.29 -11.13 -6.47
N PRO A 82 -31.79 -10.09 -7.18
CA PRO A 82 -32.15 -8.85 -6.47
C PRO A 82 -33.11 -9.05 -5.27
N PHE A 83 -34.15 -9.89 -5.40
CA PHE A 83 -35.04 -10.09 -4.26
C PHE A 83 -34.33 -10.82 -3.14
N GLU A 84 -33.49 -11.80 -3.48
CA GLU A 84 -32.74 -12.51 -2.45
C GLU A 84 -31.78 -11.58 -1.73
N GLU A 85 -31.13 -10.67 -2.48
CA GLU A 85 -30.28 -9.63 -1.84
C GLU A 85 -31.06 -8.83 -0.81
N ALA A 86 -32.32 -8.55 -1.13
CA ALA A 86 -33.18 -7.80 -0.21
C ALA A 86 -33.49 -8.66 1.00
N LEU A 87 -33.76 -9.95 0.79
CA LEU A 87 -34.05 -10.88 1.90
C LEU A 87 -32.84 -10.99 2.81
N VAL A 88 -31.67 -11.05 2.19
CA VAL A 88 -30.40 -11.04 2.99
C VAL A 88 -30.28 -9.78 3.86
N ASP A 89 -30.51 -8.61 3.24
CA ASP A 89 -30.57 -7.33 3.97
C ASP A 89 -31.54 -7.36 5.15
N SER A 90 -32.75 -7.88 4.93
CA SER A 90 -33.77 -7.91 6.01
C SER A 90 -33.32 -8.75 7.23
N VAL A 91 -32.68 -9.89 6.96
CA VAL A 91 -32.09 -10.73 8.01
C VAL A 91 -30.97 -9.99 8.74
N ALA A 92 -30.09 -9.33 7.97
CA ALA A 92 -28.99 -8.57 8.56
C ALA A 92 -29.53 -7.45 9.44
N ASP A 93 -30.60 -6.81 8.97
CA ASP A 93 -31.23 -5.75 9.74
C ASP A 93 -31.87 -6.28 11.02
N GLN A 94 -32.49 -7.45 10.96
CA GLN A 94 -33.02 -8.07 12.18
C GLN A 94 -31.89 -8.42 13.19
N TYR A 95 -30.81 -8.97 12.66
CA TYR A 95 -29.56 -9.15 13.44
C TYR A 95 -29.06 -7.86 14.12
N LYS A 96 -29.04 -6.75 13.37
CA LYS A 96 -28.63 -5.45 13.88
C LYS A 96 -29.55 -5.00 15.03
N ASP A 97 -30.87 -5.19 14.86
CA ASP A 97 -31.84 -4.92 15.95
C ASP A 97 -31.52 -5.73 17.22
N TYR A 98 -31.24 -7.02 17.05
CA TYR A 98 -30.89 -7.91 18.18
C TYR A 98 -29.61 -7.46 18.87
N ILE A 99 -28.58 -7.15 18.09
CA ILE A 99 -27.34 -6.63 18.63
C ILE A 99 -27.53 -5.32 19.42
N ASN A 100 -28.41 -4.45 18.92
CA ASN A 100 -28.74 -3.25 19.64
C ASN A 100 -29.38 -3.58 21.00
N GLU A 101 -30.28 -4.56 21.00
CA GLU A 101 -30.92 -5.05 22.21
C GLU A 101 -29.89 -5.53 23.25
N ILE A 102 -28.88 -6.27 22.80
CA ILE A 102 -27.85 -6.80 23.73
C ILE A 102 -26.58 -5.94 23.90
N ARG A 103 -26.62 -4.71 23.37
CA ARG A 103 -25.48 -3.78 23.48
C ARG A 103 -24.87 -3.64 24.90
N PRO A 104 -25.71 -3.54 25.95
CA PRO A 104 -25.14 -3.49 27.32
C PRO A 104 -24.24 -4.69 27.67
N TYR A 105 -24.62 -5.87 27.18
CA TYR A 105 -23.81 -7.07 27.38
C TYR A 105 -22.47 -6.97 26.60
N LEU A 106 -22.58 -6.59 25.33
CA LEU A 106 -21.40 -6.52 24.48
C LEU A 106 -20.38 -5.48 24.99
N ARG A 107 -20.87 -4.35 25.45
CA ARG A 107 -19.98 -3.32 26.01
C ARG A 107 -19.21 -3.81 27.25
N VAL A 108 -19.91 -4.54 28.11
CA VAL A 108 -19.28 -5.16 29.28
C VAL A 108 -18.20 -6.18 28.89
N VAL A 109 -18.54 -7.15 28.03
CA VAL A 109 -17.56 -8.16 27.58
C VAL A 109 -16.33 -7.50 26.90
N ALA A 110 -16.58 -6.46 26.11
CA ALA A 110 -15.51 -5.72 25.43
C ALA A 110 -14.60 -4.96 26.41
N GLY A 111 -15.07 -4.77 27.65
CA GLY A 111 -14.30 -4.03 28.66
C GLY A 111 -14.58 -2.54 28.66
N VAL A 112 -15.52 -2.12 27.81
CA VAL A 112 -15.90 -0.72 27.65
C VAL A 112 -16.67 -0.18 28.86
N ASP A 113 -17.61 -0.98 29.38
CA ASP A 113 -18.38 -0.66 30.57
C ASP A 113 -18.06 -1.65 31.68
N GLN A 114 -18.29 -1.24 32.92
CA GLN A 114 -18.14 -2.13 34.07
C GLN A 114 -19.40 -2.97 34.19
N GLY A 115 -19.23 -4.24 34.53
CA GLY A 115 -20.38 -5.12 34.74
C GLY A 115 -20.05 -6.59 34.81
N ASP A 116 -21.09 -7.40 35.03
CA ASP A 116 -21.03 -8.84 35.23
C ASP A 116 -21.56 -9.50 33.95
N PRO A 117 -20.66 -10.00 33.08
CA PRO A 117 -21.09 -10.65 31.82
C PRO A 117 -22.12 -11.76 32.03
N GLU A 118 -21.87 -12.62 33.01
CA GLU A 118 -22.79 -13.70 33.37
C GLU A 118 -24.20 -13.21 33.68
N LYS A 119 -24.31 -12.18 34.51
CA LYS A 119 -25.62 -11.64 34.88
C LYS A 119 -26.35 -11.07 33.66
N LEU A 120 -25.63 -10.29 32.86
CA LEU A 120 -26.21 -9.69 31.66
C LEU A 120 -26.58 -10.75 30.64
N PHE A 121 -25.78 -11.82 30.58
CA PHE A 121 -26.03 -12.88 29.63
C PHE A 121 -27.37 -13.52 29.96
N LYS A 122 -27.56 -13.82 31.25
CA LYS A 122 -28.79 -14.43 31.74
C LYS A 122 -29.98 -13.50 31.63
N GLU A 123 -29.81 -12.24 32.00
CA GLU A 123 -30.95 -11.34 32.16
C GLU A 123 -31.31 -10.64 30.86
N LEU A 124 -30.30 -10.43 30.01
CA LEU A 124 -30.46 -9.67 28.78
C LEU A 124 -30.37 -10.55 27.52
N LEU A 125 -29.25 -11.25 27.36
CA LEU A 125 -28.99 -11.98 26.12
C LEU A 125 -29.93 -13.18 25.91
N LEU A 126 -30.13 -14.02 26.94
CA LEU A 126 -30.95 -15.21 26.78
C LEU A 126 -32.35 -14.90 26.27
N PRO A 127 -33.06 -13.94 26.90
CA PRO A 127 -34.42 -13.61 26.41
C PRO A 127 -34.43 -12.96 25.03
N ALA A 128 -33.41 -12.15 24.73
CA ALA A 128 -33.28 -11.50 23.42
C ALA A 128 -33.03 -12.54 22.33
N ARG A 129 -32.21 -13.55 22.64
CA ARG A 129 -31.87 -14.53 21.62
C ARG A 129 -33.02 -15.53 21.44
N GLU A 130 -33.85 -15.73 22.47
CA GLU A 130 -35.05 -16.57 22.31
C GLU A 130 -35.96 -16.06 21.18
N LYS A 131 -36.17 -14.74 21.15
CA LYS A 131 -36.97 -14.08 20.09
C LYS A 131 -36.20 -14.15 18.78
N PHE A 132 -34.93 -13.73 18.83
CA PHE A 132 -34.14 -13.59 17.59
C PHE A 132 -33.92 -14.93 16.89
N PHE A 133 -33.42 -15.92 17.64
CA PHE A 133 -33.13 -17.25 17.11
C PHE A 133 -34.43 -17.91 16.60
N GLY A 134 -35.56 -17.51 17.17
CA GLY A 134 -36.87 -17.99 16.71
C GLY A 134 -37.15 -17.56 15.28
N PHE A 135 -36.84 -16.30 14.96
CA PHE A 135 -36.99 -15.84 13.58
C PHE A 135 -35.97 -16.47 12.62
N MET A 136 -34.75 -16.65 13.09
CA MET A 136 -33.68 -17.28 12.28
C MET A 136 -34.01 -18.73 11.93
N LYS A 137 -34.59 -19.44 12.90
CA LYS A 137 -35.13 -20.79 12.72
C LYS A 137 -36.15 -20.81 11.57
N LYS A 138 -37.03 -19.82 11.53
CA LYS A 138 -38.01 -19.70 10.45
C LYS A 138 -37.38 -19.56 9.09
N PHE A 139 -36.34 -18.73 9.00
CA PHE A 139 -35.64 -18.51 7.73
C PHE A 139 -34.92 -19.77 7.27
N LEU A 140 -34.31 -20.48 8.22
CA LEU A 140 -33.68 -21.77 7.93
C LEU A 140 -34.70 -22.83 7.44
N GLU A 141 -35.89 -22.83 8.02
CA GLU A 141 -36.97 -23.76 7.61
C GLU A 141 -37.37 -23.49 6.17
N LYS A 142 -37.45 -22.22 5.82
CA LYS A 142 -37.80 -21.78 4.48
C LYS A 142 -36.71 -22.12 3.44
N SER A 143 -35.44 -21.95 3.82
CA SER A 143 -34.35 -22.16 2.88
C SER A 143 -34.11 -23.63 2.57
N LYS A 144 -34.24 -24.46 3.61
CA LYS A 144 -33.87 -25.88 3.56
C LYS A 144 -32.43 -26.15 3.07
N SER A 145 -31.57 -25.14 3.19
CA SER A 145 -30.20 -25.26 2.66
C SER A 145 -29.17 -25.28 3.77
N GLY A 146 -29.57 -24.87 4.96
CA GLY A 146 -28.61 -24.76 6.06
C GLY A 146 -28.12 -23.34 6.19
N TYR A 147 -28.41 -22.51 5.18
CA TYR A 147 -28.10 -21.07 5.23
C TYR A 147 -29.38 -20.25 5.40
N LEU A 148 -29.21 -19.00 5.84
CA LEU A 148 -30.38 -18.20 6.23
C LEU A 148 -31.24 -17.83 5.02
N VAL A 149 -30.59 -17.50 3.90
CA VAL A 149 -31.31 -17.13 2.67
C VAL A 149 -30.65 -17.83 1.48
N GLY A 150 -31.45 -18.54 0.68
CA GLY A 150 -30.90 -19.18 -0.51
C GLY A 150 -30.03 -20.39 -0.20
N ASP A 151 -29.25 -20.81 -1.20
CA ASP A 151 -28.56 -22.07 -1.16
C ASP A 151 -27.08 -21.90 -0.88
N SER A 152 -26.59 -20.66 -0.78
CA SER A 152 -25.17 -20.43 -0.55
C SER A 152 -24.91 -19.38 0.53
N VAL A 153 -23.67 -19.33 1.04
CA VAL A 153 -23.32 -18.43 2.16
C VAL A 153 -23.45 -16.97 1.78
N THR A 154 -24.00 -16.17 2.71
CA THR A 154 -24.09 -14.72 2.52
C THR A 154 -23.55 -13.99 3.75
N TYR A 155 -23.43 -12.67 3.65
CA TYR A 155 -22.89 -11.94 4.82
C TYR A 155 -23.81 -12.04 6.05
N ALA A 156 -25.10 -12.31 5.82
CA ALA A 156 -25.98 -12.51 6.97
C ALA A 156 -25.57 -13.79 7.74
N ASP A 157 -25.22 -14.86 7.01
CA ASP A 157 -24.68 -16.09 7.63
C ASP A 157 -23.43 -15.80 8.47
N LEU A 158 -22.56 -14.97 7.92
CA LEU A 158 -21.29 -14.70 8.56
C LEU A 158 -21.55 -13.95 9.84
N CYS A 159 -22.47 -12.98 9.79
CA CYS A 159 -22.85 -12.21 11.01
C CYS A 159 -23.36 -13.15 12.09
N LEU A 160 -24.32 -14.01 11.74
CA LEU A 160 -24.90 -14.88 12.76
C LEU A 160 -23.92 -15.93 13.33
N ALA A 161 -23.24 -16.66 12.44
CA ALA A 161 -22.27 -17.70 12.84
C ALA A 161 -21.17 -17.09 13.74
N GLU A 162 -20.70 -15.91 13.34
CA GLU A 162 -19.64 -15.22 14.14
C GLU A 162 -20.16 -14.84 15.53
N HIS A 163 -21.34 -14.22 15.58
CA HIS A 163 -21.92 -13.85 16.85
C HIS A 163 -22.13 -15.05 17.74
N THR A 164 -22.89 -16.04 17.26
CA THR A 164 -23.26 -17.14 18.14
C THR A 164 -22.04 -17.92 18.63
N SER A 165 -21.10 -18.19 17.72
CA SER A 165 -19.90 -18.94 18.08
C SER A 165 -19.04 -18.16 19.08
N GLY A 166 -18.99 -16.86 18.88
CA GLY A 166 -18.24 -15.95 19.74
C GLY A 166 -18.76 -15.96 21.17
N ILE A 167 -20.08 -15.80 21.33
CA ILE A 167 -20.70 -15.91 22.68
C ILE A 167 -20.55 -17.31 23.29
N ALA A 168 -20.73 -18.32 22.44
CA ALA A 168 -20.73 -19.72 22.92
C ALA A 168 -19.36 -20.11 23.48
N ALA A 169 -18.31 -19.43 23.04
CA ALA A 169 -16.95 -19.63 23.59
C ALA A 169 -16.90 -19.40 25.11
N LYS A 170 -17.68 -18.42 25.58
CA LYS A 170 -17.77 -18.07 26.99
C LYS A 170 -19.01 -18.72 27.65
N PHE A 171 -20.17 -18.63 26.98
CA PHE A 171 -21.44 -19.10 27.52
C PHE A 171 -22.12 -20.07 26.52
N PRO A 172 -21.69 -21.34 26.51
CA PRO A 172 -22.20 -22.35 25.56
C PRO A 172 -23.69 -22.62 25.59
N SER A 173 -24.37 -22.21 26.66
CA SER A 173 -25.80 -22.42 26.77
C SER A 173 -26.61 -21.49 25.86
N ILE A 174 -25.94 -20.58 25.17
CA ILE A 174 -26.65 -19.73 24.21
C ILE A 174 -27.43 -20.61 23.19
N TYR A 175 -26.89 -21.79 22.91
CA TYR A 175 -27.54 -22.65 21.91
C TYR A 175 -28.70 -23.53 22.46
N ASP A 176 -28.88 -23.56 23.78
CA ASP A 176 -29.95 -24.33 24.40
C ASP A 176 -31.29 -23.99 23.77
N GLY A 177 -31.98 -25.01 23.29
CA GLY A 177 -33.29 -24.88 22.65
C GLY A 177 -33.21 -24.57 21.16
N PHE A 178 -31.99 -24.42 20.66
CA PHE A 178 -31.76 -23.91 19.29
C PHE A 178 -30.64 -24.66 18.58
N PRO A 179 -30.82 -25.98 18.42
CA PRO A 179 -29.76 -26.82 17.81
C PRO A 179 -29.49 -26.45 16.33
N GLU A 180 -30.52 -25.93 15.66
CA GLU A 180 -30.42 -25.39 14.27
C GLU A 180 -29.42 -24.24 14.14
N ILE A 181 -29.37 -23.41 15.18
CA ILE A 181 -28.48 -22.24 15.18
C ILE A 181 -27.05 -22.70 15.43
N LYS A 182 -26.86 -23.67 16.33
CA LYS A 182 -25.56 -24.33 16.44
C LYS A 182 -25.12 -25.01 15.15
N ALA A 183 -26.02 -25.75 14.51
CA ALA A 183 -25.72 -26.42 13.25
C ALA A 183 -25.26 -25.39 12.21
N HIS A 184 -25.97 -24.26 12.17
CA HIS A 184 -25.66 -23.17 11.25
C HIS A 184 -24.26 -22.61 11.48
N ALA A 185 -23.92 -22.32 12.74
CA ALA A 185 -22.58 -21.78 13.03
C ALA A 185 -21.51 -22.75 12.56
N GLU A 186 -21.72 -24.06 12.79
CA GLU A 186 -20.68 -25.03 12.48
C GLU A 186 -20.57 -25.32 10.98
N LYS A 187 -21.71 -25.26 10.27
CA LYS A 187 -21.71 -25.32 8.79
C LYS A 187 -20.90 -24.17 8.17
N VAL A 188 -21.24 -22.94 8.53
CA VAL A 188 -20.58 -21.72 8.03
C VAL A 188 -19.08 -21.74 8.31
N ARG A 189 -18.71 -22.02 9.55
CA ARG A 189 -17.31 -21.95 10.00
C ARG A 189 -16.41 -23.06 9.45
N SER A 190 -17.02 -24.09 8.85
CA SER A 190 -16.26 -25.18 8.23
C SER A 190 -15.97 -24.94 6.75
N ILE A 191 -16.52 -23.87 6.18
CA ILE A 191 -16.16 -23.51 4.80
C ILE A 191 -14.63 -23.31 4.81
N PRO A 192 -13.90 -24.02 3.92
CA PRO A 192 -12.43 -24.05 4.03
C PRO A 192 -11.71 -22.72 4.22
N ALA A 193 -11.97 -21.71 3.37
CA ALA A 193 -11.28 -20.41 3.52
C ALA A 193 -11.58 -19.70 4.85
N LEU A 194 -12.79 -19.90 5.35
CA LEU A 194 -13.18 -19.36 6.64
C LEU A 194 -12.53 -20.15 7.78
N LYS A 195 -12.54 -21.47 7.67
CA LYS A 195 -11.92 -22.33 8.70
C LYS A 195 -10.45 -21.96 8.87
N LYS A 196 -9.77 -21.72 7.75
CA LYS A 196 -8.36 -21.31 7.79
C LYS A 196 -8.20 -19.95 8.48
N TRP A 197 -9.05 -18.99 8.14
CA TRP A 197 -9.01 -17.66 8.80
C TRP A 197 -9.24 -17.77 10.31
N ILE A 198 -10.22 -18.58 10.70
CA ILE A 198 -10.54 -18.79 12.12
C ILE A 198 -9.35 -19.41 12.88
N GLU A 199 -8.61 -20.29 12.20
CA GLU A 199 -7.41 -20.92 12.78
C GLU A 199 -6.25 -19.96 13.02
N THR A 200 -6.19 -18.89 12.24
CA THR A 200 -5.03 -17.99 12.25
C THR A 200 -5.28 -16.56 12.76
N ARG A 201 -6.57 -16.18 12.88
CA ARG A 201 -6.90 -14.81 13.33
C ARG A 201 -6.45 -14.56 14.79
N PRO A 202 -6.19 -13.29 15.16
CA PRO A 202 -5.81 -13.03 16.56
C PRO A 202 -6.87 -13.47 17.58
N GLU A 203 -6.41 -14.04 18.70
CA GLU A 203 -7.30 -14.39 19.76
C GLU A 203 -7.61 -13.13 20.57
N THR A 204 -8.88 -12.71 20.56
CA THR A 204 -9.28 -11.50 21.28
C THR A 204 -10.57 -11.77 22.06
N LYS A 205 -10.81 -11.00 23.12
CA LYS A 205 -11.91 -11.31 24.04
C LYS A 205 -13.29 -10.89 23.52
N PHE A 206 -13.28 -9.99 22.53
CA PHE A 206 -14.49 -9.54 21.83
C PHE A 206 -14.20 -9.45 20.33
N MET B 1 2.96 -0.79 8.33
CA MET B 1 4.32 -1.34 8.06
C MET B 1 4.94 -0.56 6.90
N VAL B 2 6.26 -0.47 6.86
CA VAL B 2 6.91 0.33 5.84
C VAL B 2 6.49 -0.12 4.43
N HIS B 3 6.25 0.83 3.55
CA HIS B 3 5.94 0.50 2.16
C HIS B 3 7.00 1.00 1.20
N TYR B 4 7.55 0.08 0.41
CA TYR B 4 8.46 0.40 -0.69
C TYR B 4 7.83 0.22 -2.06
N LYS B 5 8.05 1.20 -2.93
CA LYS B 5 7.62 1.13 -4.32
C LYS B 5 8.85 1.43 -5.16
N LEU B 6 9.14 0.54 -6.12
CA LEU B 6 10.15 0.83 -7.11
C LEU B 6 9.50 1.00 -8.48
N THR B 7 9.78 2.13 -9.13
CA THR B 7 9.25 2.36 -10.49
C THR B 7 10.38 2.38 -11.53
N TYR B 8 10.19 1.60 -12.60
CA TYR B 8 11.18 1.47 -13.66
C TYR B 8 10.48 0.94 -14.91
N PHE B 9 11.25 0.65 -15.97
CA PHE B 9 10.69 0.01 -17.15
C PHE B 9 10.46 -1.47 -16.92
N ALA B 10 9.71 -2.08 -17.84
CA ALA B 10 9.54 -3.52 -17.86
C ALA B 10 10.82 -4.20 -18.39
N GLY B 11 11.82 -4.23 -17.53
CA GLY B 11 13.08 -4.82 -17.88
C GLY B 11 13.98 -4.82 -16.65
N ARG B 12 15.11 -5.49 -16.78
CA ARG B 12 16.08 -5.52 -15.68
C ARG B 12 16.81 -4.18 -15.56
N GLY B 13 17.62 -3.87 -16.57
CA GLY B 13 18.29 -2.58 -16.68
C GLY B 13 18.89 -2.09 -15.36
N LEU B 14 18.67 -0.83 -15.06
CA LEU B 14 19.20 -0.19 -13.86
C LEU B 14 18.50 -0.57 -12.57
N ALA B 15 17.27 -1.09 -12.67
CA ALA B 15 16.51 -1.46 -11.47
C ALA B 15 16.93 -2.79 -10.89
N GLU B 16 17.48 -3.68 -11.71
CA GLU B 16 17.57 -5.08 -11.28
C GLU B 16 18.41 -5.33 -10.03
N PRO B 17 19.59 -4.68 -9.91
CA PRO B 17 20.27 -4.91 -8.63
C PRO B 17 19.45 -4.44 -7.41
N ILE B 18 18.60 -3.42 -7.58
CA ILE B 18 17.73 -2.95 -6.47
C ILE B 18 16.72 -4.06 -6.12
N ARG B 19 16.05 -4.59 -7.14
CA ARG B 19 15.15 -5.73 -6.96
C ARG B 19 15.85 -6.90 -6.23
N GLN B 20 17.14 -7.10 -6.52
CA GLN B 20 17.89 -8.20 -5.90
C GLN B 20 18.27 -7.91 -4.45
N ILE B 21 18.53 -6.65 -4.14
CA ILE B 21 18.68 -6.24 -2.72
C ILE B 21 17.42 -6.59 -1.92
N PHE B 22 16.24 -6.29 -2.47
CA PHE B 22 14.99 -6.58 -1.71
C PHE B 22 14.83 -8.07 -1.51
N ALA B 23 15.12 -8.86 -2.55
CA ALA B 23 15.04 -10.34 -2.46
C ALA B 23 15.95 -10.88 -1.38
N LEU B 24 17.22 -10.45 -1.39
CA LEU B 24 18.18 -10.87 -0.37
C LEU B 24 17.77 -10.44 1.04
N ALA B 25 17.10 -9.30 1.15
CA ALA B 25 16.65 -8.83 2.46
C ALA B 25 15.36 -9.52 2.89
N GLY B 26 14.69 -10.21 1.96
CA GLY B 26 13.35 -10.74 2.23
C GLY B 26 12.33 -9.63 2.44
N GLN B 27 12.54 -8.48 1.80
CA GLN B 27 11.71 -7.31 2.00
C GLN B 27 10.75 -7.18 0.81
N LYS B 28 9.45 -7.22 1.10
CA LYS B 28 8.43 -7.10 0.09
C LYS B 28 8.40 -5.66 -0.44
N TYR B 29 8.08 -5.49 -1.73
CA TYR B 29 8.00 -4.15 -2.34
C TYR B 29 7.04 -4.18 -3.52
N GLU B 30 6.60 -3.00 -3.95
CA GLU B 30 5.72 -2.89 -5.11
C GLU B 30 6.59 -2.60 -6.32
N ASP B 31 6.59 -3.52 -7.27
CA ASP B 31 7.46 -3.47 -8.44
C ASP B 31 6.64 -2.88 -9.59
N VAL B 32 6.77 -1.58 -9.81
CA VAL B 32 6.01 -0.93 -10.90
C VAL B 32 6.85 -0.88 -12.18
N ARG B 33 6.25 -1.35 -13.29
CA ARG B 33 7.01 -1.51 -14.54
C ARG B 33 6.28 -0.91 -15.70
N TYR B 34 6.95 0.03 -16.38
CA TYR B 34 6.35 0.76 -17.49
C TYR B 34 6.89 0.30 -18.82
N THR B 35 6.00 0.21 -19.81
CA THR B 35 6.45 0.15 -21.19
C THR B 35 7.05 1.48 -21.63
N PHE B 36 7.81 1.45 -22.73
CA PHE B 36 8.31 2.68 -23.34
C PHE B 36 7.15 3.58 -23.80
N GLN B 37 6.01 2.99 -24.17
CA GLN B 37 4.84 3.77 -24.58
C GLN B 37 4.15 4.52 -23.39
N GLU B 38 4.12 3.87 -22.23
CA GLU B 38 3.40 4.40 -21.07
C GLU B 38 4.26 5.40 -20.30
N TRP B 39 5.58 5.18 -20.33
CA TRP B 39 6.49 5.93 -19.46
C TRP B 39 6.42 7.48 -19.60
N PRO B 40 6.45 8.01 -20.85
CA PRO B 40 6.67 9.47 -21.00
C PRO B 40 5.76 10.41 -20.21
N LYS B 41 4.46 10.11 -20.16
CA LYS B 41 3.52 10.98 -19.45
C LYS B 41 3.73 10.98 -17.94
N HIS B 42 4.54 10.05 -17.44
CA HIS B 42 4.84 10.01 -16.00
C HIS B 42 6.17 10.67 -15.64
N LYS B 43 6.87 11.18 -16.65
CA LYS B 43 8.19 11.80 -16.48
C LYS B 43 8.22 12.88 -15.39
N ASP B 44 7.25 13.79 -15.45
CA ASP B 44 7.18 14.91 -14.52
C ASP B 44 6.90 14.54 -13.06
N GLU B 45 6.47 13.30 -12.83
CA GLU B 45 6.30 12.79 -11.44
C GLU B 45 7.62 12.59 -10.68
N MET B 46 8.73 12.50 -11.43
CA MET B 46 10.03 12.01 -10.92
C MET B 46 11.01 13.16 -10.67
N PRO B 47 11.83 13.06 -9.61
CA PRO B 47 12.73 14.17 -9.21
C PRO B 47 13.61 14.75 -10.33
N PHE B 48 14.16 13.89 -11.18
CA PHE B 48 14.97 14.30 -12.31
C PHE B 48 14.37 13.89 -13.66
N GLY B 49 13.05 13.70 -13.69
CA GLY B 49 12.37 13.25 -14.93
C GLY B 49 12.79 11.89 -15.46
N GLN B 50 13.38 11.07 -14.58
CA GLN B 50 13.91 9.75 -14.98
C GLN B 50 13.59 8.66 -13.95
N ILE B 51 13.82 7.41 -14.38
CA ILE B 51 13.66 6.20 -13.56
C ILE B 51 14.98 5.39 -13.60
N PRO B 52 15.26 4.55 -12.57
CA PRO B 52 14.34 4.15 -11.49
C PRO B 52 14.12 5.19 -10.40
N VAL B 53 12.99 5.10 -9.70
CA VAL B 53 12.75 5.94 -8.53
C VAL B 53 12.15 5.06 -7.45
N LEU B 54 12.70 5.17 -6.25
CA LEU B 54 12.18 4.43 -5.09
C LEU B 54 11.21 5.35 -4.33
N GLU B 55 10.10 4.80 -3.83
CA GLU B 55 9.37 5.50 -2.80
C GLU B 55 9.40 4.73 -1.49
N GLU B 56 9.81 5.38 -0.41
CA GLU B 56 9.67 4.80 0.93
C GLU B 56 8.66 5.63 1.70
N ASP B 57 7.53 5.04 2.06
CA ASP B 57 6.46 5.73 2.80
C ASP B 57 6.13 7.06 2.09
N GLY B 58 6.09 6.98 0.77
CA GLY B 58 5.74 8.12 -0.08
C GLY B 58 6.83 9.15 -0.34
N LYS B 59 8.04 8.94 0.20
CA LYS B 59 9.16 9.85 -0.05
C LYS B 59 9.96 9.30 -1.25
N GLN B 60 10.15 10.12 -2.28
CA GLN B 60 10.87 9.69 -3.47
C GLN B 60 12.39 9.80 -3.32
N LEU B 61 13.09 8.79 -3.82
CA LEU B 61 14.54 8.81 -3.95
C LEU B 61 14.87 8.32 -5.37
N ALA B 62 15.44 9.20 -6.20
CA ALA B 62 15.91 8.87 -7.54
C ALA B 62 17.39 8.43 -7.56
N GLN B 63 17.86 8.05 -8.76
CA GLN B 63 19.24 7.64 -9.07
C GLN B 63 19.56 6.23 -8.60
N SER B 64 19.73 5.29 -9.55
CA SER B 64 19.83 3.86 -9.25
C SER B 64 20.92 3.51 -8.20
N PHE B 65 22.09 4.14 -8.27
CA PHE B 65 23.16 3.86 -7.28
C PHE B 65 22.87 4.43 -5.89
N ALA B 66 22.17 5.58 -5.86
CA ALA B 66 21.75 6.19 -4.62
C ALA B 66 20.74 5.28 -3.94
N ILE B 67 19.77 4.77 -4.70
CA ILE B 67 18.79 3.81 -4.22
C ILE B 67 19.47 2.52 -3.73
N ALA B 68 20.36 1.94 -4.55
CA ALA B 68 21.04 0.70 -4.21
C ALA B 68 21.81 0.88 -2.90
N ARG B 69 22.52 2.01 -2.76
CA ARG B 69 23.37 2.23 -1.55
C ARG B 69 22.49 2.40 -0.30
N TYR B 70 21.47 3.23 -0.44
CA TYR B 70 20.50 3.45 0.65
C TYR B 70 19.94 2.14 1.25
N LEU B 71 19.39 1.28 0.37
CA LEU B 71 18.85 -0.01 0.78
C LEU B 71 19.93 -0.99 1.24
N SER B 72 21.08 -0.95 0.58
CA SER B 72 22.18 -1.83 0.96
C SER B 72 22.67 -1.49 2.37
N ARG B 73 22.76 -0.20 2.68
CA ARG B 73 23.10 0.18 4.05
C ARG B 73 22.08 -0.32 5.05
N LYS B 74 20.80 -0.20 4.71
CA LYS B 74 19.73 -0.62 5.63
C LYS B 74 19.74 -2.14 5.85
N PHE B 75 20.08 -2.88 4.80
CA PHE B 75 19.90 -4.32 4.81
C PHE B 75 21.16 -5.16 4.95
N GLY B 76 22.31 -4.49 4.96
CA GLY B 76 23.60 -5.16 5.23
C GLY B 76 24.40 -5.64 4.03
N PHE B 77 24.26 -4.95 2.88
CA PHE B 77 24.96 -5.31 1.65
C PHE B 77 25.81 -4.18 1.11
N ALA B 78 26.21 -3.27 2.01
CA ALA B 78 26.94 -2.09 1.61
C ALA B 78 28.43 -2.21 1.86
N GLY B 79 28.85 -3.24 2.58
CA GLY B 79 30.23 -3.27 3.13
C GLY B 79 30.20 -3.40 4.64
N LYS B 80 31.28 -3.94 5.21
CA LYS B 80 31.29 -4.36 6.63
C LYS B 80 31.78 -3.23 7.57
N THR B 81 32.60 -2.33 7.03
CA THR B 81 33.22 -1.24 7.73
C THR B 81 33.12 0.04 6.92
N PRO B 82 33.25 1.22 7.55
CA PRO B 82 33.17 2.43 6.73
C PRO B 82 34.16 2.45 5.54
N PHE B 83 35.41 2.01 5.73
CA PHE B 83 36.35 1.98 4.62
C PHE B 83 35.95 0.99 3.53
N GLU B 84 35.45 -0.16 3.95
CA GLU B 84 35.00 -1.15 3.00
C GLU B 84 33.76 -0.65 2.22
N GLU B 85 32.85 0.07 2.90
CA GLU B 85 31.72 0.70 2.19
C GLU B 85 32.21 1.61 1.07
N ALA B 86 33.29 2.35 1.36
CA ALA B 86 33.88 3.29 0.40
C ALA B 86 34.47 2.49 -0.77
N LEU B 87 35.14 1.37 -0.47
CA LEU B 87 35.74 0.51 -1.50
C LEU B 87 34.66 -0.05 -2.41
N VAL B 88 33.57 -0.48 -1.78
CA VAL B 88 32.37 -0.93 -2.52
C VAL B 88 31.84 0.15 -3.49
N ASP B 89 31.69 1.38 -3.00
CA ASP B 89 31.34 2.56 -3.81
C ASP B 89 32.30 2.78 -4.96
N SER B 90 33.61 2.64 -4.70
CA SER B 90 34.58 2.86 -5.80
C SER B 90 34.42 1.84 -6.93
N VAL B 91 34.18 0.58 -6.58
CA VAL B 91 33.93 -0.50 -7.56
C VAL B 91 32.64 -0.21 -8.32
N ALA B 92 31.61 0.22 -7.57
CA ALA B 92 30.31 0.54 -8.17
C ALA B 92 30.47 1.71 -9.15
N ASP B 93 31.31 2.68 -8.78
CA ASP B 93 31.59 3.81 -9.65
C ASP B 93 32.37 3.43 -10.90
N GLN B 94 33.35 2.53 -10.77
CA GLN B 94 34.03 1.97 -11.95
C GLN B 94 33.06 1.21 -12.88
N TYR B 95 32.22 0.35 -12.30
CA TYR B 95 31.10 -0.26 -13.03
C TYR B 95 30.22 0.78 -13.77
N LYS B 96 29.87 1.87 -13.08
CA LYS B 96 29.08 2.93 -13.73
C LYS B 96 29.81 3.54 -14.94
N ASP B 97 31.13 3.76 -14.81
CA ASP B 97 31.96 4.29 -15.92
C ASP B 97 31.92 3.35 -17.14
N TYR B 98 32.10 2.05 -16.89
CA TYR B 98 32.03 1.01 -17.92
C TYR B 98 30.65 0.95 -18.63
N ILE B 99 29.59 0.96 -17.85
CA ILE B 99 28.24 1.05 -18.40
C ILE B 99 28.06 2.29 -19.29
N ASN B 100 28.62 3.42 -18.87
CA ASN B 100 28.53 4.63 -19.69
C ASN B 100 29.21 4.40 -21.04
N GLU B 101 30.38 3.78 -20.97
CA GLU B 101 31.15 3.42 -22.14
C GLU B 101 30.37 2.52 -23.10
N ILE B 102 29.65 1.53 -22.59
CA ILE B 102 28.86 0.65 -23.46
C ILE B 102 27.39 1.05 -23.69
N ARG B 103 27.02 2.25 -23.26
CA ARG B 103 25.66 2.77 -23.45
C ARG B 103 25.07 2.62 -24.88
N PRO B 104 25.85 2.92 -25.94
CA PRO B 104 25.31 2.70 -27.29
C PRO B 104 24.83 1.26 -27.51
N TYR B 105 25.58 0.29 -26.96
CA TYR B 105 25.21 -1.11 -27.08
C TYR B 105 23.93 -1.42 -26.29
N LEU B 106 23.88 -0.90 -25.07
CA LEU B 106 22.75 -1.20 -24.20
C LEU B 106 21.44 -0.58 -24.75
N ARG B 107 21.51 0.61 -25.31
CA ARG B 107 20.32 1.23 -25.92
C ARG B 107 19.82 0.43 -27.14
N VAL B 108 20.74 -0.10 -27.92
CA VAL B 108 20.35 -0.99 -29.02
C VAL B 108 19.62 -2.25 -28.53
N VAL B 109 20.20 -2.97 -27.57
CA VAL B 109 19.60 -4.21 -27.06
C VAL B 109 18.23 -3.95 -26.44
N ALA B 110 18.09 -2.82 -25.76
CA ALA B 110 16.84 -2.44 -25.11
C ALA B 110 15.75 -2.05 -26.13
N GLY B 111 16.16 -1.85 -27.40
CA GLY B 111 15.23 -1.46 -28.46
C GLY B 111 14.98 0.05 -28.56
N VAL B 112 15.75 0.82 -27.78
CA VAL B 112 15.63 2.27 -27.75
C VAL B 112 16.22 2.92 -29.00
N ASP B 113 17.37 2.42 -29.43
CA ASP B 113 18.06 2.89 -30.62
C ASP B 113 18.07 1.78 -31.66
N GLN B 114 18.19 2.15 -32.92
CA GLN B 114 18.31 1.17 -34.00
C GLN B 114 19.76 0.76 -34.11
N GLY B 115 19.99 -0.54 -34.30
CA GLY B 115 21.37 -1.02 -34.45
C GLY B 115 21.50 -2.52 -34.42
N ASP B 116 22.73 -2.97 -34.66
CA ASP B 116 23.10 -4.37 -34.73
C ASP B 116 23.82 -4.67 -33.42
N PRO B 117 23.16 -5.41 -32.52
CA PRO B 117 23.76 -5.76 -31.22
C PRO B 117 25.10 -6.50 -31.35
N GLU B 118 25.19 -7.45 -32.27
CA GLU B 118 26.43 -8.24 -32.47
C GLU B 118 27.62 -7.38 -32.89
N LYS B 119 27.39 -6.45 -33.81
CA LYS B 119 28.45 -5.52 -34.23
C LYS B 119 28.91 -4.61 -33.07
N LEU B 120 27.97 -4.05 -32.33
CA LEU B 120 28.35 -3.20 -31.19
C LEU B 120 29.01 -4.03 -30.08
N PHE B 121 28.53 -5.26 -29.88
CA PHE B 121 29.13 -6.13 -28.90
C PHE B 121 30.62 -6.34 -29.22
N LYS B 122 30.90 -6.69 -30.47
CA LYS B 122 32.27 -6.88 -30.92
C LYS B 122 33.11 -5.62 -30.86
N GLU B 123 32.56 -4.52 -31.37
CA GLU B 123 33.36 -3.31 -31.58
C GLU B 123 33.49 -2.43 -30.35
N LEU B 124 32.49 -2.47 -29.47
CA LEU B 124 32.45 -1.59 -28.30
C LEU B 124 32.56 -2.35 -26.96
N LEU B 125 31.71 -3.37 -26.79
CA LEU B 125 31.64 -4.07 -25.50
C LEU B 125 32.90 -4.89 -25.19
N LEU B 126 33.39 -5.66 -26.18
CA LEU B 126 34.58 -6.50 -25.95
C LEU B 126 35.80 -5.72 -25.46
N PRO B 127 36.16 -4.62 -26.16
CA PRO B 127 37.30 -3.85 -25.68
C PRO B 127 37.03 -3.16 -24.34
N ALA B 128 35.80 -2.70 -24.13
CA ALA B 128 35.42 -2.03 -22.88
C ALA B 128 35.58 -2.98 -21.70
N ARG B 129 35.14 -4.22 -21.90
CA ARG B 129 35.12 -5.20 -20.80
C ARG B 129 36.51 -5.77 -20.58
N GLU B 130 37.36 -5.70 -21.59
CA GLU B 130 38.78 -6.08 -21.40
C GLU B 130 39.44 -5.25 -20.31
N LYS B 131 39.23 -3.93 -20.38
CA LYS B 131 39.76 -3.01 -19.39
C LYS B 131 39.06 -3.27 -18.05
N PHE B 132 37.73 -3.23 -18.08
CA PHE B 132 36.95 -3.23 -16.85
C PHE B 132 37.13 -4.53 -16.05
N PHE B 133 36.99 -5.66 -16.74
CA PHE B 133 37.12 -6.97 -16.09
C PHE B 133 38.56 -7.13 -15.60
N GLY B 134 39.49 -6.42 -16.22
CA GLY B 134 40.89 -6.50 -15.81
C GLY B 134 41.01 -5.90 -14.42
N PHE B 135 40.29 -4.79 -14.19
CA PHE B 135 40.29 -4.19 -12.83
C PHE B 135 39.52 -4.99 -11.80
N MET B 136 38.41 -5.58 -12.21
CA MET B 136 37.61 -6.48 -11.35
C MET B 136 38.41 -7.72 -10.89
N LYS B 137 39.20 -8.30 -11.80
CA LYS B 137 40.15 -9.36 -11.46
C LYS B 137 41.06 -8.98 -10.32
N LYS B 138 41.57 -7.74 -10.37
CA LYS B 138 42.46 -7.18 -9.36
C LYS B 138 41.80 -7.19 -7.99
N PHE B 139 40.56 -6.75 -7.98
CA PHE B 139 39.80 -6.68 -6.73
C PHE B 139 39.54 -8.07 -6.18
N LEU B 140 39.18 -8.99 -7.07
CA LEU B 140 38.97 -10.41 -6.71
C LEU B 140 40.24 -11.05 -6.15
N GLU B 141 41.39 -10.69 -6.74
CA GLU B 141 42.69 -11.18 -6.25
C GLU B 141 42.96 -10.72 -4.84
N LYS B 142 42.56 -9.49 -4.55
CA LYS B 142 42.79 -8.89 -3.23
C LYS B 142 41.88 -9.49 -2.18
N SER B 143 40.61 -9.66 -2.51
CA SER B 143 39.63 -10.13 -1.54
C SER B 143 39.84 -11.59 -1.13
N LYS B 144 40.24 -12.44 -2.11
CA LYS B 144 40.37 -13.90 -1.95
C LYS B 144 39.11 -14.57 -1.39
N SER B 145 37.96 -13.95 -1.61
CA SER B 145 36.71 -14.44 -1.05
C SER B 145 35.78 -14.91 -2.16
N GLY B 146 36.05 -14.50 -3.39
CA GLY B 146 35.11 -14.75 -4.49
C GLY B 146 34.15 -13.58 -4.69
N TYR B 147 34.17 -12.61 -3.76
CA TYR B 147 33.43 -11.35 -3.92
C TYR B 147 34.38 -10.17 -4.20
N LEU B 148 33.83 -9.07 -4.74
CA LEU B 148 34.69 -7.97 -5.24
C LEU B 148 35.40 -7.27 -4.08
N VAL B 149 34.67 -7.09 -2.97
CA VAL B 149 35.17 -6.40 -1.77
C VAL B 149 34.74 -7.12 -0.48
N GLY B 150 35.72 -7.52 0.33
CA GLY B 150 35.43 -8.15 1.60
C GLY B 150 34.94 -9.58 1.43
N ASP B 151 34.32 -10.13 2.47
CA ASP B 151 34.08 -11.55 2.54
C ASP B 151 32.63 -11.90 2.32
N SER B 152 31.78 -10.92 2.04
CA SER B 152 30.38 -11.20 1.83
C SER B 152 29.81 -10.38 0.65
N VAL B 153 28.64 -10.79 0.16
CA VAL B 153 28.03 -10.14 -1.01
C VAL B 153 27.68 -8.66 -0.78
N THR B 154 27.98 -7.83 -1.78
CA THR B 154 27.61 -6.43 -1.71
C THR B 154 26.86 -6.01 -2.99
N TYR B 155 26.31 -4.81 -2.98
CA TYR B 155 25.55 -4.39 -4.18
C TYR B 155 26.47 -4.23 -5.38
N ALA B 156 27.78 -4.08 -5.14
CA ALA B 156 28.71 -4.07 -6.28
C ALA B 156 28.73 -5.47 -6.95
N ASP B 157 28.74 -6.55 -6.16
CA ASP B 157 28.63 -7.95 -6.70
C ASP B 157 27.34 -8.14 -7.50
N LEU B 158 26.26 -7.58 -6.99
CA LEU B 158 24.96 -7.70 -7.64
C LEU B 158 25.01 -7.07 -9.01
N CYS B 159 25.56 -5.86 -9.10
CA CYS B 159 25.67 -5.12 -10.36
C CYS B 159 26.47 -5.88 -11.40
N LEU B 160 27.66 -6.36 -10.99
CA LEU B 160 28.53 -7.12 -11.91
C LEU B 160 27.92 -8.44 -12.38
N ALA B 161 27.49 -9.29 -11.44
CA ALA B 161 26.89 -10.58 -11.74
C ALA B 161 25.66 -10.41 -12.64
N GLU B 162 24.84 -9.40 -12.35
CA GLU B 162 23.64 -9.14 -13.18
C GLU B 162 24.03 -8.73 -14.59
N HIS B 163 24.92 -7.75 -14.70
CA HIS B 163 25.41 -7.35 -16.00
C HIS B 163 25.98 -8.53 -16.79
N THR B 164 26.98 -9.21 -16.23
CA THR B 164 27.72 -10.17 -17.02
C THR B 164 26.84 -11.33 -17.41
N SER B 165 26.03 -11.82 -16.46
CA SER B 165 25.08 -12.90 -16.78
C SER B 165 24.07 -12.49 -17.85
N GLY B 166 23.63 -11.25 -17.77
CA GLY B 166 22.64 -10.71 -18.71
C GLY B 166 23.17 -10.70 -20.13
N ILE B 167 24.40 -10.23 -20.31
CA ILE B 167 25.00 -10.18 -21.66
C ILE B 167 25.31 -11.60 -22.15
N ALA B 168 25.81 -12.42 -21.22
CA ALA B 168 26.26 -13.77 -21.55
C ALA B 168 25.11 -14.61 -22.11
N ALA B 169 23.87 -14.28 -21.73
CA ALA B 169 22.69 -14.99 -22.25
C ALA B 169 22.53 -14.85 -23.77
N LYS B 170 23.06 -13.76 -24.31
CA LYS B 170 22.97 -13.47 -25.75
C LYS B 170 24.33 -13.76 -26.38
N PHE B 171 25.40 -13.34 -25.70
CA PHE B 171 26.76 -13.40 -26.23
C PHE B 171 27.69 -14.00 -25.16
N PRO B 172 27.69 -15.35 -25.06
CA PRO B 172 28.48 -16.04 -24.01
C PRO B 172 29.98 -15.79 -24.07
N SER B 173 30.47 -15.31 -25.20
CA SER B 173 31.91 -15.02 -25.34
C SER B 173 32.38 -13.79 -24.52
N ILE B 174 31.45 -13.06 -23.91
CA ILE B 174 31.82 -12.01 -22.96
C ILE B 174 32.85 -12.49 -21.93
N TYR B 175 32.74 -13.75 -21.53
CA TYR B 175 33.64 -14.27 -20.48
C TYR B 175 35.00 -14.78 -20.96
N ASP B 176 35.19 -14.89 -22.28
CA ASP B 176 36.47 -15.37 -22.83
C ASP B 176 37.61 -14.56 -22.24
N GLY B 177 38.59 -15.25 -21.70
CA GLY B 177 39.76 -14.61 -21.07
C GLY B 177 39.60 -14.24 -19.60
N PHE B 178 38.37 -14.40 -19.09
CA PHE B 178 38.00 -13.90 -17.75
C PHE B 178 37.14 -14.93 -17.02
N PRO B 179 37.71 -16.13 -16.78
CA PRO B 179 36.99 -17.18 -16.07
C PRO B 179 36.60 -16.78 -14.63
N GLU B 180 37.40 -15.92 -13.98
CA GLU B 180 37.06 -15.47 -12.63
C GLU B 180 35.83 -14.56 -12.56
N ILE B 181 35.56 -13.88 -13.67
CA ILE B 181 34.32 -13.09 -13.78
C ILE B 181 33.13 -14.02 -13.97
N LYS B 182 33.29 -15.07 -14.76
CA LYS B 182 32.23 -16.07 -14.89
C LYS B 182 31.95 -16.74 -13.55
N ALA B 183 33.03 -17.11 -12.86
CA ALA B 183 32.91 -17.78 -11.56
C ALA B 183 32.18 -16.88 -10.56
N HIS B 184 32.52 -15.58 -10.59
CA HIS B 184 31.87 -14.56 -9.77
C HIS B 184 30.37 -14.49 -10.01
N ALA B 185 29.96 -14.42 -11.29
CA ALA B 185 28.52 -14.37 -11.61
C ALA B 185 27.77 -15.57 -11.04
N GLU B 186 28.38 -16.75 -11.16
CA GLU B 186 27.73 -18.02 -10.77
C GLU B 186 27.71 -18.21 -9.26
N LYS B 187 28.78 -17.74 -8.58
CA LYS B 187 28.77 -17.70 -7.11
C LYS B 187 27.64 -16.81 -6.57
N VAL B 188 27.58 -15.57 -7.06
CA VAL B 188 26.56 -14.58 -6.62
C VAL B 188 25.15 -15.08 -6.90
N ARG B 189 24.92 -15.57 -8.11
CA ARG B 189 23.58 -15.96 -8.51
C ARG B 189 23.09 -17.26 -7.88
N SER B 190 24.00 -17.99 -7.22
CA SER B 190 23.59 -19.20 -6.52
C SER B 190 23.19 -18.95 -5.06
N ILE B 191 23.37 -17.71 -4.57
CA ILE B 191 22.89 -17.38 -3.23
C ILE B 191 21.39 -17.70 -3.21
N PRO B 192 20.92 -18.56 -2.27
CA PRO B 192 19.55 -19.06 -2.33
C PRO B 192 18.43 -18.05 -2.62
N ALA B 193 18.37 -16.94 -1.90
CA ALA B 193 17.28 -15.97 -2.09
C ALA B 193 17.37 -15.28 -3.46
N LEU B 194 18.60 -15.13 -3.95
CA LEU B 194 18.83 -14.54 -5.25
C LEU B 194 18.49 -15.57 -6.33
N LYS B 195 18.89 -16.84 -6.11
CA LYS B 195 18.56 -17.93 -7.05
C LYS B 195 17.04 -18.08 -7.25
N LYS B 196 16.30 -18.03 -6.15
CA LYS B 196 14.83 -18.04 -6.22
C LYS B 196 14.26 -16.88 -7.05
N TRP B 197 14.77 -15.68 -6.82
CA TRP B 197 14.29 -14.50 -7.58
C TRP B 197 14.58 -14.65 -9.08
N ILE B 198 15.77 -15.11 -9.43
CA ILE B 198 16.16 -15.30 -10.84
C ILE B 198 15.26 -16.33 -11.52
N GLU B 199 14.86 -17.35 -10.76
CA GLU B 199 13.96 -18.40 -11.24
C GLU B 199 12.55 -17.87 -11.50
N THR B 200 12.14 -16.83 -10.77
CA THR B 200 10.75 -16.35 -10.80
C THR B 200 10.52 -15.00 -11.50
N ARG B 201 11.58 -14.20 -11.64
CA ARG B 201 11.45 -12.87 -12.23
C ARG B 201 10.97 -12.90 -13.70
N PRO B 202 10.31 -11.82 -14.17
CA PRO B 202 9.86 -11.78 -15.56
C PRO B 202 11.01 -11.91 -16.56
N GLU B 203 10.76 -12.61 -17.66
CA GLU B 203 11.74 -12.75 -18.71
C GLU B 203 11.66 -11.50 -19.59
N THR B 204 12.76 -10.73 -19.64
CA THR B 204 12.79 -9.49 -20.43
C THR B 204 14.08 -9.41 -21.22
N LYS B 205 14.06 -8.77 -22.39
CA LYS B 205 15.25 -8.78 -23.27
C LYS B 205 16.40 -7.88 -22.78
N PHE B 206 16.08 -6.97 -21.85
CA PHE B 206 17.06 -6.08 -21.21
C PHE B 206 16.72 -5.96 -19.71
N MET C 1 49.54 10.11 13.95
CA MET C 1 48.16 10.54 13.62
C MET C 1 47.77 10.16 12.20
N VAL C 2 46.46 10.04 11.94
CA VAL C 2 45.98 9.67 10.62
C VAL C 2 46.62 10.55 9.56
N HIS C 3 46.95 9.94 8.43
CA HIS C 3 47.62 10.65 7.35
C HIS C 3 46.81 10.48 6.08
N TYR C 4 46.50 11.59 5.43
CA TYR C 4 45.76 11.54 4.17
C TYR C 4 46.63 12.06 3.05
N LYS C 5 46.57 11.41 1.89
CA LYS C 5 47.18 11.91 0.65
C LYS C 5 46.11 11.92 -0.45
N LEU C 6 46.09 13.00 -1.22
CA LEU C 6 45.25 13.12 -2.39
C LEU C 6 46.16 13.31 -3.57
N THR C 7 46.01 12.44 -4.56
CA THR C 7 46.82 12.56 -5.78
C THR C 7 45.89 12.90 -6.94
N TYR C 8 46.25 13.95 -7.69
CA TYR C 8 45.49 14.34 -8.86
C TYR C 8 46.41 15.15 -9.79
N PHE C 9 45.83 15.66 -10.89
CA PHE C 9 46.52 16.60 -11.75
C PHE C 9 46.71 17.96 -11.11
N ALA C 10 47.48 18.81 -11.79
CA ALA C 10 47.68 20.18 -11.38
C ALA C 10 46.50 21.05 -11.86
N GLY C 11 45.43 21.03 -11.05
CA GLY C 11 44.18 21.64 -11.43
C GLY C 11 43.08 21.31 -10.43
N ARG C 12 41.90 21.90 -10.65
CA ARG C 12 40.81 21.73 -9.72
C ARG C 12 40.09 20.43 -10.10
N GLY C 13 39.36 20.46 -11.20
CA GLY C 13 38.78 19.24 -11.79
C GLY C 13 38.05 18.39 -10.75
N LEU C 14 38.24 17.09 -10.83
CA LEU C 14 37.51 16.11 -10.01
C LEU C 14 37.99 16.06 -8.57
N ALA C 15 39.19 16.60 -8.34
CA ALA C 15 39.76 16.60 -6.98
C ALA C 15 39.22 17.71 -6.11
N GLU C 16 38.76 18.80 -6.72
CA GLU C 16 38.57 20.04 -5.95
C GLU C 16 37.56 19.99 -4.79
N PRO C 17 36.36 19.43 -5.00
CA PRO C 17 35.45 19.25 -3.86
C PRO C 17 36.05 18.44 -2.70
N ILE C 18 36.92 17.48 -3.01
CA ILE C 18 37.60 16.68 -1.98
C ILE C 18 38.55 17.58 -1.17
N ARG C 19 39.34 18.41 -1.88
CA ARG C 19 40.16 19.43 -1.22
C ARG C 19 39.35 20.37 -0.34
N GLN C 20 38.15 20.70 -0.78
CA GLN C 20 37.26 21.55 0.00
C GLN C 20 36.67 20.87 1.26
N ILE C 21 36.39 19.56 1.19
CA ILE C 21 35.98 18.79 2.40
C ILE C 21 37.07 18.84 3.46
N PHE C 22 38.32 18.62 3.04
CA PHE C 22 39.47 18.77 3.96
C PHE C 22 39.55 20.20 4.57
N ALA C 23 39.36 21.22 3.75
CA ALA C 23 39.37 22.61 4.22
C ALA C 23 38.24 22.86 5.24
N LEU C 24 37.05 22.37 4.94
CA LEU C 24 35.91 22.53 5.85
C LEU C 24 36.15 21.82 7.15
N ALA C 25 36.78 20.66 7.07
CA ALA C 25 37.04 19.84 8.26
C ALA C 25 38.22 20.34 9.12
N GLY C 26 39.06 21.22 8.56
CA GLY C 26 40.32 21.62 9.22
C GLY C 26 41.28 20.45 9.31
N GLN C 27 41.21 19.57 8.31
CA GLN C 27 42.03 18.37 8.30
C GLN C 27 43.20 18.51 7.34
N LYS C 28 44.41 18.41 7.86
CA LYS C 28 45.59 18.50 7.03
C LYS C 28 45.69 17.25 6.13
N TYR C 29 46.17 17.44 4.90
CA TYR C 29 46.40 16.36 3.95
C TYR C 29 47.59 16.71 3.05
N GLU C 30 48.17 15.69 2.44
CA GLU C 30 49.24 15.84 1.43
C GLU C 30 48.59 15.97 0.05
N ASP C 31 48.71 17.14 -0.57
CA ASP C 31 48.06 17.43 -1.84
C ASP C 31 49.10 17.26 -2.98
N VAL C 32 49.12 16.07 -3.60
CA VAL C 32 50.05 15.71 -4.67
C VAL C 32 49.45 16.02 -6.04
N ARG C 33 50.16 16.81 -6.85
CA ARG C 33 49.66 17.24 -8.16
C ARG C 33 50.65 16.91 -9.27
N TYR C 34 50.18 16.18 -10.26
CA TYR C 34 50.95 15.88 -11.45
C TYR C 34 50.51 16.75 -12.60
N THR C 35 51.47 17.31 -13.35
CA THR C 35 51.14 17.85 -14.67
C THR C 35 50.72 16.69 -15.59
N PHE C 36 50.04 16.99 -16.71
CA PHE C 36 49.68 15.96 -17.71
C PHE C 36 50.89 15.06 -18.05
N GLN C 37 52.04 15.69 -18.26
CA GLN C 37 53.23 14.99 -18.71
C GLN C 37 53.87 14.09 -17.62
N GLU C 38 53.68 14.44 -16.35
CA GLU C 38 54.21 13.66 -15.22
C GLU C 38 53.34 12.43 -14.90
N TRP C 39 52.08 12.47 -15.31
CA TRP C 39 51.11 11.47 -14.89
C TRP C 39 51.35 10.03 -15.38
N PRO C 40 51.62 9.84 -16.70
CA PRO C 40 51.74 8.46 -17.21
C PRO C 40 52.65 7.51 -16.42
N LYS C 41 53.74 8.00 -15.84
CA LYS C 41 54.63 7.10 -15.10
C LYS C 41 54.01 6.58 -13.80
N HIS C 42 52.91 7.21 -13.38
CA HIS C 42 52.22 6.84 -12.12
C HIS C 42 50.90 6.08 -12.33
N LYS C 43 50.43 6.04 -13.59
CA LYS C 43 49.12 5.50 -13.92
C LYS C 43 48.88 4.12 -13.27
N ASP C 44 49.85 3.22 -13.44
CA ASP C 44 49.73 1.82 -13.01
C ASP C 44 49.75 1.61 -11.49
N GLU C 45 50.06 2.65 -10.73
CA GLU C 45 49.97 2.58 -9.26
C GLU C 45 48.52 2.64 -8.76
N MET C 46 47.62 3.07 -9.62
CA MET C 46 46.26 3.44 -9.21
C MET C 46 45.25 2.33 -9.45
N PRO C 47 44.28 2.17 -8.52
CA PRO C 47 43.35 1.03 -8.59
C PRO C 47 42.70 0.85 -9.96
N PHE C 48 42.32 1.96 -10.58
CA PHE C 48 41.70 1.88 -11.89
C PHE C 48 42.52 2.63 -12.95
N GLY C 49 43.81 2.81 -12.68
CA GLY C 49 44.67 3.56 -13.61
C GLY C 49 44.20 4.99 -13.84
N GLN C 50 43.51 5.56 -12.86
CA GLN C 50 42.99 6.93 -12.97
C GLN C 50 43.17 7.69 -11.65
N ILE C 51 43.00 9.00 -11.71
CA ILE C 51 43.01 9.89 -10.56
C ILE C 51 41.72 10.74 -10.57
N PRO C 52 41.25 11.21 -9.41
CA PRO C 52 41.94 11.21 -8.11
C PRO C 52 41.93 9.88 -7.35
N VAL C 53 42.94 9.74 -6.50
CA VAL C 53 43.03 8.63 -5.55
C VAL C 53 43.41 9.19 -4.19
N LEU C 54 42.68 8.74 -3.16
CA LEU C 54 43.02 9.04 -1.78
C LEU C 54 43.84 7.89 -1.18
N GLU C 55 44.80 8.22 -0.30
CA GLU C 55 45.33 7.24 0.64
C GLU C 55 45.02 7.68 2.07
N GLU C 56 44.55 6.72 2.87
CA GLU C 56 44.41 6.94 4.31
C GLU C 56 45.30 5.90 4.97
N ASP C 57 46.28 6.37 5.74
CA ASP C 57 47.29 5.48 6.31
C ASP C 57 47.78 4.45 5.27
N GLY C 58 48.06 4.92 4.06
CA GLY C 58 48.55 4.09 2.95
C GLY C 58 47.55 3.20 2.20
N LYS C 59 46.29 3.16 2.62
CA LYS C 59 45.29 2.38 1.88
C LYS C 59 44.68 3.25 0.77
N GLN C 60 44.68 2.75 -0.46
CA GLN C 60 44.15 3.53 -1.58
C GLN C 60 42.63 3.45 -1.68
N LEU C 61 42.01 4.57 -2.01
CA LEU C 61 40.61 4.60 -2.39
C LEU C 61 40.51 5.50 -3.62
N ALA C 62 40.09 4.91 -4.73
CA ALA C 62 39.88 5.66 -5.96
C ALA C 62 38.42 6.09 -6.11
N GLN C 63 38.16 6.84 -7.18
CA GLN C 63 36.83 7.30 -7.62
C GLN C 63 36.40 8.51 -6.79
N SER C 64 36.39 9.67 -7.44
CA SER C 64 36.18 10.96 -6.79
C SER C 64 34.94 11.04 -5.90
N PHE C 65 33.80 10.51 -6.36
CA PHE C 65 32.59 10.54 -5.53
C PHE C 65 32.67 9.57 -4.34
N ALA C 66 33.23 8.38 -4.57
CA ALA C 66 33.49 7.47 -3.45
C ALA C 66 34.36 8.17 -2.40
N ILE C 67 35.43 8.82 -2.85
CA ILE C 67 36.31 9.56 -1.93
C ILE C 67 35.54 10.67 -1.23
N ALA C 68 34.80 11.46 -1.99
CA ALA C 68 34.07 12.60 -1.41
C ALA C 68 33.08 12.15 -0.33
N ARG C 69 32.32 11.09 -0.61
CA ARG C 69 31.35 10.53 0.31
C ARG C 69 32.05 9.97 1.56
N TYR C 70 33.12 9.21 1.38
CA TYR C 70 33.84 8.62 2.51
C TYR C 70 34.26 9.71 3.52
N LEU C 71 34.89 10.76 3.00
CA LEU C 71 35.37 11.87 3.85
C LEU C 71 34.22 12.70 4.40
N SER C 72 33.17 12.87 3.59
CA SER C 72 32.00 13.65 4.02
C SER C 72 31.29 12.97 5.18
N ARG C 73 31.19 11.64 5.15
CA ARG C 73 30.59 10.91 6.28
C ARG C 73 31.39 11.05 7.56
N LYS C 74 32.71 11.04 7.42
CA LYS C 74 33.64 11.12 8.53
C LYS C 74 33.61 12.49 9.21
N PHE C 75 33.42 13.52 8.38
CA PHE C 75 33.58 14.90 8.81
C PHE C 75 32.27 15.67 8.93
N GLY C 76 31.15 15.06 8.59
CA GLY C 76 29.84 15.69 8.81
C GLY C 76 29.23 16.49 7.66
N PHE C 77 29.59 16.14 6.42
CA PHE C 77 29.07 16.82 5.22
C PHE C 77 28.34 15.90 4.26
N ALA C 78 27.82 14.77 4.76
CA ALA C 78 27.15 13.78 3.90
C ALA C 78 25.60 13.84 3.95
N GLY C 79 25.06 14.61 4.91
CA GLY C 79 23.63 14.58 5.23
C GLY C 79 23.49 14.21 6.71
N LYS C 80 22.35 14.57 7.30
CA LYS C 80 22.14 14.41 8.77
C LYS C 80 21.46 13.10 9.20
N THR C 81 20.73 12.47 8.26
CA THR C 81 20.01 11.25 8.51
C THR C 81 20.30 10.32 7.34
N PRO C 82 20.11 8.99 7.53
CA PRO C 82 20.29 8.08 6.39
C PRO C 82 19.47 8.44 5.14
N PHE C 83 18.21 8.88 5.29
CA PHE C 83 17.46 9.28 4.11
C PHE C 83 18.01 10.56 3.48
N GLU C 84 18.37 11.55 4.29
CA GLU C 84 19.04 12.76 3.76
C GLU C 84 20.37 12.45 3.05
N GLU C 85 21.14 11.52 3.60
CA GLU C 85 22.39 11.09 2.95
C GLU C 85 22.11 10.55 1.54
N ALA C 86 21.06 9.75 1.42
CA ALA C 86 20.66 9.18 0.12
C ALA C 86 20.23 10.29 -0.85
N LEU C 87 19.45 11.24 -0.36
CA LEU C 87 19.05 12.41 -1.17
C LEU C 87 20.27 13.17 -1.66
N VAL C 88 21.21 13.44 -0.74
CA VAL C 88 22.52 14.03 -1.12
C VAL C 88 23.19 13.21 -2.24
N ASP C 89 23.30 11.88 -2.09
CA ASP C 89 23.85 11.02 -3.15
C ASP C 89 23.13 11.21 -4.48
N SER C 90 21.80 11.37 -4.43
CA SER C 90 21.01 11.40 -5.66
C SER C 90 21.33 12.70 -6.45
N VAL C 91 21.51 13.80 -5.71
CA VAL C 91 21.82 15.10 -6.30
C VAL C 91 23.23 15.04 -6.87
N ALA C 92 24.16 14.46 -6.11
CA ALA C 92 25.52 14.26 -6.63
C ALA C 92 25.54 13.36 -7.91
N ASP C 93 24.68 12.33 -7.96
CA ASP C 93 24.65 11.44 -9.14
C ASP C 93 24.01 12.19 -10.33
N GLN C 94 23.02 13.05 -10.08
CA GLN C 94 22.49 13.90 -11.16
C GLN C 94 23.57 14.84 -11.69
N TYR C 95 24.31 15.43 -10.75
CA TYR C 95 25.45 16.26 -11.11
C TYR C 95 26.44 15.48 -11.99
N LYS C 96 26.76 14.25 -11.60
CA LYS C 96 27.72 13.45 -12.37
C LYS C 96 27.18 13.18 -13.78
N ASP C 97 25.88 12.89 -13.88
CA ASP C 97 25.24 12.70 -15.21
C ASP C 97 25.40 13.97 -16.09
N TYR C 98 25.14 15.14 -15.50
CA TYR C 98 25.30 16.42 -16.19
C TYR C 98 26.75 16.61 -16.69
N ILE C 99 27.72 16.34 -15.83
CA ILE C 99 29.12 16.49 -16.18
C ILE C 99 29.49 15.53 -17.33
N ASN C 100 28.98 14.30 -17.27
CA ASN C 100 29.11 13.38 -18.40
C ASN C 100 28.55 14.00 -19.70
N GLU C 101 27.35 14.56 -19.62
CA GLU C 101 26.73 15.20 -20.79
C GLU C 101 27.68 16.24 -21.42
N ILE C 102 28.34 17.05 -20.57
CA ILE C 102 29.16 18.16 -21.08
C ILE C 102 30.65 17.82 -21.20
N ARG C 103 31.02 16.56 -20.97
CA ARG C 103 32.40 16.10 -21.16
C ARG C 103 33.05 16.62 -22.47
N PRO C 104 32.38 16.48 -23.62
CA PRO C 104 33.02 17.05 -24.85
C PRO C 104 33.45 18.52 -24.71
N TYR C 105 32.66 19.34 -24.03
CA TYR C 105 33.02 20.73 -23.79
C TYR C 105 34.21 20.84 -22.81
N LEU C 106 34.13 20.13 -21.69
CA LEU C 106 35.19 20.20 -20.66
C LEU C 106 36.58 19.80 -21.17
N ARG C 107 36.62 18.75 -21.98
CA ARG C 107 37.86 18.24 -22.55
C ARG C 107 38.51 19.25 -23.52
N VAL C 108 37.68 19.97 -24.28
CA VAL C 108 38.22 21.03 -25.15
C VAL C 108 38.83 22.15 -24.30
N VAL C 109 38.12 22.55 -23.25
CA VAL C 109 38.60 23.63 -22.40
C VAL C 109 39.92 23.24 -21.71
N ALA C 110 40.01 21.98 -21.29
CA ALA C 110 41.18 21.46 -20.61
C ALA C 110 42.39 21.28 -21.56
N GLY C 111 42.12 21.26 -22.86
CA GLY C 111 43.19 21.11 -23.85
C GLY C 111 43.41 19.73 -24.44
N VAL C 112 42.71 18.73 -23.91
CA VAL C 112 42.96 17.32 -24.28
C VAL C 112 42.20 16.88 -25.53
N ASP C 113 41.10 17.58 -25.81
CA ASP C 113 40.35 17.41 -27.06
C ASP C 113 40.48 18.67 -27.89
N GLN C 114 40.42 18.53 -29.21
CA GLN C 114 40.39 19.70 -30.08
C GLN C 114 38.96 20.04 -30.40
N GLY C 115 38.66 21.34 -30.46
CA GLY C 115 37.35 21.79 -30.87
C GLY C 115 37.14 23.26 -30.60
N ASP C 116 35.91 23.72 -30.81
CA ASP C 116 35.53 25.11 -30.60
C ASP C 116 34.79 25.25 -29.27
N PRO C 117 35.45 25.84 -28.24
CA PRO C 117 34.82 25.90 -26.91
C PRO C 117 33.58 26.82 -26.89
N GLU C 118 33.59 27.87 -27.70
CA GLU C 118 32.44 28.80 -27.76
C GLU C 118 31.23 28.09 -28.33
N LYS C 119 31.43 27.41 -29.46
CA LYS C 119 30.38 26.61 -30.10
C LYS C 119 29.83 25.50 -29.18
N LEU C 120 30.72 24.75 -28.55
CA LEU C 120 30.32 23.71 -27.58
C LEU C 120 29.60 24.28 -26.36
N PHE C 121 30.07 25.41 -25.88
CA PHE C 121 29.39 26.07 -24.77
C PHE C 121 27.92 26.34 -25.13
N LYS C 122 27.70 26.95 -26.30
CA LYS C 122 26.35 27.32 -26.73
C LYS C 122 25.48 26.14 -27.09
N GLU C 123 26.06 25.14 -27.76
CA GLU C 123 25.26 24.03 -28.30
C GLU C 123 25.10 22.85 -27.36
N LEU C 124 26.06 22.69 -26.45
CA LEU C 124 26.07 21.57 -25.52
C LEU C 124 25.88 22.01 -24.06
N LEU C 125 26.68 22.97 -23.59
CA LEU C 125 26.62 23.30 -22.16
C LEU C 125 25.32 24.00 -21.77
N LEU C 126 24.96 25.05 -22.50
CA LEU C 126 23.73 25.77 -22.18
C LEU C 126 22.48 24.88 -22.11
N PRO C 127 22.16 24.08 -23.15
CA PRO C 127 21.00 23.19 -23.06
C PRO C 127 21.07 22.19 -21.89
N ALA C 128 22.25 21.62 -21.67
CA ALA C 128 22.46 20.69 -20.55
C ALA C 128 22.20 21.36 -19.22
N ARG C 129 22.77 22.55 -19.01
CA ARG C 129 22.61 23.20 -17.71
C ARG C 129 21.16 23.71 -17.52
N GLU C 130 20.49 24.00 -18.63
CA GLU C 130 19.11 24.43 -18.56
C GLU C 130 18.27 23.35 -17.87
N LYS C 131 18.44 22.09 -18.30
CA LYS C 131 17.75 20.94 -17.71
C LYS C 131 18.26 20.72 -16.26
N PHE C 132 19.57 20.71 -16.12
CA PHE C 132 20.17 20.34 -14.84
C PHE C 132 19.88 21.41 -13.78
N PHE C 133 20.06 22.69 -14.13
CA PHE C 133 19.81 23.80 -13.17
C PHE C 133 18.33 23.92 -12.80
N GLY C 134 17.45 23.57 -13.74
CA GLY C 134 16.01 23.46 -13.47
C GLY C 134 15.72 22.52 -12.30
N PHE C 135 16.40 21.38 -12.26
CA PHE C 135 16.17 20.41 -11.17
C PHE C 135 16.78 20.92 -9.88
N MET C 136 17.98 21.50 -9.98
CA MET C 136 18.67 22.02 -8.79
C MET C 136 17.83 23.12 -8.12
N LYS C 137 17.25 23.98 -8.94
CA LYS C 137 16.32 25.02 -8.46
C LYS C 137 15.14 24.43 -7.64
N LYS C 138 14.56 23.34 -8.12
CA LYS C 138 13.48 22.69 -7.37
C LYS C 138 13.96 22.12 -6.05
N PHE C 139 15.20 21.61 -6.03
CA PHE C 139 15.80 21.16 -4.75
C PHE C 139 16.00 22.30 -3.75
N LEU C 140 16.52 23.42 -4.23
CA LEU C 140 16.68 24.63 -3.41
C LEU C 140 15.34 25.17 -2.90
N GLU C 141 14.32 25.10 -3.76
CA GLU C 141 12.97 25.53 -3.37
C GLU C 141 12.41 24.67 -2.27
N LYS C 142 12.75 23.39 -2.27
CA LYS C 142 12.33 22.48 -1.22
C LYS C 142 13.11 22.70 0.09
N SER C 143 14.41 22.96 0.00
CA SER C 143 15.21 23.13 1.23
C SER C 143 14.93 24.44 1.94
N LYS C 144 14.61 25.50 1.18
CA LYS C 144 14.48 26.85 1.69
C LYS C 144 15.69 27.29 2.57
N SER C 145 16.83 26.62 2.40
CA SER C 145 18.01 26.88 3.21
C SER C 145 19.15 27.53 2.46
N GLY C 146 19.03 27.63 1.13
CA GLY C 146 20.16 27.98 0.28
C GLY C 146 21.10 26.83 -0.06
N TYR C 147 20.90 25.67 0.56
CA TYR C 147 21.67 24.46 0.21
C TYR C 147 20.77 23.49 -0.55
N LEU C 148 21.38 22.59 -1.34
CA LEU C 148 20.63 21.69 -2.22
C LEU C 148 19.77 20.70 -1.43
N VAL C 149 20.34 20.13 -0.36
CA VAL C 149 19.61 19.19 0.48
C VAL C 149 19.82 19.54 1.96
N GLY C 150 18.72 19.73 2.68
CA GLY C 150 18.74 20.06 4.11
C GLY C 150 19.27 21.45 4.41
N ASP C 151 19.70 21.69 5.65
CA ASP C 151 19.95 23.09 6.03
C ASP C 151 21.42 23.46 6.24
N SER C 152 22.32 22.59 5.78
CA SER C 152 23.75 22.86 5.89
C SER C 152 24.51 22.26 4.72
N VAL C 153 25.78 22.68 4.59
CA VAL C 153 26.55 22.35 3.39
C VAL C 153 26.82 20.85 3.32
N THR C 154 26.73 20.30 2.10
CA THR C 154 27.11 18.92 1.86
C THR C 154 28.07 18.86 0.66
N TYR C 155 28.69 17.71 0.43
CA TYR C 155 29.57 17.55 -0.72
C TYR C 155 28.84 17.81 -2.04
N ALA C 156 27.53 17.61 -2.09
CA ALA C 156 26.77 17.99 -3.30
C ALA C 156 26.84 19.49 -3.59
N ASP C 157 26.67 20.31 -2.54
CA ASP C 157 26.83 21.78 -2.67
C ASP C 157 28.24 22.14 -3.18
N LEU C 158 29.27 21.52 -2.61
CA LEU C 158 30.65 21.80 -3.05
C LEU C 158 30.82 21.53 -4.54
N CYS C 159 30.34 20.37 -4.99
CA CYS C 159 30.43 19.98 -6.41
C CYS C 159 29.78 21.03 -7.31
N LEU C 160 28.52 21.36 -7.03
CA LEU C 160 27.81 22.39 -7.81
C LEU C 160 28.48 23.77 -7.77
N ALA C 161 28.79 24.27 -6.58
CA ALA C 161 29.40 25.58 -6.43
C ALA C 161 30.74 25.69 -7.16
N GLU C 162 31.58 24.65 -7.05
CA GLU C 162 32.87 24.68 -7.72
C GLU C 162 32.68 24.62 -9.24
N HIS C 163 31.74 23.80 -9.71
CA HIS C 163 31.50 23.72 -11.14
C HIS C 163 31.02 25.08 -11.70
N THR C 164 30.03 25.68 -11.06
CA THR C 164 29.40 26.84 -11.69
C THR C 164 30.32 28.05 -11.60
N SER C 165 30.94 28.24 -10.44
CA SER C 165 31.92 29.32 -10.31
C SER C 165 33.11 29.14 -11.28
N GLY C 166 33.57 27.89 -11.43
CA GLY C 166 34.70 27.57 -12.33
C GLY C 166 34.40 27.93 -13.78
N ILE C 167 33.26 27.47 -14.28
CA ILE C 167 32.83 27.89 -15.64
C ILE C 167 32.61 29.40 -15.73
N ALA C 168 31.96 29.97 -14.71
CA ALA C 168 31.56 31.41 -14.74
C ALA C 168 32.74 32.37 -14.87
N ALA C 169 33.94 31.91 -14.53
CA ALA C 169 35.14 32.72 -14.71
C ALA C 169 35.43 32.99 -16.19
N LYS C 170 35.04 32.07 -17.06
CA LYS C 170 35.22 32.20 -18.51
C LYS C 170 33.91 32.64 -19.16
N PHE C 171 32.82 32.01 -18.74
CA PHE C 171 31.53 32.17 -19.39
C PHE C 171 30.46 32.46 -18.32
N PRO C 172 30.42 33.70 -17.80
CA PRO C 172 29.46 33.97 -16.71
C PRO C 172 28.00 33.81 -17.15
N SER C 173 27.77 33.68 -18.45
CA SER C 173 26.41 33.47 -18.95
C SER C 173 25.84 32.10 -18.58
N ILE C 174 26.66 31.22 -17.99
CA ILE C 174 26.13 29.97 -17.42
C ILE C 174 24.99 30.28 -16.43
N TYR C 175 25.09 31.41 -15.72
CA TYR C 175 24.11 31.77 -14.70
C TYR C 175 22.84 32.41 -15.27
N ASP C 176 22.84 32.71 -16.56
CA ASP C 176 21.67 33.32 -17.21
C ASP C 176 20.39 32.53 -16.99
N GLY C 177 19.36 33.22 -16.47
CA GLY C 177 18.08 32.60 -16.16
C GLY C 177 18.10 31.86 -14.83
N PHE C 178 19.26 31.81 -14.19
CA PHE C 178 19.43 31.09 -12.92
C PHE C 178 20.12 31.87 -11.80
N PRO C 179 19.53 33.01 -11.38
CA PRO C 179 20.14 33.80 -10.31
C PRO C 179 20.31 33.00 -9.02
N GLU C 180 19.40 32.08 -8.76
CA GLU C 180 19.47 31.32 -7.51
C GLU C 180 20.67 30.34 -7.50
N ILE C 181 21.12 29.94 -8.69
CA ILE C 181 22.25 29.05 -8.80
C ILE C 181 23.53 29.87 -8.57
N LYS C 182 23.53 31.11 -9.05
CA LYS C 182 24.62 32.03 -8.72
C LYS C 182 24.67 32.35 -7.22
N ALA C 183 23.50 32.54 -6.61
CA ALA C 183 23.40 32.80 -5.16
C ALA C 183 23.98 31.61 -4.41
N HIS C 184 23.70 30.41 -4.90
CA HIS C 184 24.12 29.17 -4.26
C HIS C 184 25.66 29.10 -4.22
N ALA C 185 26.29 29.37 -5.36
CA ALA C 185 27.76 29.35 -5.43
C ALA C 185 28.35 30.36 -4.45
N GLU C 186 27.74 31.53 -4.37
CA GLU C 186 28.22 32.62 -3.51
C GLU C 186 28.04 32.27 -2.03
N LYS C 187 26.92 31.65 -1.68
CA LYS C 187 26.72 31.17 -0.30
C LYS C 187 27.77 30.14 0.11
N VAL C 188 27.98 29.14 -0.73
CA VAL C 188 28.88 28.04 -0.41
C VAL C 188 30.31 28.58 -0.30
N ARG C 189 30.71 29.39 -1.28
CA ARG C 189 32.13 29.81 -1.36
C ARG C 189 32.48 30.86 -0.32
N SER C 190 31.46 31.38 0.36
CA SER C 190 31.66 32.31 1.48
C SER C 190 31.79 31.66 2.86
N ILE C 191 31.51 30.37 2.98
CA ILE C 191 31.78 29.69 4.25
C ILE C 191 33.25 29.90 4.60
N PRO C 192 33.54 30.40 5.82
CA PRO C 192 34.89 30.86 6.18
C PRO C 192 36.05 29.93 5.82
N ALA C 193 36.03 28.67 6.27
CA ALA C 193 37.13 27.74 5.96
C ALA C 193 37.30 27.59 4.46
N LEU C 194 36.19 27.60 3.73
CA LEU C 194 36.21 27.47 2.29
C LEU C 194 36.67 28.75 1.59
N LYS C 195 36.17 29.90 2.05
CA LYS C 195 36.60 31.19 1.53
C LYS C 195 38.13 31.35 1.61
N LYS C 196 38.71 31.03 2.78
CA LYS C 196 40.16 31.05 2.96
C LYS C 196 40.91 30.15 1.95
N TRP C 197 40.42 28.94 1.74
CA TRP C 197 41.03 28.04 0.75
C TRP C 197 40.96 28.59 -0.67
N ILE C 198 39.80 29.12 -1.06
CA ILE C 198 39.64 29.71 -2.40
C ILE C 198 40.64 30.87 -2.56
N GLU C 199 40.89 31.58 -1.46
CA GLU C 199 41.84 32.69 -1.47
C GLU C 199 43.29 32.25 -1.64
N THR C 200 43.60 31.02 -1.22
CA THR C 200 45.01 30.58 -1.25
C THR C 200 45.33 29.50 -2.29
N ARG C 201 44.32 28.81 -2.83
CA ARG C 201 44.55 27.69 -3.75
C ARG C 201 45.31 28.10 -5.01
N PRO C 202 46.08 27.17 -5.60
CA PRO C 202 46.75 27.48 -6.88
C PRO C 202 45.79 27.95 -7.96
N GLU C 203 46.24 28.88 -8.79
CA GLU C 203 45.50 29.34 -9.94
C GLU C 203 45.72 28.35 -11.07
N THR C 204 44.68 27.57 -11.39
CA THR C 204 44.76 26.58 -12.47
C THR C 204 43.66 26.80 -13.48
N LYS C 205 43.92 26.38 -14.73
CA LYS C 205 43.02 26.60 -15.86
C LYS C 205 41.71 25.83 -15.73
N PHE C 206 41.82 24.62 -15.17
CA PHE C 206 40.66 23.75 -14.89
C PHE C 206 40.78 23.19 -13.47
N MET D 1 2.55 2.58 6.12
CA MET D 1 3.80 3.27 6.54
C MET D 1 4.40 2.63 7.78
N VAL D 2 5.68 2.91 8.05
CA VAL D 2 6.39 2.26 9.17
C VAL D 2 5.61 2.53 10.45
N HIS D 3 5.51 1.52 11.31
CA HIS D 3 4.74 1.66 12.54
C HIS D 3 5.66 1.53 13.74
N TYR D 4 5.68 2.56 14.58
CA TYR D 4 6.42 2.52 15.83
C TYR D 4 5.48 2.41 17.01
N LYS D 5 5.82 1.52 17.92
CA LYS D 5 5.07 1.41 19.17
C LYS D 5 6.09 1.49 20.30
N LEU D 6 5.78 2.31 21.30
CA LEU D 6 6.58 2.41 22.51
C LEU D 6 5.73 2.03 23.70
N THR D 7 6.23 1.09 24.47
CA THR D 7 5.49 0.57 25.62
C THR D 7 6.23 0.88 26.90
N TYR D 8 5.52 1.49 27.85
CA TYR D 8 6.14 1.85 29.14
C TYR D 8 5.00 2.01 30.15
N PHE D 9 5.34 2.46 31.35
CA PHE D 9 4.33 2.82 32.33
C PHE D 9 3.70 4.18 31.98
N ALA D 10 2.66 4.53 32.73
CA ALA D 10 2.05 5.85 32.65
C ALA D 10 2.93 6.79 33.45
N GLY D 11 4.02 7.23 32.84
CA GLY D 11 4.95 8.16 33.46
C GLY D 11 6.03 8.57 32.45
N ARG D 12 6.82 9.57 32.84
CA ARG D 12 7.91 10.03 31.98
C ARG D 12 9.08 9.06 32.10
N GLY D 13 9.73 9.03 33.28
CA GLY D 13 10.79 8.07 33.55
C GLY D 13 11.74 7.82 32.37
N LEU D 14 12.02 6.54 32.11
CA LEU D 14 12.99 6.13 31.08
C LEU D 14 12.45 6.29 29.65
N ALA D 15 11.14 6.30 29.48
CA ALA D 15 10.58 6.44 28.10
C ALA D 15 10.64 7.86 27.57
N GLU D 16 10.72 8.85 28.45
CA GLU D 16 10.39 10.21 28.05
C GLU D 16 11.34 10.82 26.98
N PRO D 17 12.66 10.66 27.13
CA PRO D 17 13.55 11.15 26.05
C PRO D 17 13.27 10.46 24.70
N ILE D 18 12.85 9.21 24.73
CA ILE D 18 12.37 8.52 23.51
C ILE D 18 11.14 9.20 22.88
N ARG D 19 10.16 9.53 23.72
CA ARG D 19 8.98 10.28 23.28
C ARG D 19 9.39 11.62 22.70
N GLN D 20 10.42 12.23 23.30
CA GLN D 20 10.90 13.53 22.86
C GLN D 20 11.63 13.45 21.49
N ILE D 21 12.38 12.38 21.24
CA ILE D 21 12.94 12.12 19.88
C ILE D 21 11.86 12.06 18.79
N PHE D 22 10.79 11.31 19.07
CA PHE D 22 9.66 11.25 18.15
C PHE D 22 9.05 12.64 17.90
N ALA D 23 8.89 13.43 18.96
CA ALA D 23 8.35 14.80 18.81
C ALA D 23 9.25 15.65 17.92
N LEU D 24 10.54 15.62 18.20
CA LEU D 24 11.51 16.39 17.42
C LEU D 24 11.54 15.97 15.96
N ALA D 25 11.38 14.67 15.72
CA ALA D 25 11.39 14.08 14.37
C ALA D 25 10.09 14.31 13.59
N GLY D 26 9.05 14.72 14.29
CA GLY D 26 7.71 14.79 13.68
C GLY D 26 7.27 13.41 13.22
N GLN D 27 7.68 12.39 13.98
CA GLN D 27 7.38 10.98 13.66
C GLN D 27 6.27 10.46 14.55
N LYS D 28 5.16 10.06 13.92
CA LYS D 28 4.03 9.50 14.64
C LYS D 28 4.35 8.14 15.24
N TYR D 29 3.83 7.89 16.43
CA TYR D 29 4.03 6.58 17.04
C TYR D 29 2.87 6.28 18.01
N GLU D 30 2.70 4.99 18.31
CA GLU D 30 1.75 4.51 19.30
C GLU D 30 2.36 4.51 20.71
N ASP D 31 1.85 5.38 21.56
CA ASP D 31 2.34 5.53 22.92
C ASP D 31 1.51 4.65 23.86
N VAL D 32 2.09 3.53 24.25
CA VAL D 32 1.43 2.56 25.12
C VAL D 32 1.85 2.81 26.57
N ARG D 33 0.87 3.08 27.43
CA ARG D 33 1.13 3.32 28.85
C ARG D 33 0.36 2.34 29.74
N TYR D 34 1.10 1.45 30.37
CA TYR D 34 0.51 0.46 31.25
C TYR D 34 0.30 0.99 32.66
N THR D 35 -0.87 0.68 33.26
CA THR D 35 -1.05 0.77 34.72
C THR D 35 -0.08 -0.18 35.40
N PHE D 36 0.13 0.03 36.70
CA PHE D 36 1.06 -0.81 37.45
C PHE D 36 0.62 -2.29 37.55
N GLN D 37 -0.68 -2.52 37.56
CA GLN D 37 -1.21 -3.87 37.74
C GLN D 37 -1.39 -4.68 36.46
N GLU D 38 -1.63 -4.00 35.33
CA GLU D 38 -1.69 -4.69 34.03
C GLU D 38 -0.32 -5.10 33.52
N TRP D 39 0.73 -4.50 34.08
CA TRP D 39 2.09 -4.79 33.67
C TRP D 39 2.57 -6.25 33.85
N PRO D 40 2.34 -6.89 35.03
CA PRO D 40 2.90 -8.24 35.18
C PRO D 40 2.42 -9.26 34.13
N LYS D 41 1.21 -9.11 33.61
CA LYS D 41 0.73 -10.03 32.56
C LYS D 41 1.42 -9.84 31.21
N HIS D 42 2.07 -8.68 31.01
CA HIS D 42 2.83 -8.39 29.78
C HIS D 42 4.34 -8.59 29.93
N LYS D 43 4.79 -8.78 31.16
CA LYS D 43 6.21 -8.86 31.47
C LYS D 43 6.97 -9.91 30.63
N ASP D 44 6.41 -11.12 30.55
CA ASP D 44 7.06 -12.18 29.79
C ASP D 44 7.19 -11.92 28.28
N GLU D 45 6.33 -11.08 27.71
CA GLU D 45 6.46 -10.65 26.29
C GLU D 45 7.72 -9.84 25.96
N MET D 46 8.42 -9.33 26.98
CA MET D 46 9.50 -8.37 26.76
C MET D 46 10.86 -9.06 26.77
N PRO D 47 11.78 -8.63 25.87
CA PRO D 47 13.06 -9.29 25.69
C PRO D 47 13.78 -9.55 27.02
N PHE D 48 13.74 -8.59 27.95
CA PHE D 48 14.44 -8.73 29.24
C PHE D 48 13.49 -8.65 30.42
N GLY D 49 12.20 -8.83 30.14
CA GLY D 49 11.15 -8.74 31.16
C GLY D 49 10.99 -7.33 31.71
N GLN D 50 11.36 -6.32 30.93
CA GLN D 50 11.27 -4.94 31.40
C GLN D 50 10.80 -3.99 30.30
N ILE D 51 10.45 -2.78 30.71
CA ILE D 51 10.12 -1.69 29.78
C ILE D 51 11.02 -0.47 30.11
N PRO D 52 11.26 0.43 29.13
CA PRO D 52 10.54 0.51 27.83
C PRO D 52 10.95 -0.48 26.76
N VAL D 53 10.00 -0.77 25.88
CA VAL D 53 10.26 -1.58 24.69
C VAL D 53 9.65 -0.88 23.47
N LEU D 54 10.45 -0.80 22.41
CA LEU D 54 10.03 -0.25 21.13
C LEU D 54 9.70 -1.42 20.22
N GLU D 55 8.71 -1.22 19.36
CA GLU D 55 8.52 -2.13 18.23
C GLU D 55 8.58 -1.32 16.96
N GLU D 56 9.32 -1.81 15.98
CA GLU D 56 9.30 -1.19 14.67
C GLU D 56 8.80 -2.27 13.72
N ASP D 57 7.63 -2.00 13.12
CA ASP D 57 6.92 -3.00 12.32
C ASP D 57 6.91 -4.36 13.01
N GLY D 58 6.65 -4.34 14.31
CA GLY D 58 6.51 -5.56 15.10
C GLY D 58 7.79 -6.18 15.63
N LYS D 59 8.95 -5.61 15.27
CA LYS D 59 10.23 -6.08 15.79
C LYS D 59 10.56 -5.38 17.13
N GLN D 60 10.81 -6.17 18.16
CA GLN D 60 11.06 -5.64 19.51
C GLN D 60 12.49 -5.19 19.68
N LEU D 61 12.64 -4.02 20.31
CA LEU D 61 13.92 -3.51 20.73
C LEU D 61 13.72 -2.95 22.14
N ALA D 62 14.40 -3.58 23.09
CA ALA D 62 14.38 -3.20 24.49
C ALA D 62 15.60 -2.31 24.81
N GLN D 63 15.66 -1.82 26.06
CA GLN D 63 16.73 -1.00 26.63
C GLN D 63 16.64 0.47 26.23
N SER D 64 16.28 1.33 27.18
CA SER D 64 16.00 2.75 26.88
C SER D 64 17.08 3.47 26.06
N PHE D 65 18.35 3.23 26.40
CA PHE D 65 19.41 3.90 25.65
C PHE D 65 19.60 3.29 24.26
N ALA D 66 19.42 1.97 24.13
CA ALA D 66 19.54 1.34 22.82
C ALA D 66 18.43 1.88 21.90
N ILE D 67 17.21 2.00 22.43
CA ILE D 67 16.09 2.58 21.68
C ILE D 67 16.38 4.03 21.30
N ALA D 68 16.77 4.84 22.29
CA ALA D 68 17.09 6.24 22.06
C ALA D 68 18.14 6.45 20.97
N ARG D 69 19.22 5.66 20.99
CA ARG D 69 20.30 5.75 19.99
C ARG D 69 19.80 5.32 18.62
N TYR D 70 19.04 4.22 18.59
CA TYR D 70 18.50 3.72 17.33
C TYR D 70 17.70 4.81 16.61
N LEU D 71 16.75 5.40 17.32
CA LEU D 71 15.88 6.47 16.77
C LEU D 71 16.65 7.76 16.45
N SER D 72 17.60 8.09 17.33
CA SER D 72 18.45 9.25 17.14
C SER D 72 19.30 9.17 15.88
N ARG D 73 19.80 7.97 15.56
CA ARG D 73 20.62 7.80 14.33
C ARG D 73 19.73 7.98 13.11
N LYS D 74 18.51 7.47 13.21
CA LYS D 74 17.57 7.50 12.11
C LYS D 74 17.13 8.93 11.84
N PHE D 75 17.04 9.74 12.89
CA PHE D 75 16.39 11.04 12.79
C PHE D 75 17.28 12.28 12.93
N GLY D 76 18.57 12.07 13.23
CA GLY D 76 19.54 13.14 13.28
C GLY D 76 19.85 13.72 14.65
N PHE D 77 19.66 12.94 15.71
CA PHE D 77 19.93 13.46 17.07
C PHE D 77 21.00 12.66 17.80
N ALA D 78 21.87 12.01 17.04
CA ALA D 78 22.87 11.10 17.62
C ALA D 78 24.26 11.72 17.66
N GLY D 79 24.43 12.85 16.97
CA GLY D 79 25.77 13.43 16.76
C GLY D 79 26.08 13.51 15.28
N LYS D 80 26.97 14.43 14.92
CA LYS D 80 27.16 14.85 13.50
C LYS D 80 28.20 14.01 12.75
N THR D 81 29.13 13.44 13.51
CA THR D 81 30.23 12.64 12.99
C THR D 81 30.37 11.40 13.88
N PRO D 82 31.02 10.34 13.38
CA PRO D 82 31.21 9.13 14.18
C PRO D 82 31.85 9.39 15.54
N PHE D 83 32.87 10.26 15.59
CA PHE D 83 33.51 10.54 16.89
C PHE D 83 32.57 11.27 17.83
N GLU D 84 31.82 12.23 17.27
CA GLU D 84 30.80 12.94 18.02
C GLU D 84 29.72 12.01 18.55
N GLU D 85 29.31 11.02 17.74
CA GLU D 85 28.32 10.05 18.16
C GLU D 85 28.80 9.29 19.41
N ALA D 86 30.09 8.91 19.40
CA ALA D 86 30.72 8.23 20.52
C ALA D 86 30.75 9.15 21.76
N LEU D 87 31.05 10.44 21.55
CA LEU D 87 31.06 11.43 22.66
C LEU D 87 29.68 11.59 23.29
N VAL D 88 28.64 11.70 22.45
CA VAL D 88 27.24 11.68 22.95
C VAL D 88 26.98 10.40 23.76
N ASP D 89 27.38 9.25 23.24
CA ASP D 89 27.18 7.96 23.96
C ASP D 89 27.85 8.01 25.31
N SER D 90 29.06 8.54 25.36
CA SER D 90 29.81 8.58 26.62
C SER D 90 29.11 9.48 27.64
N VAL D 91 28.60 10.63 27.20
CA VAL D 91 27.81 11.48 28.09
C VAL D 91 26.56 10.77 28.60
N ALA D 92 25.83 10.11 27.68
CA ALA D 92 24.62 9.39 28.06
C ALA D 92 24.93 8.26 29.06
N ASP D 93 26.04 7.56 28.84
CA ASP D 93 26.51 6.54 29.78
C ASP D 93 26.89 7.13 31.14
N GLN D 94 27.50 8.30 31.17
CA GLN D 94 27.73 8.98 32.47
C GLN D 94 26.40 9.33 33.19
N TYR D 95 25.43 9.82 32.42
CA TYR D 95 24.09 10.10 32.89
C TYR D 95 23.46 8.85 33.53
N LYS D 96 23.60 7.70 32.86
CA LYS D 96 23.08 6.42 33.37
C LYS D 96 23.78 6.03 34.70
N ASP D 97 25.10 6.26 34.80
CA ASP D 97 25.83 6.05 36.07
C ASP D 97 25.28 6.91 37.19
N TYR D 98 24.93 8.17 36.89
CA TYR D 98 24.40 9.09 37.87
C TYR D 98 22.99 8.69 38.31
N ILE D 99 22.16 8.30 37.35
CA ILE D 99 20.81 7.77 37.64
C ILE D 99 20.86 6.53 38.51
N ASN D 100 21.81 5.65 38.22
CA ASN D 100 22.08 4.49 39.07
C ASN D 100 22.41 4.89 40.50
N GLU D 101 23.32 5.87 40.65
CA GLU D 101 23.70 6.38 41.96
C GLU D 101 22.51 6.92 42.77
N ILE D 102 21.59 7.62 42.12
CA ILE D 102 20.45 8.27 42.81
C ILE D 102 19.11 7.50 42.77
N ARG D 103 19.17 6.22 42.38
CA ARG D 103 17.95 5.39 42.24
C ARG D 103 17.13 5.24 43.51
N PRO D 104 17.77 5.05 44.68
CA PRO D 104 17.00 5.03 45.93
C PRO D 104 16.02 6.20 46.04
N TYR D 105 16.50 7.41 45.77
CA TYR D 105 15.67 8.63 45.75
C TYR D 105 14.53 8.58 44.72
N LEU D 106 14.87 8.24 43.48
CA LEU D 106 13.90 8.16 42.39
C LEU D 106 12.72 7.20 42.62
N ARG D 107 12.98 6.08 43.31
CA ARG D 107 11.94 5.07 43.56
C ARG D 107 10.92 5.58 44.58
N VAL D 108 11.39 6.34 45.55
CA VAL D 108 10.51 6.98 46.53
C VAL D 108 9.64 8.04 45.85
N VAL D 109 10.26 8.94 45.09
CA VAL D 109 9.48 9.97 44.41
C VAL D 109 8.48 9.38 43.41
N ALA D 110 8.78 8.19 42.88
CA ALA D 110 7.88 7.50 41.93
C ALA D 110 6.83 6.59 42.60
N GLY D 111 6.87 6.51 43.94
CA GLY D 111 5.88 5.72 44.68
C GLY D 111 6.00 4.23 44.35
N VAL D 112 7.25 3.78 44.30
CA VAL D 112 7.56 2.35 44.21
C VAL D 112 7.83 1.98 45.65
N ASP D 113 8.96 2.45 46.18
CA ASP D 113 9.30 2.23 47.57
C ASP D 113 8.80 3.37 48.41
N GLN D 114 9.08 3.29 49.71
CA GLN D 114 8.67 4.30 50.66
C GLN D 114 9.92 4.80 51.33
N GLY D 115 9.88 6.06 51.76
CA GLY D 115 10.98 6.67 52.48
C GLY D 115 10.81 8.17 52.56
N ASP D 116 11.89 8.85 52.92
CA ASP D 116 11.92 10.29 53.15
C ASP D 116 12.50 11.03 51.93
N PRO D 117 11.63 11.60 51.08
CA PRO D 117 12.12 12.16 49.81
C PRO D 117 13.05 13.33 50.01
N GLU D 118 12.74 14.20 50.97
CA GLU D 118 13.61 15.36 51.26
C GLU D 118 14.97 14.94 51.83
N LYS D 119 15.00 13.89 52.64
CA LYS D 119 16.28 13.39 53.21
C LYS D 119 17.21 12.74 52.18
N LEU D 120 16.63 11.95 51.28
CA LEU D 120 17.41 11.27 50.25
C LEU D 120 17.90 12.29 49.24
N PHE D 121 17.07 13.30 48.97
CA PHE D 121 17.50 14.44 48.16
C PHE D 121 18.76 15.08 48.72
N LYS D 122 18.73 15.41 50.02
CA LYS D 122 19.85 16.10 50.66
C LYS D 122 21.10 15.25 50.72
N GLU D 123 20.93 13.99 51.13
CA GLU D 123 22.09 13.19 51.48
C GLU D 123 22.65 12.40 50.29
N LEU D 124 21.80 12.13 49.30
CA LEU D 124 22.18 11.30 48.14
C LEU D 124 22.21 12.10 46.83
N LEU D 125 21.09 12.75 46.50
CA LEU D 125 21.00 13.46 45.20
C LEU D 125 21.95 14.66 45.08
N LEU D 126 21.97 15.55 46.09
CA LEU D 126 22.84 16.73 46.05
C LEU D 126 24.33 16.43 45.86
N PRO D 127 24.92 15.51 46.65
CA PRO D 127 26.32 15.15 46.35
C PRO D 127 26.51 14.48 44.99
N ALA D 128 25.55 13.66 44.56
CA ALA D 128 25.70 12.95 43.29
C ALA D 128 25.70 13.95 42.15
N ARG D 129 24.77 14.89 42.19
CA ARG D 129 24.62 15.90 41.14
C ARG D 129 25.81 16.88 41.19
N GLU D 130 26.39 17.10 42.38
CA GLU D 130 27.64 17.88 42.44
C GLU D 130 28.68 17.33 41.49
N LYS D 131 28.99 16.04 41.63
CA LYS D 131 30.01 15.38 40.80
C LYS D 131 29.54 15.39 39.35
N PHE D 132 28.30 14.97 39.14
CA PHE D 132 27.79 14.74 37.78
C PHE D 132 27.66 16.04 37.00
N PHE D 133 27.03 17.07 37.59
CA PHE D 133 26.91 18.39 36.93
C PHE D 133 28.28 19.03 36.67
N GLY D 134 29.25 18.74 37.55
CA GLY D 134 30.62 19.21 37.31
C GLY D 134 31.15 18.67 36.00
N PHE D 135 30.92 17.38 35.75
CA PHE D 135 31.38 16.78 34.49
C PHE D 135 30.60 17.36 33.30
N MET D 136 29.29 17.53 33.45
CA MET D 136 28.47 18.11 32.37
C MET D 136 28.96 19.53 32.03
N LYS D 137 29.25 20.31 33.06
CA LYS D 137 29.91 21.62 32.90
C LYS D 137 31.17 21.57 32.03
N LYS D 138 32.06 20.60 32.27
CA LYS D 138 33.23 20.41 31.37
C LYS D 138 32.83 20.33 29.89
N PHE D 139 31.78 19.55 29.63
CA PHE D 139 31.39 19.26 28.26
C PHE D 139 30.76 20.49 27.61
N LEU D 140 29.95 21.21 28.38
CA LEU D 140 29.34 22.48 27.95
C LEU D 140 30.44 23.48 27.62
N GLU D 141 31.50 23.50 28.43
CA GLU D 141 32.62 24.42 28.20
C GLU D 141 33.41 24.11 26.94
N LYS D 142 33.49 22.82 26.60
CA LYS D 142 34.17 22.41 25.39
C LYS D 142 33.37 22.66 24.10
N SER D 143 32.05 22.50 24.19
CA SER D 143 31.20 22.66 23.01
C SER D 143 31.04 24.12 22.59
N LYS D 144 30.92 24.99 23.58
CA LYS D 144 30.60 26.42 23.43
C LYS D 144 29.28 26.71 22.68
N SER D 145 28.37 25.74 22.66
CA SER D 145 27.12 25.85 21.88
C SER D 145 25.88 25.91 22.77
N GLY D 146 26.04 25.56 24.05
CA GLY D 146 24.87 25.36 24.91
C GLY D 146 24.33 23.93 24.96
N TYR D 147 24.87 23.07 24.09
CA TYR D 147 24.56 21.66 24.08
C TYR D 147 25.77 20.86 24.60
N LEU D 148 25.50 19.65 25.06
CA LEU D 148 26.50 18.81 25.72
C LEU D 148 27.60 18.40 24.79
N VAL D 149 27.24 18.04 23.55
CA VAL D 149 28.21 17.65 22.52
C VAL D 149 27.82 18.32 21.22
N GLY D 150 28.77 19.06 20.65
CA GLY D 150 28.59 19.63 19.32
C GLY D 150 27.62 20.77 19.29
N ASP D 151 27.24 21.16 18.09
CA ASP D 151 26.46 22.37 17.86
C ASP D 151 24.95 22.17 17.85
N SER D 152 24.46 20.94 17.92
CA SER D 152 23.01 20.72 17.85
C SER D 152 22.54 19.71 18.89
N VAL D 153 21.24 19.73 19.17
CA VAL D 153 20.62 18.87 20.18
C VAL D 153 20.81 17.37 19.86
N THR D 154 21.09 16.58 20.91
CA THR D 154 21.27 15.13 20.79
C THR D 154 20.46 14.45 21.86
N TYR D 155 20.35 13.13 21.83
CA TYR D 155 19.55 12.46 22.86
C TYR D 155 20.16 12.61 24.28
N ALA D 156 21.47 12.88 24.34
CA ALA D 156 22.13 13.14 25.62
C ALA D 156 21.60 14.43 26.26
N ASP D 157 21.37 15.45 25.43
CA ASP D 157 20.71 16.69 25.89
C ASP D 157 19.33 16.44 26.41
N LEU D 158 18.54 15.65 25.67
CA LEU D 158 17.17 15.35 26.09
C LEU D 158 17.17 14.67 27.46
N CYS D 159 18.04 13.71 27.65
CA CYS D 159 18.12 12.98 28.92
C CYS D 159 18.37 13.94 30.09
N LEU D 160 19.40 14.76 29.97
CA LEU D 160 19.77 15.72 31.03
C LEU D 160 18.65 16.74 31.31
N ALA D 161 18.17 17.40 30.24
CA ALA D 161 17.12 18.43 30.37
C ALA D 161 15.85 17.89 31.02
N GLU D 162 15.43 16.69 30.60
CA GLU D 162 14.27 16.03 31.20
C GLU D 162 14.53 15.70 32.66
N HIS D 163 15.68 15.10 32.96
CA HIS D 163 15.98 14.78 34.36
C HIS D 163 15.95 16.02 35.28
N THR D 164 16.68 17.06 34.88
CA THR D 164 16.89 18.20 35.77
C THR D 164 15.61 19.03 35.89
N SER D 165 14.91 19.27 34.77
CA SER D 165 13.62 19.98 34.85
C SER D 165 12.60 19.19 35.69
N GLY D 166 12.59 17.86 35.55
CA GLY D 166 11.67 17.01 36.27
C GLY D 166 11.86 17.10 37.79
N ILE D 167 13.11 16.99 38.25
CA ILE D 167 13.38 17.14 39.71
C ILE D 167 13.09 18.56 40.17
N ALA D 168 13.55 19.53 39.38
CA ALA D 168 13.41 20.96 39.70
C ALA D 168 11.97 21.41 39.95
N ALA D 169 11.00 20.69 39.39
CA ALA D 169 9.59 21.04 39.60
C ALA D 169 9.15 20.77 41.06
N LYS D 170 9.88 19.89 41.74
CA LYS D 170 9.63 19.65 43.16
C LYS D 170 10.76 20.22 44.02
N PHE D 171 11.99 20.17 43.53
CA PHE D 171 13.14 20.62 44.30
C PHE D 171 14.04 21.53 43.45
N PRO D 172 13.65 22.82 43.29
CA PRO D 172 14.38 23.81 42.49
C PRO D 172 15.83 23.99 42.88
N SER D 173 16.19 23.58 44.08
CA SER D 173 17.56 23.74 44.56
C SER D 173 18.56 22.81 43.87
N ILE D 174 18.08 21.82 43.11
CA ILE D 174 18.96 20.99 42.31
C ILE D 174 19.91 21.84 41.48
N TYR D 175 19.45 22.99 41.00
CA TYR D 175 20.28 23.87 40.18
C TYR D 175 21.24 24.79 40.94
N ASP D 176 21.12 24.88 42.26
CA ASP D 176 22.06 25.69 43.06
C ASP D 176 23.53 25.37 42.74
N GLY D 177 24.30 26.41 42.43
CA GLY D 177 25.72 26.27 42.04
C GLY D 177 25.95 25.84 40.59
N PHE D 178 24.87 25.59 39.84
CA PHE D 178 24.96 25.10 38.46
C PHE D 178 23.99 25.81 37.51
N PRO D 179 24.20 27.14 37.33
CA PRO D 179 23.35 27.95 36.45
C PRO D 179 23.40 27.48 34.99
N GLU D 180 24.54 26.96 34.55
CA GLU D 180 24.67 26.46 33.19
C GLU D 180 23.88 25.16 32.91
N ILE D 181 23.59 24.39 33.97
CA ILE D 181 22.77 23.20 33.83
C ILE D 181 21.31 23.62 33.69
N LYS D 182 20.90 24.64 34.45
CA LYS D 182 19.54 25.19 34.32
C LYS D 182 19.35 25.86 32.95
N ALA D 183 20.37 26.58 32.52
CA ALA D 183 20.29 27.26 31.23
C ALA D 183 20.16 26.20 30.11
N HIS D 184 20.91 25.10 30.26
CA HIS D 184 20.83 23.98 29.31
C HIS D 184 19.41 23.40 29.24
N ALA D 185 18.79 23.17 30.40
CA ALA D 185 17.44 22.61 30.39
C ALA D 185 16.46 23.51 29.63
N GLU D 186 16.55 24.82 29.87
CA GLU D 186 15.66 25.80 29.21
C GLU D 186 15.94 25.98 27.73
N LYS D 187 17.22 25.93 27.37
CA LYS D 187 17.61 25.95 25.97
C LYS D 187 16.98 24.77 25.23
N VAL D 188 17.20 23.55 25.74
CA VAL D 188 16.68 22.32 25.12
C VAL D 188 15.15 22.32 25.04
N ARG D 189 14.49 22.63 26.14
CA ARG D 189 13.03 22.57 26.23
C ARG D 189 12.27 23.69 25.48
N SER D 190 12.98 24.71 25.01
CA SER D 190 12.36 25.75 24.19
C SER D 190 12.46 25.47 22.68
N ILE D 191 13.17 24.41 22.29
CA ILE D 191 13.17 23.97 20.86
C ILE D 191 11.69 23.74 20.50
N PRO D 192 11.19 24.43 19.44
CA PRO D 192 9.73 24.52 19.24
C PRO D 192 8.96 23.21 19.30
N ALA D 193 9.41 22.18 18.59
CA ALA D 193 8.70 20.90 18.60
C ALA D 193 8.67 20.26 19.99
N LEU D 194 9.70 20.51 20.77
CA LEU D 194 9.82 19.89 22.09
C LEU D 194 8.95 20.67 23.06
N LYS D 195 9.02 22.00 22.96
CA LYS D 195 8.15 22.86 23.76
C LYS D 195 6.67 22.49 23.55
N LYS D 196 6.27 22.26 22.29
CA LYS D 196 4.88 21.86 22.01
C LYS D 196 4.53 20.56 22.74
N TRP D 197 5.43 19.58 22.66
CA TRP D 197 5.23 18.31 23.33
C TRP D 197 5.13 18.47 24.86
N ILE D 198 6.01 19.28 25.45
CA ILE D 198 5.98 19.47 26.90
C ILE D 198 4.63 20.11 27.33
N GLU D 199 4.15 21.04 26.52
CA GLU D 199 2.83 21.67 26.68
C GLU D 199 1.66 20.70 26.63
N THR D 200 1.77 19.66 25.82
CA THR D 200 0.64 18.77 25.60
C THR D 200 0.75 17.39 26.26
N ARG D 201 1.95 17.02 26.69
CA ARG D 201 2.15 15.69 27.26
C ARG D 201 1.31 15.48 28.53
N PRO D 202 0.93 14.23 28.84
CA PRO D 202 0.20 13.97 30.07
C PRO D 202 1.02 14.40 31.28
N GLU D 203 0.34 14.96 32.27
CA GLU D 203 0.98 15.40 33.49
C GLU D 203 1.03 14.19 34.43
N THR D 204 2.24 13.73 34.74
CA THR D 204 2.47 12.54 35.58
C THR D 204 3.47 12.81 36.68
N LYS D 205 3.44 12.02 37.76
CA LYS D 205 4.26 12.30 38.94
C LYS D 205 5.71 11.87 38.79
N PHE D 206 5.96 10.95 37.86
CA PHE D 206 7.30 10.49 37.50
C PHE D 206 7.45 10.45 35.97
N MET E 1 -3.16 0.98 -6.22
CA MET E 1 -4.51 1.30 -6.74
C MET E 1 -4.88 0.43 -7.92
N VAL E 2 -6.19 0.20 -8.15
CA VAL E 2 -6.63 -0.69 -9.22
C VAL E 2 -5.94 -0.27 -10.53
N HIS E 3 -5.48 -1.25 -11.30
CA HIS E 3 -4.85 -0.96 -12.57
C HIS E 3 -5.69 -1.45 -13.74
N TYR E 4 -5.98 -0.56 -14.67
CA TYR E 4 -6.69 -0.90 -15.91
C TYR E 4 -5.76 -0.79 -17.07
N LYS E 5 -5.77 -1.82 -17.91
CA LYS E 5 -5.03 -1.78 -19.16
C LYS E 5 -5.99 -2.10 -20.31
N LEU E 6 -5.90 -1.31 -21.39
CA LEU E 6 -6.73 -1.53 -22.55
C LEU E 6 -5.81 -1.74 -23.74
N THR E 7 -5.98 -2.86 -24.42
CA THR E 7 -5.08 -3.19 -25.54
C THR E 7 -5.87 -3.21 -26.83
N TYR E 8 -5.38 -2.48 -27.84
CA TYR E 8 -6.06 -2.43 -29.12
C TYR E 8 -5.05 -1.97 -30.15
N PHE E 9 -5.49 -1.76 -31.39
CA PHE E 9 -4.63 -1.21 -32.42
C PHE E 9 -4.46 0.30 -32.21
N ALA E 10 -3.63 0.93 -33.07
CA ALA E 10 -3.42 2.37 -33.01
C ALA E 10 -4.52 3.05 -33.82
N GLY E 11 -5.69 3.16 -33.21
CA GLY E 11 -6.86 3.68 -33.92
C GLY E 11 -8.02 3.72 -32.95
N ARG E 12 -9.15 4.24 -33.42
CA ARG E 12 -10.30 4.42 -32.57
C ARG E 12 -11.06 3.11 -32.57
N GLY E 13 -11.63 2.74 -33.73
CA GLY E 13 -12.34 1.48 -33.89
C GLY E 13 -13.20 1.09 -32.70
N LEU E 14 -13.09 -0.19 -32.34
CA LEU E 14 -13.88 -0.79 -31.29
C LEU E 14 -13.44 -0.35 -29.89
N ALA E 15 -12.22 0.18 -29.75
CA ALA E 15 -11.73 0.55 -28.40
C ALA E 15 -12.24 1.89 -27.95
N GLU E 16 -12.64 2.73 -28.91
CA GLU E 16 -12.81 4.15 -28.60
C GLU E 16 -13.93 4.48 -27.59
N PRO E 17 -15.12 3.84 -27.69
CA PRO E 17 -16.11 4.12 -26.65
C PRO E 17 -15.61 3.75 -25.26
N ILE E 18 -14.81 2.69 -25.17
CA ILE E 18 -14.16 2.31 -23.90
C ILE E 18 -13.23 3.41 -23.35
N ARG E 19 -12.38 3.94 -24.22
CA ARG E 19 -11.53 5.08 -23.88
C ARG E 19 -12.34 6.27 -23.41
N GLN E 20 -13.52 6.48 -24.03
CA GLN E 20 -14.37 7.60 -23.62
C GLN E 20 -15.08 7.38 -22.27
N ILE E 21 -15.39 6.13 -21.95
CA ILE E 21 -15.88 5.78 -20.61
C ILE E 21 -14.84 6.14 -19.51
N PHE E 22 -13.59 5.73 -19.71
CA PHE E 22 -12.54 6.12 -18.77
C PHE E 22 -12.43 7.63 -18.64
N ALA E 23 -12.53 8.33 -19.78
CA ALA E 23 -12.42 9.80 -19.79
C ALA E 23 -13.54 10.43 -18.98
N LEU E 24 -14.77 10.01 -19.24
CA LEU E 24 -15.93 10.50 -18.48
C LEU E 24 -15.82 10.21 -16.98
N ALA E 25 -15.31 9.03 -16.64
CA ALA E 25 -15.14 8.57 -15.25
C ALA E 25 -14.00 9.26 -14.51
N GLY E 26 -13.16 9.97 -15.25
CA GLY E 26 -11.87 10.45 -14.71
C GLY E 26 -11.02 9.32 -14.15
N GLN E 27 -11.03 8.16 -14.83
CA GLN E 27 -10.31 6.97 -14.36
C GLN E 27 -9.07 6.76 -15.21
N LYS E 28 -7.91 6.78 -14.55
CA LYS E 28 -6.63 6.54 -15.22
C LYS E 28 -6.52 5.11 -15.73
N TYR E 29 -5.89 4.95 -16.90
CA TYR E 29 -5.67 3.62 -17.45
C TYR E 29 -4.46 3.63 -18.41
N GLU E 30 -3.92 2.44 -18.66
CA GLU E 30 -2.83 2.22 -19.61
C GLU E 30 -3.36 1.89 -21.01
N ASP E 31 -3.12 2.79 -21.95
CA ASP E 31 -3.69 2.67 -23.28
C ASP E 31 -2.60 2.04 -24.12
N VAL E 32 -2.78 0.76 -24.43
CA VAL E 32 -1.82 0.03 -25.23
C VAL E 32 -2.28 -0.04 -26.69
N ARG E 33 -1.44 0.48 -27.58
CA ARG E 33 -1.77 0.52 -29.01
C ARG E 33 -0.73 -0.23 -29.85
N TYR E 34 -1.14 -1.37 -30.39
CA TYR E 34 -0.23 -2.19 -31.19
C TYR E 34 -0.23 -1.75 -32.64
N THR E 35 0.96 -1.72 -33.24
CA THR E 35 1.07 -1.74 -34.71
C THR E 35 0.48 -3.01 -35.29
N PHE E 36 0.14 -2.99 -36.58
CA PHE E 36 -0.36 -4.18 -37.27
C PHE E 36 0.60 -5.39 -37.22
N GLN E 37 1.88 -5.10 -37.34
CA GLN E 37 2.88 -6.14 -37.35
C GLN E 37 3.26 -6.68 -35.99
N GLU E 38 3.19 -5.87 -34.94
CA GLU E 38 3.49 -6.40 -33.60
C GLU E 38 2.34 -7.22 -33.03
N TRP E 39 1.14 -7.05 -33.58
CA TRP E 39 -0.05 -7.77 -33.14
C TRP E 39 -0.02 -9.33 -33.23
N PRO E 40 0.40 -9.91 -34.39
CA PRO E 40 0.41 -11.39 -34.38
C PRO E 40 1.23 -12.04 -33.24
N LYS E 41 2.30 -11.38 -32.80
CA LYS E 41 3.11 -11.73 -31.61
C LYS E 41 2.30 -11.90 -30.30
N HIS E 42 1.19 -11.16 -30.20
CA HIS E 42 0.37 -11.10 -28.99
C HIS E 42 -1.01 -11.75 -29.09
N LYS E 43 -1.37 -12.21 -30.29
CA LYS E 43 -2.68 -12.78 -30.57
C LYS E 43 -3.06 -13.98 -29.67
N ASP E 44 -2.14 -14.93 -29.52
CA ASP E 44 -2.40 -16.09 -28.64
C ASP E 44 -2.63 -15.76 -27.15
N GLU E 45 -2.13 -14.62 -26.67
CA GLU E 45 -2.37 -14.15 -25.28
C GLU E 45 -3.83 -13.75 -24.99
N MET E 46 -4.64 -13.59 -26.03
CA MET E 46 -5.98 -13.03 -25.88
C MET E 46 -7.06 -14.10 -25.82
N PRO E 47 -8.12 -13.92 -24.98
CA PRO E 47 -9.13 -14.95 -24.74
C PRO E 47 -9.70 -15.55 -26.03
N PHE E 48 -9.97 -14.70 -27.03
CA PHE E 48 -10.51 -15.15 -28.32
C PHE E 48 -9.63 -14.79 -29.51
N GLY E 49 -8.34 -14.52 -29.23
CA GLY E 49 -7.37 -14.23 -30.28
C GLY E 49 -7.64 -12.90 -30.97
N GLN E 50 -8.36 -12.01 -30.29
CA GLN E 50 -8.70 -10.70 -30.84
C GLN E 50 -8.61 -9.59 -29.79
N ILE E 51 -8.73 -8.36 -30.24
CA ILE E 51 -8.70 -7.15 -29.40
C ILE E 51 -9.92 -6.28 -29.80
N PRO E 52 -10.44 -5.43 -28.88
CA PRO E 52 -9.82 -5.02 -27.61
C PRO E 52 -9.91 -6.02 -26.47
N VAL E 53 -8.93 -5.95 -25.57
CA VAL E 53 -8.96 -6.73 -24.34
C VAL E 53 -8.61 -5.79 -23.19
N LEU E 54 -9.44 -5.83 -22.14
CA LEU E 54 -9.21 -5.10 -20.90
C LEU E 54 -8.50 -6.03 -19.93
N GLU E 55 -7.60 -5.48 -19.13
CA GLU E 55 -7.18 -6.15 -17.90
C GLU E 55 -7.49 -5.26 -16.71
N GLU E 56 -8.10 -5.86 -15.69
CA GLU E 56 -8.27 -5.20 -14.40
C GLU E 56 -7.45 -5.99 -13.39
N ASP E 57 -6.43 -5.32 -12.84
CA ASP E 57 -5.45 -5.99 -11.98
C ASP E 57 -5.00 -7.34 -12.57
N GLY E 58 -4.63 -7.30 -13.85
CA GLY E 58 -4.20 -8.49 -14.55
C GLY E 58 -5.23 -9.52 -14.97
N LYS E 59 -6.52 -9.33 -14.64
CA LYS E 59 -7.55 -10.25 -15.15
C LYS E 59 -8.06 -9.79 -16.53
N GLN E 60 -8.01 -10.68 -17.53
CA GLN E 60 -8.42 -10.31 -18.90
C GLN E 60 -9.94 -10.39 -19.05
N LEU E 61 -10.47 -9.41 -19.77
CA LEU E 61 -11.86 -9.41 -20.19
C LEU E 61 -11.86 -9.00 -21.67
N ALA E 62 -12.28 -9.90 -22.55
CA ALA E 62 -12.32 -9.59 -24.01
C ALA E 62 -13.73 -9.09 -24.39
N GLN E 63 -13.91 -8.74 -25.68
CA GLN E 63 -15.20 -8.35 -26.25
C GLN E 63 -15.58 -6.93 -25.93
N SER E 64 -15.46 -6.07 -26.96
CA SER E 64 -15.68 -4.64 -26.78
C SER E 64 -16.95 -4.24 -26.02
N PHE E 65 -18.08 -4.90 -26.31
CA PHE E 65 -19.33 -4.57 -25.63
C PHE E 65 -19.30 -5.10 -24.19
N ALA E 66 -18.73 -6.28 -24.00
CA ALA E 66 -18.62 -6.79 -22.60
C ALA E 66 -17.79 -5.82 -21.75
N ILE E 67 -16.69 -5.35 -22.31
CA ILE E 67 -15.79 -4.40 -21.62
C ILE E 67 -16.57 -3.10 -21.38
N ALA E 68 -17.21 -2.57 -22.41
CA ALA E 68 -17.95 -1.29 -22.26
C ALA E 68 -18.98 -1.35 -21.17
N ARG E 69 -19.77 -2.43 -21.13
CA ARG E 69 -20.84 -2.64 -20.14
C ARG E 69 -20.26 -2.78 -18.72
N TYR E 70 -19.17 -3.54 -18.61
CA TYR E 70 -18.54 -3.75 -17.32
C TYR E 70 -18.14 -2.39 -16.69
N LEU E 71 -17.40 -1.60 -17.45
CA LEU E 71 -16.92 -0.29 -16.98
C LEU E 71 -18.07 0.69 -16.77
N SER E 72 -19.04 0.66 -17.68
CA SER E 72 -20.21 1.50 -17.59
C SER E 72 -21.00 1.26 -16.30
N ARG E 73 -21.16 0.00 -15.91
CA ARG E 73 -21.83 -0.32 -14.62
C ARG E 73 -21.07 0.25 -13.43
N LYS E 74 -19.74 0.14 -13.50
CA LYS E 74 -18.90 0.55 -12.40
C LYS E 74 -18.92 2.07 -12.27
N PHE E 75 -19.04 2.78 -13.40
CA PHE E 75 -18.85 4.24 -13.37
C PHE E 75 -20.09 5.07 -13.63
N GLY E 76 -21.20 4.42 -13.95
CA GLY E 76 -22.50 5.07 -14.02
C GLY E 76 -23.02 5.46 -15.40
N PHE E 77 -22.61 4.71 -16.42
CA PHE E 77 -23.01 5.02 -17.80
C PHE E 77 -23.74 3.86 -18.43
N ALA E 78 -24.35 3.03 -17.61
CA ALA E 78 -24.97 1.79 -18.14
C ALA E 78 -26.50 1.91 -18.19
N GLY E 79 -27.05 2.96 -17.59
CA GLY E 79 -28.51 3.14 -17.47
C GLY E 79 -28.84 3.21 -15.99
N LYS E 80 -29.96 3.84 -15.66
CA LYS E 80 -30.27 4.24 -14.26
C LYS E 80 -31.01 3.19 -13.44
N THR E 81 -31.76 2.34 -14.14
CA THR E 81 -32.55 1.27 -13.52
C THR E 81 -32.27 -0.03 -14.31
N PRO E 82 -32.57 -1.19 -13.71
CA PRO E 82 -32.31 -2.45 -14.42
C PRO E 82 -32.99 -2.55 -15.79
N PHE E 83 -34.22 -2.05 -15.91
CA PHE E 83 -34.88 -2.08 -17.25
C PHE E 83 -34.22 -1.15 -18.25
N GLU E 84 -33.81 0.04 -17.79
CA GLU E 84 -33.05 1.01 -18.60
C GLU E 84 -31.72 0.42 -19.07
N GLU E 85 -31.04 -0.28 -18.16
CA GLU E 85 -29.81 -0.97 -18.52
C GLU E 85 -30.03 -1.94 -19.69
N ALA E 86 -31.14 -2.70 -19.61
CA ALA E 86 -31.54 -3.64 -20.65
C ALA E 86 -31.81 -2.90 -21.97
N LEU E 87 -32.52 -1.77 -21.89
CA LEU E 87 -32.78 -0.91 -23.07
C LEU E 87 -31.50 -0.39 -23.72
N VAL E 88 -30.56 0.08 -22.90
CA VAL E 88 -29.25 0.54 -23.40
C VAL E 88 -28.58 -0.63 -24.11
N ASP E 89 -28.61 -1.82 -23.50
CA ASP E 89 -28.03 -3.00 -24.13
C ASP E 89 -28.64 -3.28 -25.51
N SER E 90 -29.97 -3.15 -25.62
CA SER E 90 -30.65 -3.51 -26.88
C SER E 90 -30.26 -2.52 -27.98
N VAL E 91 -30.12 -1.25 -27.60
CA VAL E 91 -29.67 -0.22 -28.54
C VAL E 91 -28.23 -0.48 -28.99
N ALA E 92 -27.33 -0.79 -28.05
CA ALA E 92 -25.96 -1.16 -28.43
C ALA E 92 -25.93 -2.41 -29.32
N ASP E 93 -26.76 -3.41 -29.03
CA ASP E 93 -26.78 -4.62 -29.88
C ASP E 93 -27.31 -4.31 -31.27
N GLN E 94 -28.26 -3.40 -31.38
CA GLN E 94 -28.69 -2.95 -32.71
C GLN E 94 -27.57 -2.24 -33.49
N TYR E 95 -26.86 -1.35 -32.78
CA TYR E 95 -25.66 -0.70 -33.29
C TYR E 95 -24.65 -1.75 -33.81
N LYS E 96 -24.41 -2.80 -33.02
CA LYS E 96 -23.55 -3.91 -33.47
C LYS E 96 -24.07 -4.58 -34.77
N ASP E 97 -25.38 -4.81 -34.89
CA ASP E 97 -25.89 -5.42 -36.13
C ASP E 97 -25.65 -4.48 -37.32
N TYR E 98 -25.80 -3.18 -37.09
CA TYR E 98 -25.61 -2.21 -38.17
C TYR E 98 -24.15 -2.15 -38.61
N ILE E 99 -23.24 -2.23 -37.65
CA ILE E 99 -21.79 -2.28 -37.91
C ILE E 99 -21.42 -3.53 -38.70
N ASN E 100 -22.01 -4.66 -38.32
CA ASN E 100 -21.88 -5.92 -39.06
C ASN E 100 -22.32 -5.73 -40.52
N GLU E 101 -23.46 -5.08 -40.73
CA GLU E 101 -23.94 -4.76 -42.07
C GLU E 101 -22.94 -3.90 -42.88
N ILE E 102 -22.29 -2.93 -42.25
CA ILE E 102 -21.42 -2.02 -43.01
C ILE E 102 -19.93 -2.38 -42.95
N ARG E 103 -19.64 -3.58 -42.43
CA ARG E 103 -18.26 -4.08 -42.29
C ARG E 103 -17.40 -3.96 -43.55
N PRO E 104 -17.92 -4.39 -44.72
CA PRO E 104 -17.18 -4.23 -46.00
C PRO E 104 -16.62 -2.83 -46.23
N TYR E 105 -17.45 -1.79 -46.01
CA TYR E 105 -17.01 -0.38 -46.10
C TYR E 105 -15.93 -0.02 -45.08
N LEU E 106 -16.18 -0.39 -43.82
CA LEU E 106 -15.24 -0.06 -42.75
C LEU E 106 -13.82 -0.57 -42.95
N ARG E 107 -13.66 -1.78 -43.50
CA ARG E 107 -12.34 -2.38 -43.71
C ARG E 107 -11.56 -1.55 -44.73
N VAL E 108 -12.26 -1.15 -45.78
CA VAL E 108 -11.69 -0.33 -46.85
C VAL E 108 -11.16 1.00 -46.29
N VAL E 109 -11.97 1.68 -45.49
CA VAL E 109 -11.53 2.96 -44.94
C VAL E 109 -10.39 2.78 -43.93
N ALA E 110 -10.39 1.65 -43.22
CA ALA E 110 -9.31 1.33 -42.26
C ALA E 110 -8.00 0.96 -42.96
N GLY E 111 -8.07 0.70 -44.26
CA GLY E 111 -6.92 0.24 -45.04
C GLY E 111 -6.57 -1.20 -44.72
N VAL E 112 -7.60 -2.01 -44.49
CA VAL E 112 -7.42 -3.44 -44.25
C VAL E 112 -7.77 -4.22 -45.53
N ASP E 113 -8.73 -3.70 -46.29
CA ASP E 113 -9.13 -4.30 -47.57
C ASP E 113 -9.03 -3.29 -48.71
N GLN E 114 -8.55 -3.78 -49.87
CA GLN E 114 -8.65 -3.04 -51.13
C GLN E 114 -10.13 -2.83 -51.43
N GLY E 115 -10.46 -1.65 -51.97
CA GLY E 115 -11.80 -1.38 -52.50
C GLY E 115 -12.01 0.09 -52.80
N ASP E 116 -13.28 0.43 -53.04
CA ASP E 116 -13.72 1.78 -53.44
C ASP E 116 -14.54 2.39 -52.31
N PRO E 117 -13.94 3.29 -51.51
CA PRO E 117 -14.67 3.69 -50.30
C PRO E 117 -15.95 4.47 -50.63
N GLU E 118 -15.85 5.39 -51.58
CA GLU E 118 -17.00 6.20 -52.02
C GLU E 118 -18.17 5.37 -52.59
N LYS E 119 -17.85 4.27 -53.27
CA LYS E 119 -18.87 3.35 -53.84
C LYS E 119 -19.61 2.48 -52.78
N LEU E 120 -18.87 1.97 -51.80
CA LEU E 120 -19.47 1.18 -50.71
C LEU E 120 -20.35 2.08 -49.86
N PHE E 121 -19.90 3.33 -49.68
CA PHE E 121 -20.67 4.35 -48.96
C PHE E 121 -22.07 4.55 -49.57
N LYS E 122 -22.15 4.78 -50.88
CA LYS E 122 -23.47 5.03 -51.51
C LYS E 122 -24.39 3.81 -51.53
N GLU E 123 -23.78 2.63 -51.72
CA GLU E 123 -24.54 1.41 -51.99
C GLU E 123 -24.78 0.53 -50.74
N LEU E 124 -23.94 0.69 -49.71
CA LEU E 124 -24.05 -0.12 -48.49
C LEU E 124 -24.33 0.72 -47.26
N LEU E 125 -23.46 1.69 -46.99
CA LEU E 125 -23.58 2.53 -45.79
C LEU E 125 -24.90 3.33 -45.75
N LEU E 126 -25.22 4.07 -46.84
CA LEU E 126 -26.45 4.88 -46.85
C LEU E 126 -27.76 4.12 -46.62
N PRO E 127 -28.02 3.03 -47.38
CA PRO E 127 -29.25 2.29 -47.08
C PRO E 127 -29.25 1.66 -45.67
N ALA E 128 -28.06 1.28 -45.18
CA ALA E 128 -27.94 0.67 -43.86
C ALA E 128 -28.24 1.69 -42.78
N ARG E 129 -27.71 2.91 -42.95
CA ARG E 129 -27.89 3.94 -41.92
C ARG E 129 -29.29 4.51 -41.99
N GLU E 130 -29.93 4.41 -43.15
CA GLU E 130 -31.30 4.86 -43.25
C GLU E 130 -32.20 4.03 -42.34
N LYS E 131 -32.05 2.71 -42.40
CA LYS E 131 -32.78 1.79 -41.52
C LYS E 131 -32.42 2.06 -40.05
N PHE E 132 -31.11 2.13 -39.80
CA PHE E 132 -30.57 2.13 -38.43
C PHE E 132 -30.86 3.45 -37.73
N PHE E 133 -30.58 4.56 -38.41
CA PHE E 133 -30.87 5.92 -37.84
C PHE E 133 -32.38 6.10 -37.65
N GLY E 134 -33.20 5.43 -38.47
CA GLY E 134 -34.65 5.47 -38.25
C GLY E 134 -35.04 4.92 -36.90
N PHE E 135 -34.46 3.78 -36.55
CA PHE E 135 -34.71 3.18 -35.24
C PHE E 135 -34.14 4.05 -34.12
N MET E 136 -32.93 4.57 -34.30
CA MET E 136 -32.33 5.46 -33.29
C MET E 136 -33.23 6.67 -33.10
N LYS E 137 -33.76 7.20 -34.21
CA LYS E 137 -34.76 8.27 -34.12
C LYS E 137 -35.95 7.87 -33.23
N LYS E 138 -36.47 6.65 -33.36
CA LYS E 138 -37.58 6.15 -32.49
C LYS E 138 -37.23 6.34 -31.01
N PHE E 139 -36.01 5.95 -30.66
CA PHE E 139 -35.58 5.95 -29.25
C PHE E 139 -35.42 7.37 -28.72
N LEU E 140 -34.86 8.25 -29.54
CA LEU E 140 -34.66 9.64 -29.16
C LEU E 140 -36.02 10.31 -28.96
N GLU E 141 -37.00 9.90 -29.75
CA GLU E 141 -38.35 10.45 -29.65
C GLU E 141 -39.00 10.06 -28.32
N LYS E 142 -38.69 8.84 -27.87
CA LYS E 142 -39.23 8.33 -26.62
C LYS E 142 -38.57 8.93 -25.38
N SER E 143 -37.25 9.09 -25.42
CA SER E 143 -36.54 9.62 -24.25
C SER E 143 -36.84 11.09 -24.02
N LYS E 144 -36.97 11.84 -25.12
CA LYS E 144 -37.05 13.31 -25.13
C LYS E 144 -35.96 14.02 -24.31
N SER E 145 -34.76 13.43 -24.25
CA SER E 145 -33.65 14.00 -23.47
C SER E 145 -32.49 14.39 -24.37
N GLY E 146 -32.49 13.89 -25.60
CA GLY E 146 -31.33 14.04 -26.48
C GLY E 146 -30.35 12.87 -26.42
N TYR E 147 -30.55 11.99 -25.45
CA TYR E 147 -29.82 10.73 -25.36
C TYR E 147 -30.74 9.56 -25.79
N LEU E 148 -30.13 8.45 -26.18
CA LEU E 148 -30.85 7.28 -26.75
C LEU E 148 -31.80 6.64 -25.77
N VAL E 149 -31.38 6.56 -24.50
CA VAL E 149 -32.18 5.92 -23.43
C VAL E 149 -32.04 6.74 -22.17
N GLY E 150 -33.18 7.17 -21.62
CA GLY E 150 -33.20 7.93 -20.37
C GLY E 150 -32.63 9.34 -20.47
N ASP E 151 -32.31 9.95 -19.35
CA ASP E 151 -31.90 11.37 -19.41
C ASP E 151 -30.42 11.66 -19.20
N SER E 152 -29.58 10.63 -19.22
CA SER E 152 -28.13 10.85 -19.09
C SER E 152 -27.35 9.95 -20.05
N VAL E 153 -26.09 10.30 -20.31
CA VAL E 153 -25.23 9.59 -21.27
C VAL E 153 -24.99 8.15 -20.85
N THR E 154 -25.03 7.26 -21.83
CA THR E 154 -24.70 5.83 -21.62
C THR E 154 -23.71 5.42 -22.68
N TYR E 155 -23.15 4.23 -22.55
CA TYR E 155 -22.17 3.74 -23.53
C TYR E 155 -22.83 3.56 -24.90
N ALA E 156 -24.16 3.42 -24.95
CA ALA E 156 -24.84 3.36 -26.25
C ALA E 156 -24.72 4.69 -27.02
N ASP E 157 -24.91 5.80 -26.30
CA ASP E 157 -24.67 7.14 -26.84
C ASP E 157 -23.26 7.31 -27.36
N LEU E 158 -22.27 6.85 -26.59
CA LEU E 158 -20.87 6.95 -26.99
C LEU E 158 -20.62 6.20 -28.31
N CYS E 159 -21.14 4.97 -28.40
CA CYS E 159 -20.98 4.17 -29.61
C CYS E 159 -21.50 4.94 -30.84
N LEU E 160 -22.76 5.37 -30.76
CA LEU E 160 -23.40 6.11 -31.86
C LEU E 160 -22.66 7.38 -32.26
N ALA E 161 -22.38 8.23 -31.27
CA ALA E 161 -21.75 9.55 -31.50
C ALA E 161 -20.36 9.42 -32.10
N GLU E 162 -19.61 8.45 -31.60
CA GLU E 162 -18.27 8.17 -32.13
C GLU E 162 -18.36 7.68 -33.56
N HIS E 163 -19.26 6.74 -33.83
CA HIS E 163 -19.42 6.22 -35.18
C HIS E 163 -19.79 7.32 -36.20
N THR E 164 -20.80 8.10 -35.86
CA THR E 164 -21.34 9.04 -36.83
C THR E 164 -20.36 10.18 -37.09
N SER E 165 -19.84 10.77 -36.00
CA SER E 165 -18.84 11.81 -36.12
C SER E 165 -17.60 11.32 -36.90
N GLY E 166 -17.23 10.05 -36.70
CA GLY E 166 -16.05 9.48 -37.34
C GLY E 166 -16.24 9.40 -38.85
N ILE E 167 -17.41 8.94 -39.29
CA ILE E 167 -17.68 8.83 -40.73
C ILE E 167 -17.83 10.23 -41.31
N ALA E 168 -18.50 11.10 -40.56
CA ALA E 168 -18.89 12.44 -41.01
C ALA E 168 -17.69 13.33 -41.29
N ALA E 169 -16.55 13.03 -40.68
CA ALA E 169 -15.32 13.76 -40.93
C ALA E 169 -14.86 13.64 -42.39
N LYS E 170 -15.11 12.49 -43.01
CA LYS E 170 -14.84 12.30 -44.45
C LYS E 170 -16.10 12.37 -45.32
N PHE E 171 -17.21 11.87 -44.80
CA PHE E 171 -18.47 11.85 -45.56
C PHE E 171 -19.61 12.51 -44.77
N PRO E 172 -19.66 13.85 -44.75
CA PRO E 172 -20.66 14.56 -43.95
C PRO E 172 -22.09 14.26 -44.36
N SER E 173 -22.29 13.69 -45.55
CA SER E 173 -23.63 13.38 -46.02
C SER E 173 -24.32 12.25 -45.24
N ILE E 174 -23.56 11.48 -44.44
CA ILE E 174 -24.18 10.49 -43.53
C ILE E 174 -25.35 11.10 -42.74
N TYR E 175 -25.25 12.37 -42.40
CA TYR E 175 -26.31 13.00 -41.64
C TYR E 175 -27.54 13.49 -42.43
N ASP E 176 -27.48 13.42 -43.77
CA ASP E 176 -28.62 13.84 -44.63
C ASP E 176 -29.91 13.10 -44.28
N GLY E 177 -30.98 13.86 -44.05
CA GLY E 177 -32.27 13.28 -43.63
C GLY E 177 -32.37 12.98 -42.13
N PHE E 178 -31.27 13.09 -41.42
CA PHE E 178 -31.22 12.68 -40.01
C PHE E 178 -30.52 13.71 -39.13
N PRO E 179 -31.09 14.93 -39.05
CA PRO E 179 -30.52 15.98 -38.22
C PRO E 179 -30.51 15.65 -36.73
N GLU E 180 -31.45 14.81 -36.26
CA GLU E 180 -31.51 14.38 -34.84
C GLU E 180 -30.28 13.56 -34.45
N ILE E 181 -29.70 12.87 -35.43
CA ILE E 181 -28.50 12.04 -35.21
C ILE E 181 -27.25 12.91 -35.14
N LYS E 182 -27.20 13.94 -35.98
CA LYS E 182 -26.09 14.92 -35.90
C LYS E 182 -26.17 15.68 -34.58
N ALA E 183 -27.39 16.10 -34.20
CA ALA E 183 -27.55 16.81 -32.95
C ALA E 183 -27.09 15.91 -31.78
N HIS E 184 -27.43 14.61 -31.87
CA HIS E 184 -27.03 13.62 -30.84
C HIS E 184 -25.51 13.53 -30.71
N ALA E 185 -24.81 13.43 -31.84
CA ALA E 185 -23.34 13.41 -31.80
C ALA E 185 -22.72 14.66 -31.13
N GLU E 186 -23.21 15.86 -31.49
CA GLU E 186 -22.71 17.14 -30.92
C GLU E 186 -23.04 17.29 -29.44
N LYS E 187 -24.22 16.84 -29.03
CA LYS E 187 -24.60 16.88 -27.61
C LYS E 187 -23.64 16.03 -26.77
N VAL E 188 -23.51 14.76 -27.16
CA VAL E 188 -22.62 13.80 -26.46
C VAL E 188 -21.18 14.32 -26.44
N ARG E 189 -20.68 14.76 -27.58
CA ARG E 189 -19.26 15.11 -27.72
C ARG E 189 -18.89 16.47 -27.11
N SER E 190 -19.90 17.24 -26.69
CA SER E 190 -19.67 18.47 -25.94
C SER E 190 -19.67 18.27 -24.42
N ILE E 191 -19.94 17.05 -23.93
CA ILE E 191 -19.82 16.76 -22.47
C ILE E 191 -18.36 17.09 -22.13
N PRO E 192 -18.11 18.02 -21.18
CA PRO E 192 -16.75 18.57 -20.95
C PRO E 192 -15.59 17.57 -20.87
N ALA E 193 -15.73 16.50 -20.07
CA ALA E 193 -14.64 15.52 -19.98
C ALA E 193 -14.40 14.80 -21.32
N LEU E 194 -15.48 14.62 -22.07
CA LEU E 194 -15.38 13.95 -23.34
C LEU E 194 -14.81 14.88 -24.40
N LYS E 195 -15.27 16.12 -24.40
CA LYS E 195 -14.75 17.17 -25.29
C LYS E 195 -13.24 17.30 -25.12
N LYS E 196 -12.77 17.33 -23.87
CA LYS E 196 -11.33 17.41 -23.58
C LYS E 196 -10.58 16.21 -24.16
N TRP E 197 -11.18 15.03 -24.02
CA TRP E 197 -10.54 13.83 -24.57
C TRP E 197 -10.47 13.87 -26.10
N ILE E 198 -11.53 14.38 -26.73
CA ILE E 198 -11.57 14.44 -28.21
C ILE E 198 -10.50 15.43 -28.73
N GLU E 199 -10.32 16.51 -27.99
CA GLU E 199 -9.28 17.52 -28.25
C GLU E 199 -7.85 16.99 -28.14
N THR E 200 -7.63 16.01 -27.28
CA THR E 200 -6.28 15.54 -26.98
C THR E 200 -5.95 14.14 -27.47
N ARG E 201 -6.96 13.38 -27.91
CA ARG E 201 -6.71 12.00 -28.34
C ARG E 201 -5.85 12.01 -29.59
N PRO E 202 -5.12 10.90 -29.86
CA PRO E 202 -4.33 10.78 -31.07
C PRO E 202 -5.16 10.86 -32.36
N GLU E 203 -4.63 11.55 -33.36
CA GLU E 203 -5.32 11.65 -34.64
C GLU E 203 -5.01 10.38 -35.43
N THR E 204 -6.06 9.59 -35.70
CA THR E 204 -5.91 8.32 -36.44
C THR E 204 -6.96 8.21 -37.55
N LYS E 205 -6.63 7.43 -38.59
CA LYS E 205 -7.50 7.26 -39.77
C LYS E 205 -8.77 6.46 -39.49
N PHE E 206 -8.69 5.56 -38.50
CA PHE E 206 -9.86 4.75 -38.08
C PHE E 206 -9.96 4.75 -36.55
N MET F 1 50.21 7.57 10.93
CA MET F 1 49.10 6.58 11.00
C MET F 1 48.31 6.80 12.27
N VAL F 2 47.01 6.45 12.27
CA VAL F 2 46.21 6.71 13.49
C VAL F 2 46.87 6.09 14.68
N HIS F 3 46.77 6.81 15.81
CA HIS F 3 47.29 6.32 17.05
C HIS F 3 46.17 6.13 18.07
N TYR F 4 46.06 4.92 18.61
CA TYR F 4 45.15 4.63 19.71
C TYR F 4 45.90 4.34 20.99
N LYS F 5 45.44 4.99 22.07
CA LYS F 5 45.86 4.63 23.43
C LYS F 5 44.64 4.15 24.25
N LEU F 6 44.78 3.04 24.97
CA LEU F 6 43.77 2.61 25.94
C LEU F 6 44.41 2.67 27.32
N THR F 7 43.77 3.41 28.20
CA THR F 7 44.21 3.50 29.61
C THR F 7 43.24 2.84 30.55
N TYR F 8 43.75 1.89 31.33
CA TYR F 8 42.94 1.26 32.37
C TYR F 8 43.87 0.77 33.49
N PHE F 9 43.29 0.04 34.45
CA PHE F 9 44.07 -0.66 35.48
C PHE F 9 44.82 -1.86 34.90
N ALA F 10 45.73 -2.43 35.71
CA ALA F 10 46.45 -3.65 35.34
C ALA F 10 45.52 -4.85 35.53
N GLY F 11 44.60 -5.04 34.60
CA GLY F 11 43.61 -6.09 34.71
C GLY F 11 42.68 -6.12 33.50
N ARG F 12 41.84 -7.14 33.43
CA ARG F 12 40.92 -7.30 32.30
C ARG F 12 39.72 -6.33 32.47
N GLY F 13 38.83 -6.66 33.41
CA GLY F 13 37.72 -5.81 33.80
C GLY F 13 37.00 -5.18 32.60
N LEU F 14 36.79 -3.86 32.69
CA LEU F 14 35.97 -3.09 31.72
C LEU F 14 36.70 -2.86 30.39
N ALA F 15 38.03 -2.97 30.42
CA ALA F 15 38.83 -2.73 29.22
C ALA F 15 38.95 -3.92 28.31
N GLU F 16 38.76 -5.12 28.86
CA GLU F 16 39.14 -6.35 28.10
C GLU F 16 38.42 -6.58 26.76
N PRO F 17 37.09 -6.45 26.72
CA PRO F 17 36.41 -6.52 25.40
C PRO F 17 36.94 -5.48 24.40
N ILE F 18 37.43 -4.34 24.87
CA ILE F 18 38.00 -3.32 23.98
C ILE F 18 39.33 -3.82 23.42
N ARG F 19 40.12 -4.41 24.30
CA ARG F 19 41.39 -5.02 23.90
C ARG F 19 41.12 -6.10 22.87
N GLN F 20 40.02 -6.83 23.03
CA GLN F 20 39.69 -7.90 22.09
C GLN F 20 39.24 -7.41 20.72
N ILE F 21 38.46 -6.34 20.70
CA ILE F 21 38.19 -5.66 19.42
C ILE F 21 39.47 -5.31 18.68
N PHE F 22 40.40 -4.65 19.37
CA PHE F 22 41.69 -4.31 18.76
C PHE F 22 42.35 -5.55 18.15
N ALA F 23 42.28 -6.67 18.87
CA ALA F 23 42.89 -7.94 18.46
C ALA F 23 42.19 -8.51 17.22
N LEU F 24 40.86 -8.54 17.26
CA LEU F 24 40.06 -9.02 16.12
C LEU F 24 40.30 -8.19 14.88
N ALA F 25 40.52 -6.88 15.06
CA ALA F 25 40.76 -5.98 13.94
C ALA F 25 42.19 -6.03 13.40
N GLY F 26 43.09 -6.63 14.17
CA GLY F 26 44.53 -6.55 13.91
C GLY F 26 45.01 -5.11 13.96
N GLN F 27 44.45 -4.32 14.88
CA GLN F 27 44.84 -2.91 15.05
C GLN F 27 45.77 -2.69 16.25
N LYS F 28 46.98 -2.19 15.97
CA LYS F 28 47.97 -1.83 17.00
C LYS F 28 47.43 -0.71 17.88
N TYR F 29 47.72 -0.77 19.18
CA TYR F 29 47.34 0.26 20.10
C TYR F 29 48.29 0.25 21.30
N GLU F 30 48.31 1.36 22.03
CA GLU F 30 49.10 1.50 23.24
C GLU F 30 48.28 1.11 24.48
N ASP F 31 48.64 0.00 25.11
CA ASP F 31 47.88 -0.54 26.20
C ASP F 31 48.54 -0.05 27.50
N VAL F 32 47.91 0.93 28.15
CA VAL F 32 48.48 1.53 29.37
C VAL F 32 47.75 0.93 30.57
N ARG F 33 48.50 0.33 31.51
CA ARG F 33 47.91 -0.35 32.66
C ARG F 33 48.39 0.29 33.98
N TYR F 34 47.49 0.96 34.69
CA TYR F 34 47.88 1.67 35.94
C TYR F 34 47.79 0.76 37.14
N THR F 35 48.73 0.92 38.06
CA THR F 35 48.57 0.32 39.39
C THR F 35 47.51 1.15 40.11
N PHE F 36 46.84 0.58 41.10
CA PHE F 36 45.98 1.38 41.95
C PHE F 36 46.75 2.54 42.61
N GLN F 37 48.02 2.33 42.97
CA GLN F 37 48.79 3.41 43.63
C GLN F 37 49.00 4.66 42.77
N GLU F 38 49.24 4.47 41.48
CA GLU F 38 49.57 5.57 40.60
C GLU F 38 48.33 6.24 39.98
N TRP F 39 47.18 5.56 40.02
CA TRP F 39 45.95 6.06 39.40
C TRP F 39 45.50 7.49 39.85
N PRO F 40 45.42 7.74 41.18
CA PRO F 40 44.83 9.02 41.64
C PRO F 40 45.42 10.32 41.08
N LYS F 41 46.72 10.34 40.79
CA LYS F 41 47.32 11.52 40.20
C LYS F 41 46.82 11.78 38.76
N HIS F 42 46.23 10.75 38.16
CA HIS F 42 45.74 10.82 36.78
C HIS F 42 44.23 11.04 36.68
N LYS F 43 43.52 10.94 37.82
CA LYS F 43 42.04 10.99 37.82
C LYS F 43 41.49 12.23 37.14
N ASP F 44 42.01 13.39 37.50
CA ASP F 44 41.55 14.66 36.95
C ASP F 44 41.74 14.79 35.44
N GLU F 45 42.66 14.01 34.85
CA GLU F 45 42.87 14.06 33.39
C GLU F 45 41.73 13.42 32.59
N MET F 46 40.90 12.63 33.26
CA MET F 46 39.89 11.82 32.56
C MET F 46 38.53 12.53 32.52
N PRO F 47 37.78 12.37 31.40
CA PRO F 47 36.49 13.07 31.25
C PRO F 47 35.57 13.00 32.47
N PHE F 48 35.39 11.80 33.01
CA PHE F 48 34.55 11.60 34.19
C PHE F 48 35.35 11.11 35.38
N GLY F 49 36.63 11.43 35.40
CA GLY F 49 37.49 11.03 36.51
C GLY F 49 37.59 9.51 36.69
N GLN F 50 37.42 8.76 35.60
CA GLN F 50 37.42 7.28 35.65
C GLN F 50 38.05 6.67 34.40
N ILE F 51 38.30 5.35 34.48
CA ILE F 51 38.85 4.58 33.37
C ILE F 51 37.95 3.34 33.15
N PRO F 52 37.94 2.80 31.91
CA PRO F 52 38.86 3.02 30.78
C PRO F 52 38.62 4.28 29.97
N VAL F 53 39.70 4.82 29.42
CA VAL F 53 39.60 5.97 28.53
C VAL F 53 40.41 5.69 27.27
N LEU F 54 39.80 5.94 26.11
CA LEU F 54 40.47 5.75 24.84
C LEU F 54 40.99 7.10 24.38
N GLU F 55 42.16 7.10 23.75
CA GLU F 55 42.60 8.24 22.95
C GLU F 55 42.81 7.83 21.48
N GLU F 56 42.22 8.60 20.57
CA GLU F 56 42.46 8.45 19.13
C GLU F 56 43.05 9.77 18.64
N ASP F 57 44.30 9.72 18.17
CA ASP F 57 45.06 10.94 17.81
C ASP F 57 44.91 12.02 18.87
N GLY F 58 45.07 11.61 20.12
CA GLY F 58 44.97 12.49 21.28
C GLY F 58 43.60 12.93 21.74
N LYS F 59 42.52 12.49 21.07
CA LYS F 59 41.18 12.89 21.48
C LYS F 59 40.65 11.84 22.45
N GLN F 60 40.27 12.28 23.64
CA GLN F 60 39.76 11.37 24.66
C GLN F 60 38.32 10.94 24.43
N LEU F 61 38.07 9.64 24.63
CA LEU F 61 36.73 9.07 24.70
C LEU F 61 36.68 8.11 25.90
N ALA F 62 35.81 8.46 26.85
CA ALA F 62 35.52 7.70 28.07
C ALA F 62 34.31 6.77 27.91
N GLN F 63 34.05 5.99 28.96
CA GLN F 63 32.95 5.02 29.04
C GLN F 63 33.17 3.77 28.18
N SER F 64 33.35 2.64 28.87
CA SER F 64 33.71 1.37 28.24
C SER F 64 32.79 0.96 27.07
N PHE F 65 31.48 1.07 27.22
CA PHE F 65 30.58 0.73 26.10
C PHE F 65 30.62 1.71 24.95
N ALA F 66 30.75 3.00 25.27
CA ALA F 66 30.92 4.01 24.21
C ALA F 66 32.19 3.72 23.39
N ILE F 67 33.30 3.47 24.08
CA ILE F 67 34.56 3.04 23.43
C ILE F 67 34.37 1.77 22.59
N ALA F 68 33.76 0.73 23.20
CA ALA F 68 33.58 -0.55 22.49
C ALA F 68 32.75 -0.38 21.22
N ARG F 69 31.66 0.37 21.34
CA ARG F 69 30.76 0.59 20.20
C ARG F 69 31.48 1.39 19.09
N TYR F 70 32.17 2.46 19.49
CA TYR F 70 32.94 3.30 18.55
C TYR F 70 33.89 2.47 17.71
N LEU F 71 34.70 1.65 18.38
CA LEU F 71 35.66 0.79 17.66
C LEU F 71 34.99 -0.33 16.88
N SER F 72 33.94 -0.92 17.46
CA SER F 72 33.18 -1.98 16.79
C SER F 72 32.56 -1.52 15.45
N ARG F 73 32.03 -0.29 15.40
CA ARG F 73 31.49 0.23 14.15
C ARG F 73 32.59 0.42 13.13
N LYS F 74 33.71 0.94 13.60
CA LYS F 74 34.86 1.18 12.74
C LYS F 74 35.43 -0.13 12.16
N PHE F 75 35.44 -1.18 12.96
CA PHE F 75 36.11 -2.44 12.58
C PHE F 75 35.20 -3.61 12.20
N GLY F 76 33.88 -3.37 12.23
CA GLY F 76 32.87 -4.37 11.80
C GLY F 76 32.34 -5.37 12.82
N PHE F 77 32.32 -5.01 14.11
CA PHE F 77 31.83 -5.93 15.15
C PHE F 77 30.61 -5.36 15.90
N ALA F 78 29.91 -4.41 15.27
CA ALA F 78 28.78 -3.74 15.96
C ALA F 78 27.43 -4.36 15.60
N GLY F 79 27.40 -5.20 14.57
CA GLY F 79 26.10 -5.57 13.97
C GLY F 79 26.12 -5.29 12.47
N LYS F 80 25.40 -6.11 11.71
CA LYS F 80 25.46 -6.06 10.23
C LYS F 80 24.54 -4.99 9.64
N THR F 81 23.46 -4.66 10.35
CA THR F 81 22.47 -3.70 9.89
C THR F 81 22.16 -2.71 11.00
N PRO F 82 21.61 -1.54 10.64
CA PRO F 82 21.19 -0.61 11.71
C PRO F 82 20.34 -1.25 12.83
N PHE F 83 19.33 -2.04 12.48
CA PHE F 83 18.50 -2.62 13.52
C PHE F 83 19.26 -3.65 14.35
N GLU F 84 20.12 -4.42 13.70
CA GLU F 84 20.94 -5.43 14.39
C GLU F 84 21.93 -4.75 15.34
N GLU F 85 22.46 -3.59 14.92
CA GLU F 85 23.32 -2.77 15.79
C GLU F 85 22.61 -2.39 17.08
N ALA F 86 21.35 -1.98 16.97
CA ALA F 86 20.54 -1.62 18.11
C ALA F 86 20.30 -2.86 19.01
N LEU F 87 20.02 -4.00 18.40
CA LEU F 87 19.83 -5.25 19.14
C LEU F 87 21.09 -5.61 19.91
N VAL F 88 22.26 -5.47 19.30
CA VAL F 88 23.57 -5.70 19.96
C VAL F 88 23.70 -4.75 21.15
N ASP F 89 23.34 -3.49 20.93
CA ASP F 89 23.32 -2.47 21.98
C ASP F 89 22.42 -2.88 23.13
N SER F 90 21.23 -3.44 22.83
CA SER F 90 20.28 -3.84 23.87
C SER F 90 20.86 -4.99 24.74
N VAL F 91 21.49 -5.98 24.09
CA VAL F 91 22.19 -7.06 24.80
C VAL F 91 23.33 -6.53 25.68
N ALA F 92 24.16 -5.63 25.13
CA ALA F 92 25.23 -5.00 25.93
C ALA F 92 24.71 -4.23 27.15
N ASP F 93 23.60 -3.51 26.97
CA ASP F 93 22.98 -2.79 28.10
C ASP F 93 22.39 -3.75 29.14
N GLN F 94 21.77 -4.86 28.71
CA GLN F 94 21.37 -5.88 29.70
C GLN F 94 22.59 -6.45 30.44
N TYR F 95 23.64 -6.78 29.71
CA TYR F 95 24.92 -7.18 30.34
C TYR F 95 25.40 -6.15 31.40
N LYS F 96 25.33 -4.86 31.07
CA LYS F 96 25.71 -3.78 32.00
C LYS F 96 24.85 -3.79 33.27
N ASP F 97 23.53 -4.00 33.11
CA ASP F 97 22.64 -4.08 34.27
C ASP F 97 23.00 -5.26 35.17
N TYR F 98 23.31 -6.39 34.54
CA TYR F 98 23.67 -7.61 35.26
C TYR F 98 24.98 -7.39 36.04
N ILE F 99 25.94 -6.76 35.39
CA ILE F 99 27.23 -6.45 36.02
C ILE F 99 27.05 -5.52 37.22
N ASN F 100 26.17 -4.53 37.08
CA ASN F 100 25.83 -3.65 38.20
C ASN F 100 25.22 -4.44 39.35
N GLU F 101 24.36 -5.40 39.02
CA GLU F 101 23.74 -6.26 40.05
C GLU F 101 24.80 -7.01 40.86
N ILE F 102 25.82 -7.50 40.19
CA ILE F 102 26.83 -8.32 40.85
C ILE F 102 28.07 -7.56 41.29
N ARG F 103 28.05 -6.23 41.18
CA ARG F 103 29.24 -5.43 41.51
C ARG F 103 29.88 -5.72 42.89
N PRO F 104 29.05 -5.87 43.96
CA PRO F 104 29.63 -6.21 45.28
C PRO F 104 30.50 -7.47 45.24
N TYR F 105 30.05 -8.50 44.50
CA TYR F 105 30.85 -9.71 44.30
C TYR F 105 32.16 -9.40 43.57
N LEU F 106 32.06 -8.70 42.45
CA LEU F 106 33.22 -8.36 41.64
C LEU F 106 34.32 -7.58 42.38
N ARG F 107 33.91 -6.63 43.21
CA ARG F 107 34.86 -5.76 43.90
C ARG F 107 35.71 -6.54 44.90
N VAL F 108 35.08 -7.51 45.57
CA VAL F 108 35.80 -8.43 46.46
C VAL F 108 36.92 -9.18 45.72
N VAL F 109 36.58 -9.79 44.59
CA VAL F 109 37.54 -10.58 43.84
C VAL F 109 38.64 -9.74 43.20
N ALA F 110 38.36 -8.45 42.93
CA ALA F 110 39.34 -7.56 42.32
C ALA F 110 40.27 -7.00 43.39
N GLY F 111 39.81 -7.06 44.64
CA GLY F 111 40.57 -6.66 45.81
C GLY F 111 40.29 -5.25 46.28
N VAL F 112 39.22 -4.63 45.77
CA VAL F 112 38.92 -3.26 46.22
C VAL F 112 38.02 -3.28 47.46
N ASP F 113 37.28 -4.37 47.65
CA ASP F 113 36.48 -4.55 48.85
C ASP F 113 36.87 -5.85 49.53
N GLN F 114 36.92 -5.80 50.86
CA GLN F 114 37.06 -7.03 51.63
C GLN F 114 35.69 -7.67 51.71
N GLY F 115 35.67 -8.99 51.81
CA GLY F 115 34.41 -9.74 51.88
C GLY F 115 34.60 -11.22 51.62
N ASP F 116 33.48 -11.95 51.56
CA ASP F 116 33.48 -13.39 51.37
C ASP F 116 32.99 -13.69 49.94
N PRO F 117 33.92 -14.01 49.03
CA PRO F 117 33.54 -14.21 47.62
C PRO F 117 32.60 -15.41 47.42
N GLU F 118 32.83 -16.49 48.18
CA GLU F 118 31.96 -17.66 48.05
C GLU F 118 30.52 -17.37 48.50
N LYS F 119 30.38 -16.55 49.55
CA LYS F 119 29.07 -16.16 50.03
C LYS F 119 28.39 -15.24 49.00
N LEU F 120 29.15 -14.29 48.47
CA LEU F 120 28.63 -13.36 47.47
C LEU F 120 28.29 -14.11 46.18
N PHE F 121 29.17 -15.03 45.78
CA PHE F 121 28.89 -15.88 44.62
C PHE F 121 27.55 -16.59 44.76
N LYS F 122 27.34 -17.27 45.88
CA LYS F 122 26.10 -18.01 46.09
C LYS F 122 24.88 -17.11 46.25
N GLU F 123 25.03 -16.02 47.00
CA GLU F 123 23.87 -15.22 47.37
C GLU F 123 23.51 -14.15 46.32
N LEU F 124 24.51 -13.68 45.58
CA LEU F 124 24.29 -12.59 44.63
C LEU F 124 24.51 -13.02 43.16
N LEU F 125 25.68 -13.58 42.87
CA LEU F 125 25.98 -13.99 41.47
C LEU F 125 25.03 -15.08 40.91
N LEU F 126 24.91 -16.22 41.60
CA LEU F 126 24.07 -17.28 41.04
C LEU F 126 22.65 -16.84 40.73
N PRO F 127 21.96 -16.17 41.68
CA PRO F 127 20.63 -15.68 41.28
C PRO F 127 20.65 -14.67 40.12
N ALA F 128 21.64 -13.77 40.10
CA ALA F 128 21.69 -12.75 39.03
C ALA F 128 21.88 -13.39 37.66
N ARG F 129 22.76 -14.38 37.60
CA ARG F 129 23.09 -15.02 36.34
C ARG F 129 21.99 -15.98 35.89
N GLU F 130 21.23 -16.54 36.81
CA GLU F 130 20.10 -17.37 36.43
C GLU F 130 19.12 -16.53 35.59
N LYS F 131 18.89 -15.29 36.01
CA LYS F 131 17.98 -14.39 35.28
C LYS F 131 18.60 -13.99 33.94
N PHE F 132 19.79 -13.40 34.01
CA PHE F 132 20.53 -12.91 32.84
C PHE F 132 20.79 -13.96 31.76
N PHE F 133 21.30 -15.13 32.15
CA PHE F 133 21.64 -16.21 31.21
C PHE F 133 20.37 -16.73 30.55
N GLY F 134 19.25 -16.68 31.27
CA GLY F 134 17.92 -17.03 30.75
C GLY F 134 17.61 -16.18 29.54
N PHE F 135 17.78 -14.87 29.70
CA PHE F 135 17.59 -13.93 28.58
C PHE F 135 18.60 -14.18 27.43
N MET F 136 19.87 -14.40 27.77
CA MET F 136 20.88 -14.70 26.77
C MET F 136 20.54 -15.96 25.95
N LYS F 137 19.94 -16.94 26.61
CA LYS F 137 19.42 -18.15 25.96
C LYS F 137 18.36 -17.83 24.93
N LYS F 138 17.52 -16.84 25.24
CA LYS F 138 16.44 -16.39 24.34
C LYS F 138 17.06 -15.86 23.05
N PHE F 139 18.14 -15.09 23.21
CA PHE F 139 18.83 -14.51 22.04
C PHE F 139 19.58 -15.54 21.21
N LEU F 140 20.27 -16.47 21.89
CA LEU F 140 20.94 -17.60 21.24
C LEU F 140 19.96 -18.44 20.42
N GLU F 141 18.80 -18.71 21.01
CA GLU F 141 17.76 -19.49 20.35
C GLU F 141 17.21 -18.77 19.11
N LYS F 142 17.19 -17.45 19.15
CA LYS F 142 16.76 -16.67 18.01
C LYS F 142 17.78 -16.58 16.87
N SER F 143 19.05 -16.41 17.21
CA SER F 143 20.12 -16.28 16.19
C SER F 143 20.39 -17.60 15.46
N LYS F 144 20.29 -18.71 16.18
CA LYS F 144 20.70 -20.04 15.71
C LYS F 144 22.13 -20.14 15.14
N SER F 145 22.98 -19.16 15.46
CA SER F 145 24.34 -19.04 14.92
C SER F 145 25.45 -19.31 15.94
N GLY F 146 25.08 -19.42 17.21
CA GLY F 146 26.06 -19.55 18.31
C GLY F 146 26.46 -18.21 18.91
N TYR F 147 26.13 -17.14 18.17
CA TYR F 147 26.32 -15.74 18.64
C TYR F 147 25.04 -15.10 19.13
N LEU F 148 25.18 -14.07 19.97
CA LEU F 148 24.06 -13.48 20.66
C LEU F 148 23.02 -12.83 19.71
N VAL F 149 23.52 -12.06 18.74
CA VAL F 149 22.71 -11.38 17.71
C VAL F 149 23.37 -11.64 16.35
N GLY F 150 22.58 -12.14 15.38
CA GLY F 150 23.06 -12.25 14.01
C GLY F 150 24.05 -13.39 13.87
N ASP F 151 24.81 -13.40 12.77
CA ASP F 151 25.58 -14.62 12.48
C ASP F 151 27.10 -14.52 12.61
N SER F 152 27.59 -13.41 13.15
CA SER F 152 29.03 -13.21 13.36
C SER F 152 29.28 -12.50 14.68
N VAL F 153 30.51 -12.53 15.21
CA VAL F 153 30.77 -11.96 16.55
C VAL F 153 30.52 -10.48 16.58
N THR F 154 30.06 -10.03 17.73
CA THR F 154 29.89 -8.63 18.03
C THR F 154 30.52 -8.35 19.39
N TYR F 155 30.64 -7.06 19.72
CA TYR F 155 31.22 -6.68 21.02
C TYR F 155 30.36 -7.19 22.18
N ALA F 156 29.05 -7.38 21.95
CA ALA F 156 28.16 -8.04 22.94
C ALA F 156 28.63 -9.45 23.29
N ASP F 157 29.01 -10.24 22.28
CA ASP F 157 29.57 -11.59 22.49
C ASP F 157 30.86 -11.53 23.28
N LEU F 158 31.74 -10.60 22.91
CA LEU F 158 33.04 -10.43 23.58
C LEU F 158 32.84 -10.18 25.07
N CYS F 159 31.91 -9.28 25.39
CA CYS F 159 31.56 -8.99 26.79
C CYS F 159 31.15 -10.25 27.54
N LEU F 160 30.23 -11.04 26.98
CA LEU F 160 29.64 -12.19 27.70
C LEU F 160 30.66 -13.31 27.88
N ALA F 161 31.39 -13.58 26.80
CA ALA F 161 32.38 -14.66 26.78
C ALA F 161 33.50 -14.35 27.78
N GLU F 162 33.91 -13.10 27.83
CA GLU F 162 35.01 -12.67 28.71
C GLU F 162 34.55 -12.75 30.17
N HIS F 163 33.32 -12.30 30.43
CA HIS F 163 32.78 -12.38 31.77
C HIS F 163 32.64 -13.83 32.26
N THR F 164 32.00 -14.68 31.45
CA THR F 164 31.68 -16.02 31.95
C THR F 164 32.96 -16.87 32.09
N SER F 165 33.83 -16.84 31.10
CA SER F 165 35.12 -17.53 31.21
C SER F 165 35.97 -16.99 32.38
N GLY F 166 35.92 -15.68 32.58
CA GLY F 166 36.67 -15.03 33.66
C GLY F 166 36.22 -15.52 35.02
N ILE F 167 34.90 -15.54 35.25
CA ILE F 167 34.35 -16.08 36.51
C ILE F 167 34.59 -17.60 36.66
N ALA F 168 34.40 -18.34 35.58
CA ALA F 168 34.50 -19.79 35.66
C ALA F 168 35.91 -20.29 35.99
N ALA F 169 36.94 -19.47 35.76
CA ALA F 169 38.31 -19.82 36.18
C ALA F 169 38.38 -20.17 37.68
N LYS F 170 37.58 -19.48 38.48
CA LYS F 170 37.57 -19.63 39.92
C LYS F 170 36.29 -20.35 40.38
N PHE F 171 35.16 -20.02 39.75
CA PHE F 171 33.88 -20.61 40.11
C PHE F 171 33.13 -21.16 38.87
N PRO F 172 33.59 -22.30 38.35
CA PRO F 172 33.02 -23.01 37.17
C PRO F 172 31.52 -23.29 37.25
N SER F 173 30.96 -23.32 38.46
CA SER F 173 29.55 -23.56 38.65
C SER F 173 28.64 -22.46 38.09
N ILE F 174 29.23 -21.35 37.63
CA ILE F 174 28.45 -20.30 36.96
C ILE F 174 27.70 -20.90 35.74
N TYR F 175 28.34 -21.86 35.10
CA TYR F 175 27.76 -22.52 33.93
C TYR F 175 26.72 -23.57 34.24
N ASP F 176 26.55 -23.93 35.53
CA ASP F 176 25.55 -24.92 35.92
C ASP F 176 24.16 -24.55 35.42
N GLY F 177 23.50 -25.48 34.74
CA GLY F 177 22.17 -25.19 34.18
C GLY F 177 22.20 -24.44 32.86
N PHE F 178 23.39 -24.10 32.38
CA PHE F 178 23.56 -23.24 31.20
C PHE F 178 24.71 -23.68 30.27
N PRO F 179 24.63 -24.92 29.75
CA PRO F 179 25.67 -25.41 28.86
C PRO F 179 25.82 -24.57 27.58
N GLU F 180 24.73 -23.98 27.11
CA GLU F 180 24.75 -23.12 25.93
C GLU F 180 25.62 -21.87 26.14
N ILE F 181 25.66 -21.39 27.38
CA ILE F 181 26.47 -20.19 27.66
C ILE F 181 27.95 -20.52 27.69
N LYS F 182 28.29 -21.72 28.18
CA LYS F 182 29.67 -22.20 28.10
C LYS F 182 30.08 -22.44 26.63
N ALA F 183 29.19 -23.05 25.86
CA ALA F 183 29.44 -23.27 24.43
C ALA F 183 29.66 -21.94 23.73
N HIS F 184 28.84 -20.94 24.08
CA HIS F 184 29.05 -19.56 23.57
C HIS F 184 30.46 -19.09 23.89
N ALA F 185 30.88 -19.21 25.17
CA ALA F 185 32.24 -18.79 25.53
C ALA F 185 33.33 -19.51 24.72
N GLU F 186 33.17 -20.82 24.54
CA GLU F 186 34.18 -21.62 23.84
C GLU F 186 34.22 -21.18 22.38
N LYS F 187 33.04 -20.91 21.83
CA LYS F 187 32.92 -20.52 20.43
C LYS F 187 33.62 -19.18 20.19
N VAL F 188 33.32 -18.17 21.01
CA VAL F 188 33.93 -16.85 20.87
C VAL F 188 35.45 -16.90 21.02
N ARG F 189 35.90 -17.60 22.05
CA ARG F 189 37.32 -17.55 22.41
C ARG F 189 38.17 -18.38 21.46
N SER F 190 37.50 -19.12 20.59
CA SER F 190 38.17 -19.92 19.55
C SER F 190 38.51 -19.10 18.34
N ILE F 191 37.84 -17.97 18.14
CA ILE F 191 38.15 -17.17 16.97
C ILE F 191 39.65 -16.95 16.94
N PRO F 192 40.31 -17.36 15.83
CA PRO F 192 41.78 -17.32 15.75
C PRO F 192 42.48 -16.07 16.30
N ALA F 193 42.11 -14.86 15.88
CA ALA F 193 42.80 -13.69 16.45
C ALA F 193 42.62 -13.56 17.97
N LEU F 194 41.48 -14.04 18.48
CA LEU F 194 41.13 -13.89 19.88
C LEU F 194 41.84 -14.96 20.72
N LYS F 195 41.85 -16.18 20.21
CA LYS F 195 42.59 -17.28 20.83
C LYS F 195 44.06 -16.89 21.05
N LYS F 196 44.65 -16.21 20.05
CA LYS F 196 46.05 -15.78 20.11
C LYS F 196 46.25 -14.72 21.20
N TRP F 197 45.35 -13.74 21.25
CA TRP F 197 45.34 -12.75 22.35
C TRP F 197 45.16 -13.40 23.74
N ILE F 198 44.24 -14.36 23.85
CA ILE F 198 44.01 -15.00 25.15
C ILE F 198 45.30 -15.72 25.58
N GLU F 199 45.96 -16.32 24.59
CA GLU F 199 47.26 -16.99 24.80
C GLU F 199 48.41 -16.11 25.28
N THR F 200 48.42 -14.83 24.91
CA THR F 200 49.58 -13.98 25.19
C THR F 200 49.31 -12.80 26.14
N ARG F 201 48.04 -12.53 26.42
CA ARG F 201 47.65 -11.45 27.34
C ARG F 201 48.15 -11.69 28.77
N PRO F 202 48.40 -10.61 29.52
CA PRO F 202 48.83 -10.75 30.91
C PRO F 202 47.87 -11.56 31.74
N GLU F 203 48.41 -12.35 32.67
CA GLU F 203 47.58 -13.10 33.59
C GLU F 203 47.30 -12.18 34.75
N THR F 204 46.01 -11.94 35.00
CA THR F 204 45.57 -10.98 36.01
C THR F 204 44.40 -11.55 36.80
N LYS F 205 44.36 -11.18 38.09
CA LYS F 205 43.31 -11.49 39.06
C LYS F 205 41.89 -11.21 38.55
N PHE F 206 41.72 -10.05 37.94
CA PHE F 206 40.42 -9.59 37.45
C PHE F 206 40.62 -9.09 36.03
N MET G 1 -49.95 -7.47 -14.03
CA MET G 1 -48.81 -6.54 -13.81
C MET G 1 -48.30 -6.64 -12.37
N VAL G 2 -47.04 -6.22 -12.12
CA VAL G 2 -46.52 -6.30 -10.75
C VAL G 2 -47.46 -5.65 -9.79
N HIS G 3 -47.58 -6.24 -8.62
CA HIS G 3 -48.40 -5.67 -7.59
C HIS G 3 -47.59 -5.51 -6.30
N TYR G 4 -47.64 -4.32 -5.72
CA TYR G 4 -46.97 -4.06 -4.44
C TYR G 4 -48.01 -3.76 -3.37
N LYS G 5 -47.78 -4.30 -2.16
CA LYS G 5 -48.51 -3.90 -0.98
C LYS G 5 -47.51 -3.50 0.09
N LEU G 6 -47.82 -2.41 0.77
CA LEU G 6 -47.08 -1.93 1.93
C LEU G 6 -48.04 -1.95 3.11
N THR G 7 -47.64 -2.64 4.17
CA THR G 7 -48.42 -2.68 5.39
C THR G 7 -47.68 -1.97 6.52
N TYR G 8 -48.37 -1.03 7.15
CA TYR G 8 -47.80 -0.35 8.31
C TYR G 8 -48.93 0.20 9.19
N PHE G 9 -48.59 0.96 10.23
CA PHE G 9 -49.56 1.68 11.03
C PHE G 9 -50.13 2.89 10.26
N ALA G 10 -51.17 3.48 10.86
CA ALA G 10 -51.78 4.72 10.38
C ALA G 10 -50.92 5.92 10.78
N GLY G 11 -49.86 6.14 10.01
CA GLY G 11 -48.87 7.15 10.34
C GLY G 11 -47.75 7.10 9.33
N ARG G 12 -46.85 8.09 9.40
CA ARG G 12 -45.73 8.18 8.49
C ARG G 12 -44.62 7.23 8.97
N GLY G 13 -43.96 7.59 10.07
CA GLY G 13 -42.97 6.75 10.77
C GLY G 13 -42.03 6.03 9.80
N LEU G 14 -41.82 4.74 10.06
CA LEU G 14 -40.83 3.96 9.28
C LEU G 14 -41.26 3.70 7.82
N ALA G 15 -42.54 3.83 7.53
CA ALA G 15 -43.02 3.48 6.19
C ALA G 15 -42.93 4.63 5.21
N GLU G 16 -42.82 5.85 5.72
CA GLU G 16 -43.03 7.01 4.85
C GLU G 16 -42.01 7.19 3.71
N PRO G 17 -40.71 7.03 3.98
CA PRO G 17 -39.75 7.09 2.85
C PRO G 17 -40.05 6.08 1.74
N ILE G 18 -40.59 4.93 2.12
CA ILE G 18 -40.95 3.90 1.17
C ILE G 18 -42.13 4.41 0.31
N ARG G 19 -43.17 4.96 0.97
CA ARG G 19 -44.29 5.56 0.23
C ARG G 19 -43.80 6.64 -0.73
N GLN G 20 -42.79 7.37 -0.28
CA GLN G 20 -42.19 8.42 -1.13
C GLN G 20 -41.39 7.90 -2.36
N ILE G 21 -40.71 6.76 -2.21
CA ILE G 21 -40.09 6.06 -3.34
C ILE G 21 -41.13 5.67 -4.40
N PHE G 22 -42.26 5.13 -3.94
CA PHE G 22 -43.33 4.76 -4.88
C PHE G 22 -43.84 6.01 -5.61
N ALA G 23 -44.00 7.12 -4.87
CA ALA G 23 -44.45 8.40 -5.45
C ALA G 23 -43.46 8.90 -6.53
N LEU G 24 -42.16 8.89 -6.20
CA LEU G 24 -41.13 9.32 -7.15
C LEU G 24 -41.13 8.45 -8.38
N ALA G 25 -41.30 7.14 -8.18
CA ALA G 25 -41.29 6.17 -9.29
C ALA G 25 -42.56 6.24 -10.17
N GLY G 26 -43.65 6.82 -9.67
CA GLY G 26 -44.94 6.76 -10.40
C GLY G 26 -45.50 5.34 -10.35
N GLN G 27 -45.17 4.62 -9.28
CA GLN G 27 -45.55 3.23 -9.16
C GLN G 27 -46.70 3.10 -8.18
N LYS G 28 -47.83 2.60 -8.69
CA LYS G 28 -48.99 2.29 -7.86
C LYS G 28 -48.69 1.16 -6.87
N TYR G 29 -49.28 1.27 -5.68
CA TYR G 29 -49.16 0.26 -4.63
C TYR G 29 -50.40 0.30 -3.73
N GLU G 30 -50.67 -0.82 -3.06
CA GLU G 30 -51.71 -0.92 -2.04
C GLU G 30 -51.13 -0.47 -0.69
N ASP G 31 -51.64 0.65 -0.17
CA ASP G 31 -51.15 1.27 1.08
C ASP G 31 -52.06 0.82 2.25
N VAL G 32 -51.64 -0.20 2.97
CA VAL G 32 -52.45 -0.75 4.04
C VAL G 32 -52.01 -0.20 5.38
N ARG G 33 -52.94 0.37 6.14
CA ARG G 33 -52.64 1.03 7.42
C ARG G 33 -53.51 0.50 8.55
N TYR G 34 -52.86 0.08 9.64
CA TYR G 34 -53.52 -0.38 10.86
C TYR G 34 -53.40 0.67 11.93
N THR G 35 -54.47 0.91 12.68
CA THR G 35 -54.33 1.65 13.95
C THR G 35 -53.58 0.79 14.98
N PHE G 36 -53.11 1.39 16.07
CA PHE G 36 -52.43 0.60 17.12
C PHE G 36 -53.31 -0.63 17.52
N GLN G 37 -54.62 -0.37 17.60
CA GLN G 37 -55.66 -1.34 18.00
C GLN G 37 -55.72 -2.56 17.12
N GLU G 38 -55.69 -2.32 15.80
CA GLU G 38 -55.96 -3.36 14.80
C GLU G 38 -54.73 -4.25 14.54
N TRP G 39 -53.55 -3.75 14.91
CA TRP G 39 -52.29 -4.42 14.58
C TRP G 39 -52.08 -5.81 15.23
N PRO G 40 -52.30 -5.95 16.56
CA PRO G 40 -51.99 -7.26 17.16
C PRO G 40 -52.51 -8.52 16.44
N LYS G 41 -53.71 -8.50 15.88
CA LYS G 41 -54.21 -9.67 15.13
C LYS G 41 -53.40 -10.00 13.87
N HIS G 42 -52.52 -9.10 13.44
CA HIS G 42 -51.75 -9.29 12.20
C HIS G 42 -50.27 -9.56 12.41
N LYS G 43 -49.84 -9.49 13.67
CA LYS G 43 -48.42 -9.55 14.03
C LYS G 43 -47.74 -10.82 13.51
N ASP G 44 -48.37 -11.97 13.76
CA ASP G 44 -47.83 -13.27 13.40
C ASP G 44 -47.75 -13.56 11.87
N GLU G 45 -48.44 -12.76 11.05
CA GLU G 45 -48.30 -12.81 9.58
C GLU G 45 -46.93 -12.33 9.12
N MET G 46 -46.21 -11.60 9.97
CA MET G 46 -45.04 -10.85 9.51
C MET G 46 -43.72 -11.60 9.78
N PRO G 47 -42.73 -11.48 8.86
CA PRO G 47 -41.49 -12.25 9.03
C PRO G 47 -40.83 -12.10 10.41
N PHE G 48 -40.79 -10.88 10.91
CA PHE G 48 -40.24 -10.66 12.24
C PHE G 48 -41.30 -10.15 13.21
N GLY G 49 -42.57 -10.36 12.87
CA GLY G 49 -43.65 -9.88 13.73
C GLY G 49 -43.63 -8.37 13.94
N GLN G 50 -43.11 -7.66 12.95
CA GLN G 50 -43.06 -6.19 12.97
C GLN G 50 -43.48 -5.63 11.61
N ILE G 51 -43.75 -4.33 11.58
CA ILE G 51 -44.04 -3.61 10.33
C ILE G 51 -43.09 -2.42 10.26
N PRO G 52 -42.80 -1.89 9.05
CA PRO G 52 -43.45 -2.20 7.77
C PRO G 52 -43.02 -3.50 7.11
N VAL G 53 -43.87 -4.00 6.22
CA VAL G 53 -43.58 -5.17 5.41
C VAL G 53 -44.14 -4.92 4.01
N LEU G 54 -43.32 -5.24 3.02
CA LEU G 54 -43.69 -5.11 1.62
C LEU G 54 -44.09 -6.48 1.12
N GLU G 55 -45.07 -6.52 0.22
CA GLU G 55 -45.26 -7.70 -0.62
C GLU G 55 -45.08 -7.33 -2.07
N GLU G 56 -44.32 -8.14 -2.79
CA GLU G 56 -44.21 -8.00 -4.23
C GLU G 56 -44.71 -9.30 -4.84
N ASP G 57 -45.80 -9.22 -5.60
CA ASP G 57 -46.44 -10.41 -6.13
C ASP G 57 -46.62 -11.48 -5.01
N GLY G 58 -47.03 -11.03 -3.82
CA GLY G 58 -47.24 -11.93 -2.68
C GLY G 58 -46.03 -12.40 -1.88
N LYS G 59 -44.82 -12.02 -2.30
CA LYS G 59 -43.62 -12.36 -1.53
C LYS G 59 -43.36 -11.26 -0.49
N GLN G 60 -43.23 -11.67 0.78
CA GLN G 60 -42.98 -10.68 1.85
C GLN G 60 -41.51 -10.28 1.96
N LEU G 61 -41.29 -9.00 2.23
CA LEU G 61 -39.99 -8.45 2.57
C LEU G 61 -40.21 -7.46 3.70
N ALA G 62 -39.59 -7.74 4.83
CA ALA G 62 -39.64 -6.87 5.99
C ALA G 62 -38.40 -6.01 6.08
N GLN G 63 -38.40 -5.16 7.11
CA GLN G 63 -37.30 -4.31 7.54
C GLN G 63 -37.23 -3.08 6.63
N SER G 64 -37.59 -1.93 7.21
CA SER G 64 -37.83 -0.70 6.46
C SER G 64 -36.68 -0.30 5.52
N PHE G 65 -35.43 -0.43 5.98
CA PHE G 65 -34.31 -0.04 5.12
C PHE G 65 -34.05 -1.07 4.01
N ALA G 66 -34.25 -2.37 4.29
CA ALA G 66 -34.14 -3.38 3.25
C ALA G 66 -35.20 -3.11 2.17
N ILE G 67 -36.42 -2.84 2.60
CA ILE G 67 -37.49 -2.47 1.65
C ILE G 67 -37.08 -1.24 0.82
N ALA G 68 -36.68 -0.18 1.49
CA ALA G 68 -36.32 1.08 0.81
C ALA G 68 -35.22 0.90 -0.22
N ARG G 69 -34.15 0.16 0.15
CA ARG G 69 -33.03 -0.12 -0.76
C ARG G 69 -33.51 -0.97 -1.95
N TYR G 70 -34.30 -2.00 -1.69
CA TYR G 70 -34.76 -2.87 -2.76
C TYR G 70 -35.52 -2.06 -3.83
N LEU G 71 -36.49 -1.25 -3.38
CA LEU G 71 -37.27 -0.38 -4.29
C LEU G 71 -36.41 0.73 -4.91
N SER G 72 -35.51 1.31 -4.12
CA SER G 72 -34.61 2.34 -4.65
C SER G 72 -33.70 1.81 -5.78
N ARG G 73 -33.14 0.60 -5.62
CA ARG G 73 -32.35 0.00 -6.72
C ARG G 73 -33.18 -0.23 -7.96
N LYS G 74 -34.43 -0.61 -7.78
CA LYS G 74 -35.31 -0.93 -8.90
C LYS G 74 -35.68 0.35 -9.64
N PHE G 75 -35.86 1.43 -8.90
CA PHE G 75 -36.42 2.68 -9.47
C PHE G 75 -35.45 3.83 -9.75
N GLY G 76 -34.19 3.67 -9.35
CA GLY G 76 -33.16 4.66 -9.64
C GLY G 76 -32.84 5.65 -8.53
N PHE G 77 -33.10 5.28 -7.28
CA PHE G 77 -32.85 6.19 -6.13
C PHE G 77 -31.89 5.62 -5.11
N ALA G 78 -31.03 4.70 -5.54
CA ALA G 78 -30.08 4.02 -4.64
C ALA G 78 -28.66 4.57 -4.71
N GLY G 79 -28.40 5.41 -5.70
CA GLY G 79 -27.05 5.80 -6.06
C GLY G 79 -26.78 5.40 -7.50
N LYS G 80 -25.84 6.10 -8.12
CA LYS G 80 -25.50 5.89 -9.55
C LYS G 80 -24.42 4.84 -9.87
N THR G 81 -23.56 4.52 -8.90
CA THR G 81 -22.46 3.57 -9.05
C THR G 81 -22.40 2.68 -7.81
N PRO G 82 -21.79 1.47 -7.91
CA PRO G 82 -21.70 0.62 -6.73
C PRO G 82 -21.07 1.30 -5.51
N PHE G 83 -20.02 2.11 -5.69
CA PHE G 83 -19.45 2.85 -4.55
C PHE G 83 -20.37 3.95 -4.01
N GLU G 84 -21.06 4.66 -4.89
CA GLU G 84 -22.04 5.65 -4.43
C GLU G 84 -23.21 5.01 -3.70
N GLU G 85 -23.67 3.85 -4.17
CA GLU G 85 -24.73 3.11 -3.50
C GLU G 85 -24.32 2.79 -2.07
N ALA G 86 -23.05 2.45 -1.88
CA ALA G 86 -22.54 2.08 -0.56
C ALA G 86 -22.48 3.31 0.33
N LEU G 87 -22.09 4.44 -0.27
CA LEU G 87 -22.05 5.71 0.46
C LEU G 87 -23.43 6.09 0.93
N VAL G 88 -24.42 5.95 0.03
CA VAL G 88 -25.84 6.17 0.38
C VAL G 88 -26.25 5.26 1.54
N ASP G 89 -25.94 3.96 1.47
CA ASP G 89 -26.18 3.04 2.60
C ASP G 89 -25.57 3.55 3.91
N SER G 90 -24.34 4.07 3.82
CA SER G 90 -23.63 4.48 5.04
C SER G 90 -24.35 5.67 5.71
N VAL G 91 -24.84 6.61 4.90
CA VAL G 91 -25.58 7.76 5.43
C VAL G 91 -26.90 7.29 6.06
N ALA G 92 -27.62 6.39 5.36
CA ALA G 92 -28.85 5.82 5.89
C ALA G 92 -28.60 5.05 7.21
N ASP G 93 -27.44 4.38 7.31
CA ASP G 93 -27.11 3.65 8.53
C ASP G 93 -26.77 4.63 9.66
N GLN G 94 -26.16 5.78 9.34
CA GLN G 94 -25.92 6.82 10.37
C GLN G 94 -27.26 7.40 10.85
N TYR G 95 -28.14 7.64 9.88
CA TYR G 95 -29.50 8.04 10.17
C TYR G 95 -30.20 7.07 11.12
N LYS G 96 -30.14 5.77 10.82
CA LYS G 96 -30.75 4.75 11.66
C LYS G 96 -30.16 4.81 13.08
N ASP G 97 -28.85 4.99 13.19
CA ASP G 97 -28.19 5.11 14.52
C ASP G 97 -28.73 6.30 15.32
N TYR G 98 -28.84 7.44 14.66
CA TYR G 98 -29.44 8.64 15.22
C TYR G 98 -30.89 8.40 15.69
N ILE G 99 -31.68 7.75 14.87
CA ILE G 99 -33.07 7.45 15.21
C ILE G 99 -33.11 6.54 16.44
N ASN G 100 -32.21 5.57 16.49
CA ASN G 100 -32.09 4.72 17.67
C ASN G 100 -31.80 5.55 18.93
N GLU G 101 -30.88 6.50 18.78
CA GLU G 101 -30.48 7.38 19.90
C GLU G 101 -31.67 8.16 20.45
N ILE G 102 -32.51 8.70 19.57
CA ILE G 102 -33.68 9.48 20.00
C ILE G 102 -34.98 8.67 20.15
N ARG G 103 -34.90 7.34 20.07
CA ARG G 103 -36.07 6.46 20.30
C ARG G 103 -36.94 6.85 21.52
N PRO G 104 -36.33 7.08 22.70
CA PRO G 104 -37.12 7.50 23.89
C PRO G 104 -37.98 8.74 23.61
N TYR G 105 -37.41 9.72 22.89
CA TYR G 105 -38.19 10.88 22.53
C TYR G 105 -39.33 10.52 21.56
N LEU G 106 -38.99 9.81 20.49
CA LEU G 106 -40.02 9.43 19.48
C LEU G 106 -41.20 8.68 20.10
N ARG G 107 -40.88 7.71 20.96
CA ARG G 107 -41.87 6.87 21.59
C ARG G 107 -42.84 7.68 22.46
N VAL G 108 -42.33 8.68 23.18
CA VAL G 108 -43.23 9.60 23.91
C VAL G 108 -44.19 10.36 22.98
N VAL G 109 -43.69 10.96 21.90
CA VAL G 109 -44.61 11.74 21.06
C VAL G 109 -45.65 10.84 20.36
N ALA G 110 -45.25 9.61 20.03
CA ALA G 110 -46.18 8.66 19.43
C ALA G 110 -47.17 8.11 20.48
N GLY G 111 -46.88 8.35 21.76
CA GLY G 111 -47.76 7.91 22.86
C GLY G 111 -47.58 6.49 23.34
N VAL G 112 -46.57 5.80 22.83
CA VAL G 112 -46.26 4.42 23.20
C VAL G 112 -45.65 4.39 24.60
N ASP G 113 -44.85 5.43 24.88
CA ASP G 113 -44.16 5.60 26.14
C ASP G 113 -44.73 6.83 26.86
N GLN G 114 -44.67 6.82 28.18
CA GLN G 114 -44.99 8.00 28.96
C GLN G 114 -43.75 8.82 29.19
N GLY G 115 -43.89 10.14 29.09
CA GLY G 115 -42.78 11.04 29.41
C GLY G 115 -43.11 12.48 29.14
N ASP G 116 -42.08 13.32 29.25
CA ASP G 116 -42.14 14.75 28.96
C ASP G 116 -41.45 15.03 27.62
N PRO G 117 -42.23 15.29 26.55
CA PRO G 117 -41.63 15.46 25.21
C PRO G 117 -40.70 16.68 25.11
N GLU G 118 -41.04 17.73 25.84
CA GLU G 118 -40.29 18.99 25.82
C GLU G 118 -38.93 18.77 26.47
N LYS G 119 -38.95 18.08 27.60
CA LYS G 119 -37.72 17.73 28.31
C LYS G 119 -36.82 16.82 27.48
N LEU G 120 -37.41 15.80 26.87
CA LEU G 120 -36.63 14.86 26.05
C LEU G 120 -36.13 15.52 24.78
N PHE G 121 -36.94 16.40 24.19
CA PHE G 121 -36.48 17.16 23.02
C PHE G 121 -35.20 17.91 23.36
N LYS G 122 -35.18 18.59 24.50
CA LYS G 122 -34.03 19.43 24.84
C LYS G 122 -32.84 18.62 25.34
N GLU G 123 -33.10 17.56 26.12
CA GLU G 123 -32.01 16.79 26.72
C GLU G 123 -31.46 15.66 25.83
N LEU G 124 -32.29 15.13 24.93
CA LEU G 124 -31.89 14.00 24.09
C LEU G 124 -31.82 14.38 22.61
N LEU G 125 -32.88 14.97 22.06
CA LEU G 125 -32.94 15.24 20.62
C LEU G 125 -31.93 16.29 20.17
N LEU G 126 -31.96 17.46 20.81
CA LEU G 126 -31.01 18.52 20.43
C LEU G 126 -29.53 18.08 20.42
N PRO G 127 -29.02 17.48 21.51
CA PRO G 127 -27.63 17.01 21.45
C PRO G 127 -27.38 15.88 20.40
N ALA G 128 -28.34 14.96 20.24
CA ALA G 128 -28.25 13.93 19.18
C ALA G 128 -28.19 14.56 17.79
N ARG G 129 -29.08 15.51 17.51
CA ARG G 129 -29.09 16.08 16.18
C ARG G 129 -27.87 16.99 15.95
N GLU G 130 -27.34 17.61 17.01
CA GLU G 130 -26.13 18.45 16.84
C GLU G 130 -24.98 17.60 16.24
N LYS G 131 -24.78 16.40 16.78
CA LYS G 131 -23.75 15.46 16.27
C LYS G 131 -24.13 15.00 14.84
N PHE G 132 -25.36 14.51 14.71
CA PHE G 132 -25.79 13.91 13.46
C PHE G 132 -25.85 14.93 12.31
N PHE G 133 -26.48 16.10 12.55
CA PHE G 133 -26.60 17.14 11.50
C PHE G 133 -25.23 17.68 11.12
N GLY G 134 -24.30 17.69 12.09
CA GLY G 134 -22.89 18.02 11.83
C GLY G 134 -22.28 17.15 10.72
N PHE G 135 -22.47 15.82 10.81
CA PHE G 135 -21.97 14.91 9.76
C PHE G 135 -22.73 15.12 8.47
N MET G 136 -24.05 15.27 8.56
CA MET G 136 -24.86 15.49 7.34
C MET G 136 -24.43 16.73 6.57
N LYS G 137 -24.08 17.78 7.31
CA LYS G 137 -23.55 19.03 6.77
C LYS G 137 -22.25 18.83 5.98
N LYS G 138 -21.34 18.02 6.52
CA LYS G 138 -20.11 17.68 5.82
C LYS G 138 -20.40 16.93 4.52
N PHE G 139 -21.35 15.99 4.55
CA PHE G 139 -21.76 15.28 3.33
C PHE G 139 -22.31 16.21 2.23
N LEU G 140 -23.14 17.18 2.65
CA LEU G 140 -23.72 18.16 1.74
C LEU G 140 -22.63 19.08 1.20
N GLU G 141 -21.65 19.38 2.05
CA GLU G 141 -20.51 20.21 1.62
C GLU G 141 -19.70 19.52 0.54
N LYS G 142 -19.54 18.21 0.65
CA LYS G 142 -18.87 17.37 -0.34
C LYS G 142 -19.65 17.23 -1.66
N SER G 143 -20.96 17.10 -1.57
CA SER G 143 -21.74 16.88 -2.78
C SER G 143 -21.93 18.15 -3.62
N LYS G 144 -21.97 19.31 -2.96
CA LYS G 144 -22.32 20.59 -3.59
C LYS G 144 -23.59 20.55 -4.48
N SER G 145 -24.45 19.56 -4.24
CA SER G 145 -25.64 19.38 -5.05
C SER G 145 -26.97 19.66 -4.33
N GLY G 146 -26.90 19.88 -3.01
CA GLY G 146 -28.10 19.91 -2.18
C GLY G 146 -28.62 18.57 -1.72
N TYR G 147 -28.05 17.48 -2.25
CA TYR G 147 -28.38 16.13 -1.79
C TYR G 147 -27.21 15.56 -0.99
N LEU G 148 -27.51 14.56 -0.15
CA LEU G 148 -26.53 14.04 0.79
C LEU G 148 -25.38 13.34 0.10
N VAL G 149 -25.70 12.57 -0.93
CA VAL G 149 -24.69 11.82 -1.69
C VAL G 149 -24.99 11.99 -3.18
N GLY G 150 -24.00 12.45 -3.95
CA GLY G 150 -24.14 12.60 -5.40
C GLY G 150 -25.05 13.74 -5.80
N ASP G 151 -25.55 13.73 -7.02
CA ASP G 151 -26.21 14.94 -7.52
C ASP G 151 -27.73 14.83 -7.71
N SER G 152 -28.32 13.73 -7.22
CA SER G 152 -29.77 13.51 -7.37
C SER G 152 -30.36 12.78 -6.15
N VAL G 153 -31.69 12.83 -5.99
CA VAL G 153 -32.27 12.29 -4.74
C VAL G 153 -31.99 10.83 -4.56
N THR G 154 -31.73 10.46 -3.32
CA THR G 154 -31.69 9.06 -2.95
C THR G 154 -32.59 8.82 -1.76
N TYR G 155 -32.79 7.55 -1.44
CA TYR G 155 -33.62 7.19 -0.29
C TYR G 155 -33.02 7.76 0.98
N ALA G 156 -31.70 7.98 1.01
CA ALA G 156 -31.12 8.65 2.20
C ALA G 156 -31.69 10.06 2.39
N ASP G 157 -31.79 10.80 1.28
CA ASP G 157 -32.38 12.15 1.32
C ASP G 157 -33.83 12.10 1.85
N LEU G 158 -34.59 11.13 1.36
CA LEU G 158 -36.01 11.02 1.76
C LEU G 158 -36.10 10.80 3.26
N CYS G 159 -35.25 9.90 3.78
CA CYS G 159 -35.21 9.63 5.23
C CYS G 159 -34.99 10.92 6.02
N LEU G 160 -33.98 11.68 5.65
CA LEU G 160 -33.58 12.87 6.42
C LEU G 160 -34.65 13.94 6.29
N ALA G 161 -35.15 14.17 5.08
CA ALA G 161 -36.11 15.25 4.86
C ALA G 161 -37.45 14.94 5.54
N GLU G 162 -37.86 13.67 5.52
CA GLU G 162 -39.10 13.31 6.19
C GLU G 162 -38.92 13.48 7.71
N HIS G 163 -37.79 13.04 8.25
CA HIS G 163 -37.54 13.18 9.68
C HIS G 163 -37.53 14.64 10.12
N THR G 164 -36.76 15.49 9.41
CA THR G 164 -36.56 16.84 9.95
C THR G 164 -37.83 17.67 9.77
N SER G 165 -38.49 17.54 8.62
CA SER G 165 -39.83 18.13 8.37
C SER G 165 -40.87 17.74 9.43
N GLY G 166 -40.91 16.45 9.72
CA GLY G 166 -41.87 15.84 10.64
C GLY G 166 -41.66 16.36 12.04
N ILE G 167 -40.41 16.38 12.51
CA ILE G 167 -40.16 17.01 13.83
C ILE G 167 -40.46 18.50 13.81
N ALA G 168 -40.06 19.17 12.72
CA ALA G 168 -40.14 20.64 12.64
C ALA G 168 -41.55 21.18 12.78
N ALA G 169 -42.55 20.38 12.40
CA ALA G 169 -43.95 20.77 12.54
C ALA G 169 -44.31 21.11 14.00
N LYS G 170 -43.65 20.43 14.95
CA LYS G 170 -43.91 20.63 16.38
C LYS G 170 -42.80 21.48 17.01
N PHE G 171 -41.55 21.14 16.64
CA PHE G 171 -40.37 21.72 17.26
C PHE G 171 -39.42 22.22 16.16
N PRO G 172 -39.75 23.36 15.53
CA PRO G 172 -38.94 23.85 14.40
C PRO G 172 -37.53 24.25 14.81
N SER G 173 -37.29 24.35 16.12
CA SER G 173 -35.95 24.66 16.61
C SER G 173 -34.97 23.50 16.37
N ILE G 174 -35.48 22.38 15.83
CA ILE G 174 -34.57 21.30 15.38
C ILE G 174 -33.55 21.86 14.39
N TYR G 175 -33.99 22.84 13.58
CA TYR G 175 -33.14 23.42 12.53
C TYR G 175 -32.19 24.53 13.04
N ASP G 176 -32.31 24.89 14.30
CA ASP G 176 -31.42 25.91 14.88
C ASP G 176 -29.97 25.56 14.69
N GLY G 177 -29.21 26.49 14.11
CA GLY G 177 -27.78 26.30 13.81
C GLY G 177 -27.54 25.42 12.58
N PHE G 178 -28.63 24.99 11.94
CA PHE G 178 -28.54 24.12 10.75
C PHE G 178 -29.40 24.57 9.56
N PRO G 179 -29.20 25.82 9.08
CA PRO G 179 -30.00 26.28 7.97
C PRO G 179 -29.89 25.36 6.75
N GLU G 180 -28.71 24.77 6.52
CA GLU G 180 -28.52 23.89 5.36
C GLU G 180 -29.36 22.61 5.45
N ILE G 181 -29.66 22.18 6.68
CA ILE G 181 -30.50 21.02 6.86
C ILE G 181 -31.96 21.42 6.56
N LYS G 182 -32.37 22.62 6.94
CA LYS G 182 -33.73 23.09 6.57
C LYS G 182 -33.84 23.23 5.04
N ALA G 183 -32.79 23.75 4.41
CA ALA G 183 -32.73 23.90 2.93
C ALA G 183 -32.87 22.55 2.26
N HIS G 184 -32.21 21.54 2.84
CA HIS G 184 -32.25 20.21 2.27
C HIS G 184 -33.68 19.64 2.29
N ALA G 185 -34.37 19.79 3.42
CA ALA G 185 -35.74 19.28 3.54
C ALA G 185 -36.66 19.93 2.51
N GLU G 186 -36.46 21.22 2.32
CA GLU G 186 -37.24 22.02 1.36
C GLU G 186 -37.00 21.57 -0.08
N LYS G 187 -35.73 21.33 -0.42
CA LYS G 187 -35.36 20.85 -1.76
C LYS G 187 -35.98 19.49 -2.08
N VAL G 188 -35.78 18.53 -1.18
CA VAL G 188 -36.34 17.20 -1.36
C VAL G 188 -37.86 17.28 -1.52
N ARG G 189 -38.51 18.00 -0.63
CA ARG G 189 -39.99 17.95 -0.58
C ARG G 189 -40.61 18.83 -1.67
N SER G 190 -39.77 19.51 -2.43
CA SER G 190 -40.25 20.29 -3.59
C SER G 190 -40.20 19.50 -4.90
N ILE G 191 -39.52 18.35 -4.92
CA ILE G 191 -39.55 17.48 -6.11
C ILE G 191 -41.03 17.19 -6.46
N PRO G 192 -41.43 17.52 -7.70
CA PRO G 192 -42.85 17.49 -8.13
C PRO G 192 -43.71 16.31 -7.66
N ALA G 193 -43.26 15.08 -7.93
CA ALA G 193 -44.06 13.91 -7.59
C ALA G 193 -44.18 13.81 -6.08
N LEU G 194 -43.13 14.24 -5.38
CA LEU G 194 -43.13 14.23 -3.93
C LEU G 194 -43.95 15.37 -3.32
N LYS G 195 -43.83 16.57 -3.90
CA LYS G 195 -44.65 17.70 -3.46
C LYS G 195 -46.14 17.32 -3.52
N LYS G 196 -46.53 16.67 -4.61
CA LYS G 196 -47.92 16.24 -4.80
C LYS G 196 -48.35 15.20 -3.75
N TRP G 197 -47.48 14.21 -3.48
CA TRP G 197 -47.76 13.22 -2.43
C TRP G 197 -47.91 13.90 -1.06
N ILE G 198 -47.01 14.82 -0.72
CA ILE G 198 -47.08 15.56 0.55
C ILE G 198 -48.40 16.34 0.68
N GLU G 199 -48.88 16.85 -0.45
CA GLU G 199 -50.13 17.59 -0.46
C GLU G 199 -51.34 16.72 -0.19
N THR G 200 -51.26 15.45 -0.59
CA THR G 200 -52.43 14.58 -0.52
C THR G 200 -52.39 13.52 0.58
N ARG G 201 -51.22 13.23 1.16
CA ARG G 201 -51.12 12.15 2.15
C ARG G 201 -51.96 12.42 3.38
N PRO G 202 -52.43 11.33 4.05
CA PRO G 202 -53.15 11.53 5.31
C PRO G 202 -52.37 12.37 6.32
N GLU G 203 -53.06 13.23 7.07
CA GLU G 203 -52.42 13.97 8.15
C GLU G 203 -52.38 13.08 9.39
N THR G 204 -51.19 12.71 9.82
CA THR G 204 -51.03 11.84 11.00
C THR G 204 -50.07 12.45 12.01
N LYS G 205 -50.21 12.02 13.27
CA LYS G 205 -49.47 12.54 14.41
C LYS G 205 -47.98 12.20 14.29
N PHE G 206 -47.69 11.01 13.76
CA PHE G 206 -46.32 10.55 13.53
C PHE G 206 -46.23 9.91 12.16
N MET H 1 -49.95 -9.76 -10.89
CA MET H 1 -48.57 -10.33 -10.89
C MET H 1 -47.86 -9.93 -12.19
N VAL H 2 -46.53 -9.83 -12.13
CA VAL H 2 -45.77 -9.40 -13.32
C VAL H 2 -46.12 -10.32 -14.50
N HIS H 3 -46.26 -9.73 -15.68
CA HIS H 3 -46.58 -10.50 -16.85
C HIS H 3 -45.47 -10.40 -17.89
N TYR H 4 -44.93 -11.55 -18.29
CA TYR H 4 -43.96 -11.60 -19.39
C TYR H 4 -44.56 -12.21 -20.65
N LYS H 5 -44.30 -11.58 -21.79
CA LYS H 5 -44.58 -12.17 -23.10
C LYS H 5 -43.31 -12.25 -23.93
N LEU H 6 -43.09 -13.38 -24.60
CA LEU H 6 -41.98 -13.53 -25.55
C LEU H 6 -42.54 -13.79 -26.93
N THR H 7 -42.11 -13.00 -27.91
CA THR H 7 -42.60 -13.14 -29.26
C THR H 7 -41.45 -13.49 -30.16
N TYR H 8 -41.60 -14.62 -30.87
CA TYR H 8 -40.61 -15.06 -31.85
C TYR H 8 -41.33 -15.88 -32.91
N PHE H 9 -40.58 -16.51 -33.80
CA PHE H 9 -41.10 -17.52 -34.73
C PHE H 9 -41.38 -18.86 -34.03
N ALA H 10 -42.07 -19.78 -34.75
CA ALA H 10 -42.32 -21.14 -34.29
C ALA H 10 -41.05 -21.97 -34.40
N GLY H 11 -40.09 -21.72 -33.52
CA GLY H 11 -38.83 -22.43 -33.57
C GLY H 11 -38.02 -22.08 -32.36
N ARG H 12 -36.87 -22.75 -32.21
CA ARG H 12 -35.95 -22.49 -31.11
C ARG H 12 -35.17 -21.21 -31.36
N GLY H 13 -34.24 -21.25 -32.32
CA GLY H 13 -33.47 -20.09 -32.80
C GLY H 13 -32.98 -19.20 -31.67
N LEU H 14 -33.17 -17.88 -31.85
CA LEU H 14 -32.64 -16.85 -30.93
C LEU H 14 -33.42 -16.77 -29.63
N ALA H 15 -34.65 -17.29 -29.63
CA ALA H 15 -35.50 -17.26 -28.46
C ALA H 15 -35.21 -18.37 -27.46
N GLU H 16 -34.66 -19.50 -27.92
CA GLU H 16 -34.64 -20.71 -27.05
C GLU H 16 -33.91 -20.57 -25.69
N PRO H 17 -32.68 -20.02 -25.66
CA PRO H 17 -32.05 -19.76 -24.35
C PRO H 17 -32.92 -18.90 -23.41
N ILE H 18 -33.68 -17.95 -23.98
CA ILE H 18 -34.62 -17.14 -23.17
C ILE H 18 -35.73 -18.01 -22.60
N ARG H 19 -36.30 -18.90 -23.42
CA ARG H 19 -37.30 -19.83 -22.93
C ARG H 19 -36.75 -20.69 -21.78
N GLN H 20 -35.48 -21.02 -21.90
CA GLN H 20 -34.84 -21.90 -20.91
C GLN H 20 -34.51 -21.18 -19.59
N ILE H 21 -34.18 -19.89 -19.66
CA ILE H 21 -34.14 -19.03 -18.45
C ILE H 21 -35.48 -19.03 -17.68
N PHE H 22 -36.58 -18.82 -18.40
CA PHE H 22 -37.90 -18.87 -17.78
C PHE H 22 -38.11 -20.21 -17.09
N ALA H 23 -37.72 -21.29 -17.77
CA ALA H 23 -37.88 -22.67 -17.28
C ALA H 23 -37.06 -22.87 -16.00
N LEU H 24 -35.80 -22.47 -16.05
CA LEU H 24 -34.93 -22.57 -14.87
C LEU H 24 -35.44 -21.75 -13.70
N ALA H 25 -36.09 -20.62 -14.00
CA ALA H 25 -36.58 -19.71 -12.97
C ALA H 25 -37.90 -20.17 -12.40
N GLY H 26 -38.58 -21.05 -13.13
CA GLY H 26 -39.94 -21.44 -12.80
C GLY H 26 -40.88 -20.26 -12.95
N GLN H 27 -40.59 -19.39 -13.92
CA GLN H 27 -41.38 -18.20 -14.17
C GLN H 27 -42.36 -18.43 -15.33
N LYS H 28 -43.65 -18.22 -15.06
CA LYS H 28 -44.68 -18.28 -16.11
C LYS H 28 -44.49 -17.16 -17.13
N TYR H 29 -44.68 -17.46 -18.42
CA TYR H 29 -44.66 -16.44 -19.46
C TYR H 29 -45.52 -16.89 -20.64
N GLU H 30 -45.93 -15.91 -21.43
CA GLU H 30 -46.72 -16.11 -22.63
C GLU H 30 -45.79 -16.26 -23.84
N ASP H 31 -45.76 -17.48 -24.39
CA ASP H 31 -44.85 -17.85 -25.46
C ASP H 31 -45.58 -17.70 -26.78
N VAL H 32 -45.24 -16.66 -27.53
CA VAL H 32 -46.00 -16.37 -28.77
C VAL H 32 -45.11 -16.77 -29.93
N ARG H 33 -45.65 -17.58 -30.86
CA ARG H 33 -44.86 -18.12 -31.95
C ARG H 33 -45.56 -17.83 -33.28
N TYR H 34 -44.94 -16.94 -34.07
CA TYR H 34 -45.49 -16.49 -35.36
C TYR H 34 -45.07 -17.42 -36.48
N THR H 35 -45.96 -17.65 -37.44
CA THR H 35 -45.56 -18.25 -38.70
C THR H 35 -44.85 -17.18 -39.51
N PHE H 36 -44.01 -17.57 -40.46
CA PHE H 36 -43.46 -16.61 -41.40
C PHE H 36 -44.55 -15.80 -42.14
N GLN H 37 -45.69 -16.44 -42.42
CA GLN H 37 -46.78 -15.75 -43.16
C GLN H 37 -47.38 -14.58 -42.36
N GLU H 38 -47.54 -14.77 -41.06
CA GLU H 38 -48.20 -13.77 -40.24
C GLU H 38 -47.25 -12.69 -39.71
N TRP H 39 -45.94 -12.94 -39.82
CA TRP H 39 -44.96 -12.05 -39.21
C TRP H 39 -44.94 -10.61 -39.79
N PRO H 40 -44.95 -10.46 -41.12
CA PRO H 40 -44.78 -9.11 -41.70
C PRO H 40 -45.72 -7.99 -41.21
N LYS H 41 -46.97 -8.33 -40.92
CA LYS H 41 -47.91 -7.34 -40.43
C LYS H 41 -47.63 -6.87 -38.98
N HIS H 42 -46.75 -7.59 -38.28
CA HIS H 42 -46.38 -7.23 -36.90
C HIS H 42 -45.00 -6.56 -36.82
N LYS H 43 -44.31 -6.46 -37.95
CA LYS H 43 -42.89 -6.07 -37.97
C LYS H 43 -42.75 -4.66 -37.40
N ASP H 44 -43.61 -3.76 -37.86
CA ASP H 44 -43.55 -2.37 -37.44
C ASP H 44 -43.85 -2.15 -35.94
N GLU H 45 -44.42 -3.14 -35.27
CA GLU H 45 -44.69 -3.03 -33.82
C GLU H 45 -43.42 -3.18 -32.96
N MET H 46 -42.35 -3.67 -33.58
CA MET H 46 -41.17 -4.10 -32.83
C MET H 46 -40.12 -2.99 -32.83
N PRO H 47 -39.35 -2.84 -31.72
CA PRO H 47 -38.39 -1.72 -31.68
C PRO H 47 -37.48 -1.60 -32.92
N PHE H 48 -36.88 -2.70 -33.35
CA PHE H 48 -35.98 -2.73 -34.48
C PHE H 48 -36.54 -3.55 -35.65
N GLY H 49 -37.86 -3.65 -35.71
CA GLY H 49 -38.54 -4.39 -36.78
C GLY H 49 -38.21 -5.89 -36.83
N GLN H 50 -37.82 -6.47 -35.68
CA GLN H 50 -37.32 -7.84 -35.65
C GLN H 50 -37.69 -8.57 -34.34
N ILE H 51 -37.52 -9.89 -34.34
CA ILE H 51 -37.83 -10.69 -33.13
C ILE H 51 -36.60 -11.57 -32.78
N PRO H 52 -36.46 -11.98 -31.51
CA PRO H 52 -37.41 -11.94 -30.38
C PRO H 52 -37.55 -10.59 -29.72
N VAL H 53 -38.76 -10.36 -29.19
CA VAL H 53 -39.04 -9.21 -28.35
C VAL H 53 -39.73 -9.64 -27.08
N LEU H 54 -39.24 -9.12 -25.96
CA LEU H 54 -39.88 -9.41 -24.66
C LEU H 54 -40.82 -8.28 -24.30
N GLU H 55 -41.96 -8.58 -23.66
CA GLU H 55 -42.72 -7.56 -22.96
C GLU H 55 -42.81 -7.91 -21.47
N GLU H 56 -42.47 -6.93 -20.63
CA GLU H 56 -42.68 -7.04 -19.19
C GLU H 56 -43.69 -5.99 -18.80
N ASP H 57 -44.86 -6.41 -18.31
CA ASP H 57 -45.99 -5.49 -18.05
C ASP H 57 -46.17 -4.48 -19.20
N GLY H 58 -46.15 -4.97 -20.42
CA GLY H 58 -46.37 -4.10 -21.59
C GLY H 58 -45.16 -3.41 -22.18
N LYS H 59 -44.05 -3.32 -21.44
CA LYS H 59 -42.88 -2.58 -21.91
C LYS H 59 -42.06 -3.51 -22.80
N GLN H 60 -41.75 -3.09 -24.02
CA GLN H 60 -40.99 -3.93 -24.95
C GLN H 60 -39.48 -3.83 -24.71
N LEU H 61 -38.83 -4.99 -24.82
CA LEU H 61 -37.37 -5.06 -24.90
C LEU H 61 -36.97 -6.05 -26.01
N ALA H 62 -36.31 -5.50 -27.03
CA ALA H 62 -35.79 -6.25 -28.16
C ALA H 62 -34.34 -6.74 -27.91
N GLN H 63 -33.83 -7.53 -28.86
CA GLN H 63 -32.45 -8.06 -28.91
C GLN H 63 -32.24 -9.24 -27.97
N SER H 64 -32.05 -10.43 -28.57
CA SER H 64 -31.99 -11.70 -27.86
C SER H 64 -31.04 -11.66 -26.66
N PHE H 65 -29.85 -11.11 -26.82
CA PHE H 65 -28.88 -11.12 -25.71
C PHE H 65 -29.24 -10.11 -24.62
N ALA H 66 -29.80 -8.97 -25.01
CA ALA H 66 -30.26 -7.99 -24.01
C ALA H 66 -31.39 -8.63 -23.17
N ILE H 67 -32.32 -9.32 -23.83
CA ILE H 67 -33.40 -10.03 -23.12
C ILE H 67 -32.82 -11.12 -22.21
N ALA H 68 -31.94 -11.94 -22.76
CA ALA H 68 -31.32 -13.02 -21.99
C ALA H 68 -30.64 -12.46 -20.75
N ARG H 69 -29.87 -11.39 -20.95
CA ARG H 69 -29.13 -10.78 -19.83
C ARG H 69 -30.05 -10.20 -18.78
N TYR H 70 -31.11 -9.50 -19.22
CA TYR H 70 -32.05 -8.86 -18.30
C TYR H 70 -32.70 -9.88 -17.37
N LEU H 71 -33.19 -10.96 -17.97
CA LEU H 71 -33.86 -12.03 -17.22
C LEU H 71 -32.86 -12.81 -16.36
N SER H 72 -31.68 -13.05 -16.91
CA SER H 72 -30.61 -13.74 -16.21
C SER H 72 -30.17 -13.01 -14.91
N ARG H 73 -30.08 -11.69 -14.97
CA ARG H 73 -29.74 -10.92 -13.76
C ARG H 73 -30.85 -11.02 -12.73
N LYS H 74 -32.08 -10.89 -13.21
CA LYS H 74 -33.25 -11.00 -12.36
C LYS H 74 -33.36 -12.35 -11.65
N PHE H 75 -32.99 -13.41 -12.36
CA PHE H 75 -33.24 -14.79 -11.88
C PHE H 75 -32.01 -15.60 -11.43
N GLY H 76 -30.82 -14.99 -11.53
CA GLY H 76 -29.59 -15.61 -10.99
C GLY H 76 -28.75 -16.47 -11.92
N PHE H 77 -28.84 -16.18 -13.23
CA PHE H 77 -28.09 -16.93 -14.26
C PHE H 77 -27.14 -16.05 -15.08
N ALA H 78 -26.77 -14.88 -14.55
CA ALA H 78 -25.90 -13.93 -15.27
C ALA H 78 -24.44 -14.06 -14.86
N GLY H 79 -24.18 -14.80 -13.77
CA GLY H 79 -22.83 -14.82 -13.19
C GLY H 79 -22.92 -14.35 -11.73
N LYS H 80 -21.94 -14.74 -10.92
CA LYS H 80 -22.07 -14.62 -9.46
C LYS H 80 -21.52 -13.28 -8.91
N THR H 81 -20.58 -12.66 -9.61
CA THR H 81 -19.92 -11.41 -9.21
C THR H 81 -19.95 -10.50 -10.43
N PRO H 82 -19.83 -9.18 -10.22
CA PRO H 82 -19.79 -8.27 -11.38
C PRO H 82 -18.74 -8.65 -12.42
N PHE H 83 -17.53 -9.03 -12.03
CA PHE H 83 -16.53 -9.43 -13.02
C PHE H 83 -16.92 -10.69 -13.78
N GLU H 84 -17.48 -11.64 -13.04
CA GLU H 84 -17.95 -12.88 -13.63
C GLU H 84 -19.09 -12.67 -14.63
N GLU H 85 -19.97 -11.73 -14.30
CA GLU H 85 -21.05 -11.30 -15.23
C GLU H 85 -20.48 -10.85 -16.57
N ALA H 86 -19.40 -10.08 -16.50
CA ALA H 86 -18.69 -9.56 -17.69
C ALA H 86 -18.04 -10.69 -18.49
N LEU H 87 -17.42 -11.65 -17.78
CA LEU H 87 -16.85 -12.84 -18.43
C LEU H 87 -17.92 -13.62 -19.18
N VAL H 88 -19.08 -13.77 -18.55
CA VAL H 88 -20.24 -14.43 -19.18
C VAL H 88 -20.69 -13.68 -20.44
N ASP H 89 -20.84 -12.37 -20.31
CA ASP H 89 -21.08 -11.50 -21.49
C ASP H 89 -20.05 -11.68 -22.57
N SER H 90 -18.77 -11.86 -22.21
CA SER H 90 -17.71 -12.00 -23.22
C SER H 90 -17.87 -13.32 -24.02
N VAL H 91 -18.19 -14.39 -23.33
CA VAL H 91 -18.42 -15.69 -23.94
C VAL H 91 -19.66 -15.68 -24.85
N ALA H 92 -20.73 -15.06 -24.38
CA ALA H 92 -21.93 -14.87 -25.19
C ALA H 92 -21.68 -14.03 -26.44
N ASP H 93 -20.81 -13.02 -26.32
CA ASP H 93 -20.49 -12.19 -27.49
C ASP H 93 -19.63 -12.97 -28.49
N GLN H 94 -18.70 -13.81 -28.00
CA GLN H 94 -17.97 -14.70 -28.89
C GLN H 94 -18.91 -15.69 -29.59
N TYR H 95 -19.86 -16.26 -28.83
CA TYR H 95 -20.91 -17.09 -29.41
C TYR H 95 -21.70 -16.35 -30.52
N LYS H 96 -22.08 -15.10 -30.25
CA LYS H 96 -22.76 -14.26 -31.28
C LYS H 96 -21.90 -14.11 -32.54
N ASP H 97 -20.59 -13.90 -32.38
CA ASP H 97 -19.66 -13.77 -33.53
C ASP H 97 -19.61 -15.04 -34.35
N TYR H 98 -19.49 -16.18 -33.66
CA TYR H 98 -19.54 -17.51 -34.30
C TYR H 98 -20.85 -17.76 -35.08
N ILE H 99 -21.98 -17.49 -34.44
CA ILE H 99 -23.29 -17.60 -35.08
C ILE H 99 -23.38 -16.77 -36.36
N ASN H 100 -22.84 -15.55 -36.28
CA ASN H 100 -22.77 -14.63 -37.43
C ASN H 100 -21.95 -15.25 -38.55
N GLU H 101 -20.86 -15.93 -38.20
CA GLU H 101 -20.02 -16.63 -39.17
C GLU H 101 -20.75 -17.74 -39.91
N ILE H 102 -21.56 -18.51 -39.20
CA ILE H 102 -22.22 -19.66 -39.78
C ILE H 102 -23.66 -19.36 -40.26
N ARG H 103 -24.04 -18.08 -40.19
CA ARG H 103 -25.41 -17.68 -40.59
C ARG H 103 -25.90 -18.29 -41.92
N PRO H 104 -25.05 -18.29 -42.97
CA PRO H 104 -25.44 -18.87 -44.28
C PRO H 104 -25.90 -20.33 -44.14
N TYR H 105 -25.24 -21.11 -43.28
CA TYR H 105 -25.61 -22.49 -43.06
C TYR H 105 -26.94 -22.57 -42.33
N LEU H 106 -27.08 -21.78 -41.27
CA LEU H 106 -28.30 -21.76 -40.46
C LEU H 106 -29.57 -21.42 -41.23
N ARG H 107 -29.45 -20.49 -42.18
CA ARG H 107 -30.60 -19.99 -42.93
C ARG H 107 -31.12 -21.06 -43.89
N VAL H 108 -30.20 -21.91 -44.35
CA VAL H 108 -30.55 -23.04 -45.20
C VAL H 108 -31.34 -24.09 -44.40
N VAL H 109 -30.79 -24.56 -43.28
CA VAL H 109 -31.48 -25.57 -42.47
C VAL H 109 -32.81 -25.08 -41.92
N ALA H 110 -32.97 -23.75 -41.79
CA ALA H 110 -34.19 -23.22 -41.20
C ALA H 110 -35.28 -23.06 -42.26
N GLY H 111 -34.89 -23.10 -43.54
CA GLY H 111 -35.80 -22.94 -44.67
C GLY H 111 -35.90 -21.51 -45.15
N VAL H 112 -35.02 -20.65 -44.64
CA VAL H 112 -34.96 -19.26 -45.05
C VAL H 112 -34.30 -19.12 -46.44
N ASP H 113 -33.09 -19.65 -46.61
CA ASP H 113 -32.43 -19.66 -47.91
C ASP H 113 -32.43 -21.08 -48.47
N GLN H 114 -32.36 -21.19 -49.79
CA GLN H 114 -32.16 -22.48 -50.42
C GLN H 114 -30.67 -22.73 -50.53
N GLY H 115 -30.29 -24.00 -50.54
CA GLY H 115 -28.88 -24.37 -50.60
C GLY H 115 -28.60 -25.81 -50.20
N ASP H 116 -27.31 -26.11 -50.10
CA ASP H 116 -26.83 -27.45 -49.77
C ASP H 116 -26.33 -27.41 -48.33
N PRO H 117 -27.14 -27.94 -47.39
CA PRO H 117 -26.71 -27.86 -46.00
C PRO H 117 -25.47 -28.69 -45.70
N GLU H 118 -25.25 -29.75 -46.47
CA GLU H 118 -24.09 -30.61 -46.25
C GLU H 118 -22.79 -29.94 -46.71
N LYS H 119 -22.86 -29.16 -47.80
CA LYS H 119 -21.69 -28.42 -48.31
C LYS H 119 -21.28 -27.29 -47.34
N LEU H 120 -22.28 -26.55 -46.89
CA LEU H 120 -22.09 -25.43 -45.98
C LEU H 120 -21.62 -25.94 -44.59
N PHE H 121 -22.18 -27.05 -44.14
CA PHE H 121 -21.69 -27.69 -42.92
C PHE H 121 -20.19 -27.95 -43.00
N LYS H 122 -19.74 -28.61 -44.07
CA LYS H 122 -18.33 -28.96 -44.23
C LYS H 122 -17.46 -27.73 -44.46
N GLU H 123 -17.96 -26.80 -45.27
CA GLU H 123 -17.12 -25.69 -45.73
C GLU H 123 -17.12 -24.49 -44.78
N LEU H 124 -18.19 -24.33 -44.02
CA LEU H 124 -18.38 -23.16 -43.17
C LEU H 124 -18.49 -23.52 -41.69
N LEU H 125 -19.42 -24.41 -41.36
CA LEU H 125 -19.62 -24.75 -39.95
C LEU H 125 -18.39 -25.42 -39.31
N LEU H 126 -17.86 -26.47 -39.93
CA LEU H 126 -16.73 -27.19 -39.34
C LEU H 126 -15.51 -26.30 -39.01
N PRO H 127 -14.99 -25.52 -39.98
CA PRO H 127 -13.90 -24.59 -39.62
C PRO H 127 -14.26 -23.55 -38.55
N ALA H 128 -15.49 -23.02 -38.61
CA ALA H 128 -15.94 -22.01 -37.65
C ALA H 128 -15.95 -22.58 -36.23
N ARG H 129 -16.53 -23.76 -36.06
CA ARG H 129 -16.63 -24.40 -34.74
C ARG H 129 -15.28 -24.92 -34.25
N GLU H 130 -14.37 -25.23 -35.18
CA GLU H 130 -13.01 -25.53 -34.79
C GLU H 130 -12.40 -24.37 -33.98
N LYS H 131 -12.53 -23.14 -34.49
CA LYS H 131 -11.97 -21.96 -33.79
C LYS H 131 -12.75 -21.73 -32.50
N PHE H 132 -14.06 -21.61 -32.63
CA PHE H 132 -14.91 -21.25 -31.52
C PHE H 132 -14.81 -22.26 -30.36
N PHE H 133 -14.97 -23.55 -30.66
CA PHE H 133 -14.96 -24.59 -29.63
C PHE H 133 -13.58 -24.65 -28.95
N GLY H 134 -12.53 -24.28 -29.67
CA GLY H 134 -11.17 -24.18 -29.11
C GLY H 134 -11.15 -23.14 -28.00
N PHE H 135 -11.75 -21.98 -28.26
CA PHE H 135 -11.85 -20.93 -27.23
C PHE H 135 -12.71 -21.40 -26.06
N MET H 136 -13.87 -22.02 -26.35
CA MET H 136 -14.74 -22.58 -25.29
C MET H 136 -14.02 -23.59 -24.39
N LYS H 137 -13.18 -24.41 -25.02
CA LYS H 137 -12.29 -25.35 -24.30
C LYS H 137 -11.39 -24.65 -23.29
N LYS H 138 -10.83 -23.50 -23.67
CA LYS H 138 -10.02 -22.68 -22.74
C LYS H 138 -10.83 -22.30 -21.48
N PHE H 139 -12.10 -21.91 -21.66
CA PHE H 139 -12.94 -21.47 -20.53
C PHE H 139 -13.34 -22.62 -19.63
N LEU H 140 -13.72 -23.75 -20.23
CA LEU H 140 -14.01 -24.98 -19.48
C LEU H 140 -12.80 -25.40 -18.66
N GLU H 141 -11.63 -25.30 -19.26
CA GLU H 141 -10.39 -25.68 -18.60
C GLU H 141 -10.05 -24.73 -17.44
N LYS H 142 -10.44 -23.46 -17.56
CA LYS H 142 -10.27 -22.51 -16.47
C LYS H 142 -11.28 -22.71 -15.34
N SER H 143 -12.54 -22.96 -15.71
CA SER H 143 -13.59 -23.09 -14.70
C SER H 143 -13.42 -24.33 -13.84
N LYS H 144 -13.01 -25.43 -14.47
CA LYS H 144 -12.95 -26.74 -13.83
C LYS H 144 -14.28 -27.22 -13.20
N SER H 145 -15.42 -26.66 -13.65
CA SER H 145 -16.74 -26.93 -13.09
C SER H 145 -17.73 -27.57 -14.07
N GLY H 146 -17.37 -27.59 -15.35
CA GLY H 146 -18.23 -28.14 -16.39
C GLY H 146 -19.02 -27.04 -17.08
N TYR H 147 -19.06 -25.87 -16.44
CA TYR H 147 -19.66 -24.65 -17.02
C TYR H 147 -18.63 -23.70 -17.62
N LEU H 148 -19.12 -22.83 -18.50
CA LEU H 148 -18.25 -21.95 -19.26
C LEU H 148 -17.50 -20.96 -18.35
N VAL H 149 -18.23 -20.36 -17.40
CA VAL H 149 -17.72 -19.39 -16.43
C VAL H 149 -18.30 -19.72 -15.05
N GLY H 150 -17.42 -19.86 -14.07
CA GLY H 150 -17.80 -20.07 -12.68
C GLY H 150 -18.35 -21.46 -12.45
N ASP H 151 -19.11 -21.59 -11.37
CA ASP H 151 -19.46 -22.89 -10.80
C ASP H 151 -20.88 -23.34 -11.08
N SER H 152 -21.66 -22.48 -11.74
CA SER H 152 -23.09 -22.74 -11.94
C SER H 152 -23.52 -22.25 -13.31
N VAL H 153 -24.66 -22.72 -13.77
CA VAL H 153 -25.08 -22.49 -15.15
C VAL H 153 -25.38 -20.99 -15.36
N THR H 154 -25.04 -20.51 -16.55
CA THR H 154 -25.31 -19.14 -16.93
C THR H 154 -25.99 -19.16 -18.29
N TYR H 155 -26.51 -18.01 -18.72
CA TYR H 155 -27.12 -17.95 -20.07
C TYR H 155 -26.10 -18.28 -21.18
N ALA H 156 -24.81 -18.02 -20.94
CA ALA H 156 -23.77 -18.41 -21.90
C ALA H 156 -23.80 -19.92 -22.13
N ASP H 157 -23.91 -20.69 -21.03
CA ASP H 157 -24.05 -22.16 -21.14
C ASP H 157 -25.29 -22.59 -21.93
N LEU H 158 -26.43 -21.97 -21.62
CA LEU H 158 -27.69 -22.22 -22.32
C LEU H 158 -27.53 -22.01 -23.83
N CYS H 159 -26.92 -20.88 -24.21
CA CYS H 159 -26.63 -20.61 -25.64
C CYS H 159 -25.83 -21.74 -26.31
N LEU H 160 -24.71 -22.15 -25.69
CA LEU H 160 -23.81 -23.14 -26.33
C LEU H 160 -24.46 -24.50 -26.40
N ALA H 161 -25.05 -24.92 -25.29
CA ALA H 161 -25.67 -26.26 -25.18
C ALA H 161 -26.85 -26.39 -26.14
N GLU H 162 -27.62 -25.31 -26.29
CA GLU H 162 -28.78 -25.33 -27.19
C GLU H 162 -28.31 -25.40 -28.64
N HIS H 163 -27.21 -24.68 -28.93
CA HIS H 163 -26.70 -24.66 -30.28
C HIS H 163 -26.09 -26.02 -30.70
N THR H 164 -25.21 -26.58 -29.85
CA THR H 164 -24.50 -27.77 -30.24
C THR H 164 -25.43 -28.99 -30.31
N SER H 165 -26.29 -29.16 -29.29
CA SER H 165 -27.30 -30.22 -29.30
C SER H 165 -28.26 -30.05 -30.50
N GLY H 166 -28.66 -28.81 -30.76
CA GLY H 166 -29.52 -28.51 -31.93
C GLY H 166 -28.92 -28.96 -33.25
N ILE H 167 -27.65 -28.63 -33.49
CA ILE H 167 -26.95 -29.04 -34.70
C ILE H 167 -26.70 -30.55 -34.71
N ALA H 168 -26.27 -31.11 -33.57
CA ALA H 168 -25.89 -32.53 -33.49
C ALA H 168 -27.03 -33.51 -33.81
N ALA H 169 -28.27 -33.09 -33.63
CA ALA H 169 -29.43 -33.91 -34.04
C ALA H 169 -29.36 -34.32 -35.52
N LYS H 170 -28.96 -33.36 -36.38
CA LYS H 170 -28.81 -33.59 -37.82
C LYS H 170 -27.36 -33.93 -38.20
N PHE H 171 -26.40 -33.23 -37.62
CA PHE H 171 -25.00 -33.40 -37.94
C PHE H 171 -24.15 -33.61 -36.68
N PRO H 172 -24.21 -34.81 -36.09
CA PRO H 172 -23.50 -35.11 -34.84
C PRO H 172 -21.96 -35.02 -34.93
N SER H 173 -21.42 -34.92 -36.15
CA SER H 173 -20.01 -34.70 -36.32
C SER H 173 -19.52 -33.33 -35.84
N ILE H 174 -20.44 -32.44 -35.46
CA ILE H 174 -20.07 -31.13 -34.90
C ILE H 174 -19.18 -31.35 -33.66
N TYR H 175 -19.45 -32.44 -32.95
CA TYR H 175 -18.70 -32.79 -31.75
C TYR H 175 -17.37 -33.49 -32.01
N ASP H 176 -17.09 -33.86 -33.27
CA ASP H 176 -15.80 -34.45 -33.64
C ASP H 176 -14.60 -33.62 -33.16
N GLY H 177 -13.69 -34.27 -32.42
CA GLY H 177 -12.54 -33.59 -31.85
C GLY H 177 -12.84 -32.79 -30.60
N PHE H 178 -14.09 -32.82 -30.14
CA PHE H 178 -14.54 -31.95 -29.06
C PHE H 178 -15.50 -32.64 -28.05
N PRO H 179 -15.04 -33.75 -27.44
CA PRO H 179 -15.88 -34.46 -26.48
C PRO H 179 -16.31 -33.64 -25.27
N GLU H 180 -15.47 -32.71 -24.83
CA GLU H 180 -15.84 -31.85 -23.68
C GLU H 180 -16.99 -30.91 -24.02
N ILE H 181 -17.10 -30.54 -25.29
CA ILE H 181 -18.23 -29.70 -25.72
C ILE H 181 -19.53 -30.51 -25.71
N LYS H 182 -19.44 -31.78 -26.11
CA LYS H 182 -20.59 -32.69 -25.95
C LYS H 182 -20.91 -32.93 -24.47
N ALA H 183 -19.88 -33.16 -23.66
CA ALA H 183 -20.11 -33.31 -22.20
C ALA H 183 -20.75 -32.05 -21.60
N HIS H 184 -20.31 -30.87 -22.08
CA HIS H 184 -20.95 -29.60 -21.68
C HIS H 184 -22.45 -29.59 -21.98
N ALA H 185 -22.82 -29.98 -23.22
CA ALA H 185 -24.24 -30.03 -23.60
C ALA H 185 -25.07 -30.98 -22.70
N GLU H 186 -24.49 -32.13 -22.41
CA GLU H 186 -25.20 -33.14 -21.63
C GLU H 186 -25.39 -32.67 -20.19
N LYS H 187 -24.37 -31.97 -19.67
CA LYS H 187 -24.41 -31.45 -18.31
C LYS H 187 -25.52 -30.41 -18.18
N VAL H 188 -25.53 -29.45 -19.10
CA VAL H 188 -26.50 -28.36 -19.05
C VAL H 188 -27.91 -28.89 -19.23
N ARG H 189 -28.09 -29.78 -20.19
CA ARG H 189 -29.44 -30.24 -20.55
C ARG H 189 -30.05 -31.24 -19.54
N SER H 190 -29.23 -31.66 -18.59
CA SER H 190 -29.74 -32.54 -17.54
C SER H 190 -30.14 -31.77 -16.29
N ILE H 191 -29.94 -30.46 -16.27
CA ILE H 191 -30.45 -29.69 -15.14
C ILE H 191 -31.96 -30.01 -15.13
N PRO H 192 -32.45 -30.54 -13.99
CA PRO H 192 -33.84 -30.99 -13.91
C PRO H 192 -34.87 -30.06 -14.57
N ALA H 193 -34.89 -28.76 -14.23
CA ALA H 193 -35.89 -27.86 -14.83
C ALA H 193 -35.76 -27.80 -16.37
N LEU H 194 -34.52 -27.87 -16.87
CA LEU H 194 -34.26 -27.74 -18.28
C LEU H 194 -34.62 -29.06 -18.96
N LYS H 195 -34.26 -30.17 -18.31
CA LYS H 195 -34.59 -31.50 -18.83
C LYS H 195 -36.09 -31.68 -19.07
N LYS H 196 -36.92 -31.15 -18.16
CA LYS H 196 -38.38 -31.25 -18.25
C LYS H 196 -38.87 -30.38 -19.44
N TRP H 197 -38.35 -29.16 -19.54
CA TRP H 197 -38.62 -28.29 -20.71
C TRP H 197 -38.26 -28.94 -22.05
N ILE H 198 -37.08 -29.54 -22.13
CA ILE H 198 -36.65 -30.18 -23.38
C ILE H 198 -37.61 -31.34 -23.73
N GLU H 199 -38.05 -32.06 -22.72
CA GLU H 199 -39.02 -33.14 -22.89
C GLU H 199 -40.40 -32.69 -23.41
N THR H 200 -40.83 -31.48 -23.06
CA THR H 200 -42.18 -31.02 -23.39
C THR H 200 -42.26 -29.92 -24.49
N ARG H 201 -41.13 -29.29 -24.81
CA ARG H 201 -41.13 -28.18 -25.78
C ARG H 201 -41.52 -28.67 -27.17
N PRO H 202 -42.14 -27.78 -27.97
CA PRO H 202 -42.55 -28.14 -29.33
C PRO H 202 -41.36 -28.64 -30.10
N GLU H 203 -41.58 -29.62 -30.98
CA GLU H 203 -40.51 -30.14 -31.81
C GLU H 203 -40.47 -29.33 -33.09
N THR H 204 -39.33 -28.68 -33.34
CA THR H 204 -39.21 -27.77 -34.47
C THR H 204 -37.91 -28.03 -35.21
N LYS H 205 -37.92 -27.68 -36.50
CA LYS H 205 -36.77 -27.85 -37.38
C LYS H 205 -35.59 -26.95 -37.06
N PHE H 206 -35.85 -25.73 -36.59
CA PHE H 206 -34.79 -24.82 -36.15
C PHE H 206 -35.20 -24.32 -34.77
C1 EDO I . -34.04 -19.24 27.56
O1 EDO I . -34.81 -19.21 26.34
C2 EDO I . -33.64 -20.67 27.93
O2 EDO I . -32.24 -20.93 27.70
C1 EDO J . -9.08 -3.49 22.50
O1 EDO J . -9.25 -2.59 21.39
C2 EDO J . -7.77 -3.17 23.20
O2 EDO J . -7.93 -2.01 24.05
C1 EDO K . -12.46 -11.36 30.66
O1 EDO K . -11.45 -12.34 30.97
C2 EDO K . -11.87 -9.95 30.66
O2 EDO K . -10.78 -9.86 31.59
C1 EDO L . -18.28 -13.80 24.53
O1 EDO L . -19.18 -12.71 24.82
C2 EDO L . -16.88 -13.37 24.10
O2 EDO L . -16.85 -12.24 23.20
C1 EDO M . -16.47 3.32 23.14
O1 EDO M . -16.66 2.23 22.22
C2 EDO M . -15.04 3.86 23.03
O2 EDO M . -14.10 2.78 22.91
C1 EDO N . -18.27 -2.59 22.12
O1 EDO N . -17.90 -3.77 21.38
C2 EDO N . -17.48 -1.39 21.62
O2 EDO N . -16.22 -1.80 21.07
C1 EDO O . -21.88 -6.52 10.79
O1 EDO O . -21.34 -5.64 11.77
C2 EDO O . -21.30 -6.17 9.43
O2 EDO O . -19.89 -6.31 9.55
C1 EDO P . -22.30 -6.55 15.25
O1 EDO P . -22.30 -7.95 15.46
C2 EDO P . -23.08 -6.25 13.97
O2 EDO P . -24.19 -5.47 14.33
C1 EDO Q . -5.24 -9.09 6.80
O1 EDO Q . -4.01 -9.35 6.14
C2 EDO Q . -5.63 -10.25 7.70
O2 EDO Q . -4.51 -11.09 8.01
C1 EDO R . -11.10 -11.01 -6.68
O1 EDO R . -11.10 -12.03 -7.69
C2 EDO R . -11.07 -11.67 -5.31
O2 EDO R . -9.71 -11.80 -4.85
C1 EDO S . -2.62 7.63 23.31
O1 EDO S . -1.47 8.41 22.93
C2 EDO S . -3.70 8.52 23.90
O2 EDO S . -4.04 9.57 22.96
C1 EDO T . -39.44 -16.61 6.66
O1 EDO T . -39.92 -16.58 5.32
C2 EDO T . -40.38 -15.81 7.55
O2 EDO T . -41.70 -15.82 6.98
C1 EDO U . -13.25 12.34 6.82
O1 EDO U . -13.99 11.12 6.96
C2 EDO U . -13.12 13.00 8.19
O2 EDO U . -11.73 13.28 8.42
N1 GSH V . -23.86 1.47 13.10
CA1 GSH V . -22.56 1.05 13.68
C1 GSH V . -21.79 0.20 12.67
O11 GSH V . -22.35 -0.89 12.39
O12 GSH V . -20.70 0.50 12.13
CB1 GSH V . -21.78 2.22 14.28
CG1 GSH V . -20.32 1.89 14.59
CD1 GSH V . -19.95 2.01 16.06
OE1 GSH V . -20.92 2.05 17.11
N2 GSH V . -18.63 2.08 16.26
CA2 GSH V . -17.87 1.72 17.45
C2 GSH V . -16.89 2.82 17.78
O2 GSH V . -16.39 3.70 16.80
CB2 GSH V . -17.13 0.42 17.19
SG2 GSH V . -17.85 -1.08 17.93
N3 GSH V . -16.55 2.95 19.07
CA3 GSH V . -15.73 4.06 19.51
C3 GSH V . -16.36 5.44 19.42
O31 GSH V . -17.58 5.57 19.15
O32 GSH V . -15.67 6.47 19.61
C1 EDO W . 40.80 -9.09 -30.27
O1 EDO W . 40.40 -7.72 -30.42
C2 EDO W . 42.33 -9.17 -30.29
O2 EDO W . 42.85 -8.32 -29.27
C1 EDO X . 38.74 -9.18 -26.49
O1 EDO X . 39.68 -9.49 -25.45
C2 EDO X . 38.42 -10.43 -27.30
O2 EDO X . 37.87 -11.45 -26.45
C1 EDO Y . 9.99 -1.64 -22.64
O1 EDO Y . 9.91 -1.08 -21.31
C2 EDO Y . 8.59 -2.02 -23.11
O2 EDO Y . 8.08 -0.99 -23.98
C1 EDO Z . 14.27 -9.64 -30.56
O1 EDO Z . 15.38 -9.86 -29.68
C2 EDO Z . 13.79 -8.18 -30.53
O2 EDO Z . 14.69 -7.36 -29.77
C1 EDO AA . 22.02 -9.10 -23.67
O1 EDO AA . 22.54 -7.77 -23.91
C2 EDO AA . 20.62 -9.19 -23.06
O2 EDO AA . 20.16 -8.03 -22.33
C1 EDO BA . 14.87 7.02 -23.38
O1 EDO BA . 15.94 7.11 -24.34
C2 EDO BA . 14.54 5.57 -23.05
O2 EDO BA . 13.13 5.32 -23.23
C1 EDO CA . 16.97 1.65 -21.82
O1 EDO CA . 16.49 2.78 -21.08
C2 EDO CA . 17.64 0.68 -20.85
O2 EDO CA . 19.06 0.69 -21.08
C1 EDO DA . 22.82 0.27 -10.44
O1 EDO DA . 22.12 0.78 -11.59
C2 EDO DA . 21.93 0.25 -9.20
O2 EDO DA . 20.84 -0.63 -9.48
C1 EDO EA . 23.69 -0.38 -15.09
O1 EDO EA . 23.76 -1.77 -14.91
C2 EDO EA . 24.03 0.36 -13.81
O2 EDO EA . 24.77 1.50 -14.19
C1 EDO FA . 7.84 -7.49 -6.05
O1 EDO FA . 6.64 -7.99 -5.48
C2 EDO FA . 8.66 -8.68 -6.52
O2 EDO FA . 8.60 -8.69 -7.95
C1 EDO GA . 13.94 -7.27 7.76
O1 EDO GA . 12.80 -8.00 8.24
C2 EDO GA . 13.65 -6.72 6.36
O2 EDO GA . 13.01 -7.74 5.58
C1 EDO HA . 0.36 6.30 -23.87
O1 EDO HA . -0.96 6.70 -23.48
C2 EDO HA . 1.06 7.46 -24.59
O2 EDO HA . 1.03 8.65 -23.78
C1 EDO IA . 42.77 -3.52 -5.83
O1 EDO IA . 43.12 -3.33 -4.45
C2 EDO IA . 43.33 -2.35 -6.65
O2 EDO IA . 44.76 -2.33 -6.53
C1 EDO JA . 11.02 15.16 -5.53
O1 EDO JA . 11.98 14.88 -4.51
C2 EDO JA . 9.65 15.23 -4.86
O2 EDO JA . 9.35 13.93 -4.38
N1 GSH KA . 22.28 7.95 -13.56
CA1 GSH KA . 21.19 7.04 -14.02
C1 GSH KA . 20.73 6.15 -12.88
O11 GSH KA . 19.58 6.09 -12.36
O12 GSH KA . 21.63 5.40 -12.43
CB1 GSH KA . 20.17 7.82 -14.86
CG1 GSH KA . 18.80 7.16 -14.99
CD1 GSH KA . 18.44 6.73 -16.41
OE1 GSH KA . 19.38 6.79 -17.48
N2 GSH KA . 17.18 6.29 -16.54
CA2 GSH KA . 16.60 5.84 -17.78
C2 GSH KA . 15.44 6.69 -18.18
O2 GSH KA . 14.64 7.38 -17.23
CB2 GSH KA . 16.16 4.39 -17.59
SG2 GSH KA . 17.39 3.11 -17.97
N3 GSH KA . 15.17 6.81 -19.47
CA3 GSH KA . 13.90 7.40 -19.84
C3 GSH KA . 13.95 8.91 -19.96
O31 GSH KA . 12.93 9.55 -20.29
O32 GSH KA . 15.02 9.52 -19.73
C1 EDO LA . 51.13 12.77 -22.68
O1 EDO LA . 52.17 12.08 -21.97
C2 EDO LA . 50.77 14.06 -21.94
O2 EDO LA . 51.90 14.93 -21.83
C1 EDO MA . 33.42 15.36 -7.68
O1 EDO MA . 33.96 14.63 -8.78
C2 EDO MA . 33.73 14.62 -6.37
O2 EDO MA . 34.94 15.17 -5.83
C1 EDO NA . 46.76 21.56 0.88
O1 EDO NA . 47.56 20.87 1.87
C2 EDO NA . 47.07 23.06 0.99
O2 EDO NA . 46.66 23.58 2.27
C1 EDO OA . 40.40 17.65 11.78
O1 EDO OA . 39.43 16.60 11.84
C2 EDO OA . 41.36 17.55 12.96
O2 EDO OA . 42.72 17.69 12.53
C1 EDO PA . 12.95 18.64 -5.02
O1 EDO PA . 12.50 17.46 -4.35
C2 EDO PA . 12.81 18.46 -6.53
O2 EDO PA . 11.54 17.93 -6.88
N1 GSH QA . 34.67 8.19 -12.42
CA1 GSH QA . 35.73 9.22 -12.45
C1 GSH QA . 35.96 9.77 -11.06
O11 GSH QA . 34.98 10.34 -10.56
O12 GSH QA . 37.01 9.71 -10.36
CB1 GSH QA . 36.92 8.73 -13.29
CG1 GSH QA . 38.27 9.40 -13.01
CD1 GSH QA . 38.83 10.12 -14.24
OE1 GSH QA . 38.06 10.37 -15.39
N2 GSH QA . 40.10 10.50 -14.12
CA2 GSH QA . 40.84 11.21 -15.14
C2 GSH QA . 42.12 10.52 -15.47
O2 GSH QA . 42.75 9.73 -14.50
CB2 GSH QA . 41.13 12.61 -14.61
SG2 GSH QA . 39.70 13.71 -14.69
N3 GSH QA . 42.63 10.71 -16.70
CA3 GSH QA . 43.98 10.28 -17.06
C3 GSH QA . 44.02 8.90 -17.66
O31 GSH QA . 42.96 8.31 -17.91
O32 GSH QA . 45.13 8.34 -17.91
C1 EDO RA . -2.51 0.78 14.35
O1 EDO RA . -1.52 0.01 13.66
C2 EDO RA . -2.40 0.50 15.84
O2 EDO RA . -1.68 1.59 16.40
C1 EDO SA . 25.86 31.00 40.20
O1 EDO SA . 27.00 31.33 39.39
C2 EDO SA . 24.86 32.14 40.19
O2 EDO SA . 23.60 31.74 39.62
C1 EDO TA . 8.12 20.39 34.05
O1 EDO TA . 7.41 20.16 32.78
C2 EDO TA . 7.82 19.34 35.11
O2 EDO TA . 8.23 17.98 34.76
C1 EDO UA . 17.12 7.38 28.72
O1 EDO UA . 16.50 6.49 29.64
C2 EDO UA . 16.61 7.12 27.30
O2 EDO UA . 15.20 7.37 27.26
C1 EDO VA . 15.21 9.11 32.89
O1 EDO VA . 16.52 8.64 33.22
C2 EDO VA . 14.92 8.91 31.40
O2 EDO VA . 16.16 8.93 30.70
C1 EDO WA . 1.28 10.80 20.10
O1 EDO WA . 1.38 9.37 20.09
C2 EDO WA . 1.76 11.43 21.40
O2 EDO WA . 2.47 10.45 22.16
C1 EDO XA . 5.64 9.97 9.75
O1 EDO XA . 7.03 10.35 9.56
C2 EDO XA . 4.94 10.59 10.98
O2 EDO XA . 4.09 11.68 10.56
C1 EDO YA . 11.60 -10.13 18.20
O1 EDO YA . 10.82 -8.98 17.87
C2 EDO YA . 11.78 -10.24 19.72
O2 EDO YA . 10.49 -10.39 20.30
C1 EDO ZA . 10.15 -11.88 23.92
O1 EDO ZA . 10.96 -10.71 23.77
C2 EDO ZA . 9.99 -12.16 25.41
O2 EDO ZA . 10.53 -13.45 25.68
N1 GSH AB . 18.46 -0.54 31.72
CA1 GSH AB . 17.04 -0.12 31.88
C1 GSH AB . 16.62 0.67 30.66
O11 GSH AB . 15.67 0.43 29.86
O12 GSH AB . 17.32 1.68 30.47
CB1 GSH AB . 16.13 -1.26 32.38
CG1 GSH AB . 14.61 -1.03 32.33
CD1 GSH AB . 13.94 -0.90 33.69
OE1 GSH AB . 14.66 -0.80 34.90
N2 GSH AB . 12.61 -0.86 33.63
CA2 GSH AB . 11.72 -0.71 34.77
C2 GSH AB . 10.80 -1.89 34.82
O2 GSH AB . 10.47 -2.48 33.60
CB2 GSH AB . 10.90 0.54 34.55
SG2 GSH AB . 11.84 2.02 34.97
N3 GSH AB . 10.32 -2.38 35.96
CA3 GSH AB . 9.31 -3.42 35.87
C3 GSH AB . 9.78 -4.81 36.26
O31 GSH AB . 8.94 -5.72 36.43
O32 GSH AB . 10.98 -5.09 36.40
C1 EDO BB . -18.02 -0.67 -29.06
O1 EDO BB . -17.55 -1.78 -29.85
C2 EDO BB . -17.69 -0.87 -27.59
O2 EDO BB . -16.47 -0.18 -27.30
C1 EDO CB . -17.49 0.95 -33.46
O1 EDO CB . -18.04 -0.19 -34.09
C2 EDO CB . -17.28 0.57 -32.00
O2 EDO CB . -16.65 1.66 -31.33
C1 EDO DB . -4.69 6.57 -21.73
O1 EDO DB . -4.15 7.10 -20.51
C2 EDO DB . -5.28 7.68 -22.58
O2 EDO DB . -4.50 7.82 -23.78
C1 EDO EB . -9.07 7.51 -9.98
O1 EDO EB . -10.26 6.75 -10.20
C2 EDO EB . -7.98 6.79 -10.75
O2 EDO EB . -7.74 7.51 -11.95
C1 EDO FB . -7.37 -14.64 -17.04
O1 EDO FB . -7.14 -13.24 -17.06
C2 EDO FB . -7.63 -15.16 -18.44
O2 EDO FB . -6.58 -14.74 -19.33
C1 EDO GB . -6.44 -16.43 -23.22
O1 EDO GB . -6.51 -15.13 -22.67
C2 EDO GB . -5.17 -16.51 -24.04
O2 EDO GB . -5.31 -17.59 -24.95
C1 EDO HB . -40.16 0.99 -23.21
O1 EDO HB . -39.56 -0.24 -23.62
C2 EDO HB . -39.56 1.54 -21.92
O2 EDO HB . -40.30 0.99 -20.84
C1 EDO IB . -38.77 2.99 -28.65
O1 EDO IB . -39.39 2.89 -27.38
C2 EDO IB . -38.98 1.69 -29.42
O2 EDO IB . -40.33 1.65 -29.91
N1 GSH JB . -16.79 -8.93 -31.44
CA1 GSH JB . -15.64 -8.02 -31.61
C1 GSH JB . -15.60 -7.11 -30.39
O11 GSH JB . -16.67 -6.48 -30.16
O12 GSH JB . -14.62 -6.91 -29.62
CB1 GSH JB . -14.39 -8.86 -31.96
CG1 GSH JB . -13.07 -8.10 -31.91
CD1 GSH JB . -12.43 -7.91 -33.29
OE1 GSH JB . -13.16 -8.15 -34.48
N2 GSH JB . -11.19 -7.46 -33.25
CA2 GSH JB . -10.40 -7.11 -34.42
C2 GSH JB . -9.13 -7.90 -34.41
O2 GSH JB . -8.59 -8.27 -33.17
CB2 GSH JB . -10.05 -5.64 -34.33
SG2 GSH JB . -11.40 -4.61 -34.96
N3 GSH JB . -8.58 -8.25 -35.57
CA3 GSH JB . -7.27 -8.91 -35.59
C3 GSH JB . -7.31 -10.42 -35.70
O31 GSH JB . -8.39 -11.04 -35.75
O32 GSH JB . -6.23 -11.06 -35.76
C1 EDO KB . 24.08 -23.25 39.85
O1 EDO KB . 22.71 -22.99 40.18
C2 EDO KB . 24.89 -23.49 41.12
O2 EDO KB . 25.24 -24.87 41.22
C1 EDO LB . 44.93 5.66 46.74
O1 EDO LB . 43.62 5.80 46.19
C2 EDO LB . 45.43 6.99 47.29
O2 EDO LB . 46.76 7.20 46.84
C1 EDO MB . 45.55 -3.24 39.41
O1 EDO MB . 45.80 -1.99 38.75
C2 EDO MB . 46.39 -3.33 40.69
O2 EDO MB . 47.77 -3.04 40.40
C1 EDO NB . 36.39 -12.09 38.38
O1 EDO NB . 35.88 -10.78 38.64
C2 EDO NB . 37.87 -12.11 38.74
O2 EDO NB . 38.50 -13.18 38.03
C1 EDO OB . 41.24 2.60 42.53
O1 EDO OB . 41.22 3.79 43.33
C2 EDO OB . 40.89 1.39 43.39
O2 EDO OB . 39.47 1.20 43.38
C1 EDO PB . 32.46 -3.67 28.63
O1 EDO PB . 32.42 -2.82 29.78
C2 EDO PB . 32.77 -2.84 27.39
O2 EDO PB . 34.17 -2.98 27.05
C1 EDO QB . 48.93 -4.07 22.18
O1 EDO QB . 50.21 -3.55 22.51
C2 EDO QB . 48.69 -5.42 22.83
O2 EDO QB . 49.40 -5.48 24.07
C1 EDO RB . 52.72 2.55 27.52
O1 EDO RB . 52.92 3.66 26.66
C2 EDO RB . 52.50 1.28 26.71
O2 EDO RB . 52.07 0.24 27.58
C1 EDO SB . 18.93 -11.23 14.65
O1 EDO SB . 17.90 -10.99 15.61
C2 EDO SB . 20.08 -11.89 15.39
O2 EDO SB . 19.76 -13.14 15.98
C1 EDO TB . 17.72 -9.91 18.53
O1 EDO TB . 18.06 -11.23 18.15
C2 EDO TB . 16.26 -9.71 18.16
O2 EDO TB . 15.46 -9.99 19.30
C1 EDO UB . 15.08 -12.63 22.03
O1 EDO UB . 14.79 -12.00 20.78
C2 EDO UB . 14.13 -12.03 23.05
O2 EDO UB . 12.78 -12.25 22.59
N1 GSH VB . 30.38 3.32 33.40
CA1 GSH VB . 31.66 2.62 33.65
C1 GSH VB . 32.27 2.24 32.32
O11 GSH VB . 31.62 1.38 31.69
O12 GSH VB . 33.34 2.67 31.80
CB1 GSH VB . 32.52 3.40 34.64
CG1 GSH VB . 34.00 3.05 34.67
CD1 GSH VB . 34.46 2.72 36.07
OE1 GSH VB . 33.53 2.42 37.09
N2 GSH VB . 35.78 2.73 36.24
CA2 GSH VB . 36.44 2.24 37.44
C2 GSH VB . 37.27 3.35 38.02
O2 GSH VB . 37.80 4.33 37.16
CB2 GSH VB . 37.38 1.11 37.06
SG2 GSH VB . 36.57 -0.48 36.75
N3 GSH VB . 37.47 3.36 39.34
CA3 GSH VB . 38.47 4.23 39.92
C3 GSH VB . 37.93 5.53 40.50
O31 GSH VB . 36.70 5.77 40.55
O32 GSH VB . 38.73 6.38 40.92
C1 EDO WB . -52.56 10.08 13.52
O1 EDO WB . -52.73 10.01 14.93
C2 EDO WB . -53.70 9.34 12.83
O2 EDO WB . -53.34 8.00 12.53
C1 EDO XB . -42.24 9.35 15.95
O1 EDO XB . -42.84 9.71 17.21
C2 EDO XB . -42.55 7.94 15.45
O2 EDO XB . -42.80 7.02 16.53
C1 EDO YB . -36.61 4.37 6.85
O1 EDO YB . -37.18 3.71 8.00
C2 EDO YB . -36.82 3.51 5.59
O2 EDO YB . -38.16 3.69 5.11
C1 EDO ZB . -37.31 6.60 9.82
O1 EDO ZB . -37.10 7.42 10.94
C2 EDO ZB . -38.38 7.30 9.00
O2 EDO ZB . -38.83 6.35 8.08
C1 EDO AC . -51.32 4.39 -2.54
O1 EDO AC . -52.34 4.62 -3.50
C2 EDO AC . -50.97 5.70 -1.84
O2 EDO AC . -52.18 6.37 -1.47
C1 EDO BC . -17.56 11.52 -2.57
O1 EDO BC . -16.94 10.23 -2.53
C2 EDO BC . -18.73 11.52 -3.55
O2 EDO BC . -19.91 11.05 -2.89
C1 EDO CC . -18.13 13.36 3.80
O1 EDO CC . -17.22 12.46 3.14
C2 EDO CC . -17.50 13.83 5.10
O2 EDO CC . -16.59 12.82 5.55
N1 GSH DC . -35.56 -2.18 12.25
CA1 GSH DC . -36.93 -1.64 12.19
C1 GSH DC . -37.27 -1.37 10.73
O11 GSH DC . -38.25 -1.82 10.09
O12 GSH DC . -36.51 -0.61 10.15
CB1 GSH DC . -37.91 -2.47 13.05
CG1 GSH DC . -39.40 -2.37 12.69
CD1 GSH DC . -40.22 -1.81 13.85
OE1 GSH DC . -39.64 -1.38 15.06
N2 GSH DC . -41.55 -1.76 13.63
CA2 GSH DC . -42.49 -1.26 14.62
C2 GSH DC . -43.46 -2.30 15.10
O2 GSH DC . -43.81 -3.36 14.27
CB2 GSH DC . -43.23 -0.12 13.96
SG2 GSH DC . -42.30 1.41 13.99
N3 GSH DC . -43.98 -2.18 16.34
CA3 GSH DC . -45.10 -2.99 16.80
C3 GSH DC . -44.70 -4.32 17.42
O31 GSH DC . -45.60 -5.12 17.82
O32 GSH DC . -43.50 -4.64 17.56
C1 EDO EC . -30.32 -26.23 -36.46
O1 EDO EC . -30.11 -25.17 -37.39
C2 EDO EC . -31.47 -27.15 -36.85
O2 EDO EC . -32.31 -26.50 -37.82
C1 EDO FC . -37.18 -16.58 -46.60
O1 EDO FC . -37.81 -16.00 -45.45
C2 EDO FC . -37.73 -17.95 -46.99
O2 EDO FC . -38.64 -18.49 -46.00
C1 EDO GC . -29.15 -15.98 -27.85
O1 EDO GC . -29.51 -15.33 -29.08
C2 EDO GC . -29.77 -15.27 -26.64
O2 EDO GC . -31.14 -15.70 -26.48
C1 EDO HC . -29.22 -18.64 -31.20
O1 EDO HC . -27.87 -18.61 -31.60
C2 EDO HC . -29.24 -18.91 -29.72
O2 EDO HC . -30.55 -18.58 -29.33
C1 EDO IC . -44.70 -21.15 -19.45
O1 EDO IC . -45.47 -20.32 -18.58
C2 EDO IC . -45.38 -21.34 -20.80
O2 EDO IC . -44.38 -21.57 -21.80
C1 EDO JC . -41.24 -21.63 -18.26
O1 EDO JC . -42.15 -21.29 -17.21
C2 EDO JC . -41.76 -22.87 -18.97
O2 EDO JC . -40.65 -23.75 -19.13
C1 EDO KC . -14.48 -19.84 -14.89
O1 EDO KC . -13.97 -18.66 -14.28
C2 EDO KC . -14.82 -19.48 -16.35
O2 EDO KC . -14.01 -20.08 -17.36
C1 EDO LC . -13.32 -16.53 -17.52
O1 EDO LC . -13.12 -17.79 -16.96
C2 EDO LC . -12.06 -15.75 -17.18
O2 EDO LC . -11.16 -15.85 -18.27
C1 EDO MC . -10.21 -18.16 -20.47
O1 EDO MC . -9.65 -17.57 -19.30
C2 EDO MC . -9.44 -17.66 -21.69
O2 EDO MC . -8.19 -17.13 -21.22
N1 GSH NC . -29.35 -9.20 -33.22
CA1 GSH NC . -30.42 -10.21 -33.35
C1 GSH NC . -30.93 -10.66 -31.97
O11 GSH NC . -32.09 -10.52 -31.49
O12 GSH NC . -30.08 -11.25 -31.29
CB1 GSH NC . -31.45 -9.80 -34.38
CG1 GSH NC . -32.69 -10.69 -34.38
CD1 GSH NC . -33.02 -11.25 -35.76
OE1 GSH NC . -32.05 -11.32 -36.78
N2 GSH NC . -34.27 -11.65 -35.92
CA2 GSH NC . -34.74 -12.45 -37.06
C2 GSH NC . -35.88 -11.73 -37.71
O2 GSH NC . -36.71 -10.94 -36.92
CB2 GSH NC . -35.29 -13.75 -36.52
SG2 GSH NC . -34.00 -14.93 -36.03
N3 GSH NC . -36.06 -11.84 -39.03
CA3 GSH NC . -37.31 -11.38 -39.59
C3 GSH NC . -37.22 -10.05 -40.31
O31 GSH NC . -38.23 -9.56 -40.85
O32 GSH NC . -36.14 -9.43 -40.38
#